data_2EGA
#
_entry.id   2EGA
#
_entity_poly.entity_id   1
_entity_poly.type   'polypeptide(L)'
_entity_poly.pdbx_seq_one_letter_code
;GSSGSSGLEQYVVVSNYKKQENSELSLQAGEVVDVIEKNESGWWFVSTSEEQGWVPATYLEAQNSGPSSG
;
_entity_poly.pdbx_strand_id   A
#
# COMPACT_ATOMS: atom_id res chain seq x y z
N GLY A 1 18.81 2.61 13.93
CA GLY A 1 17.87 3.23 13.01
C GLY A 1 17.56 4.66 13.37
N SER A 2 18.58 5.52 13.30
CA SER A 2 18.42 6.93 13.63
C SER A 2 18.51 7.80 12.38
N SER A 3 17.49 7.72 11.53
CA SER A 3 17.46 8.50 10.30
C SER A 3 16.23 9.38 10.24
N GLY A 4 15.08 8.82 10.60
CA GLY A 4 13.83 9.57 10.58
C GLY A 4 13.06 9.37 9.29
N SER A 5 12.12 8.43 9.32
CA SER A 5 11.30 8.14 8.14
C SER A 5 10.63 9.41 7.62
N SER A 6 10.44 9.48 6.31
CA SER A 6 9.81 10.63 5.68
C SER A 6 8.39 10.83 6.22
N GLY A 7 7.72 9.72 6.51
CA GLY A 7 6.35 9.80 7.02
C GLY A 7 5.33 9.40 5.98
N LEU A 8 5.05 8.10 5.88
CA LEU A 8 4.08 7.60 4.92
C LEU A 8 3.12 6.62 5.58
N GLU A 9 1.85 6.67 5.18
CA GLU A 9 0.83 5.79 5.73
C GLU A 9 1.06 4.36 5.28
N GLN A 10 1.46 3.50 6.22
CA GLN A 10 1.72 2.10 5.93
C GLN A 10 0.44 1.27 6.06
N TYR A 11 -0.05 0.76 4.93
CA TYR A 11 -1.26 -0.04 4.92
C TYR A 11 -0.93 -1.52 4.69
N VAL A 12 -1.73 -2.38 5.31
CA VAL A 12 -1.53 -3.83 5.18
C VAL A 12 -2.46 -4.41 4.13
N VAL A 13 -1.93 -5.30 3.30
CA VAL A 13 -2.72 -5.95 2.26
C VAL A 13 -3.69 -6.97 2.85
N VAL A 14 -4.82 -7.15 2.18
CA VAL A 14 -5.84 -8.08 2.64
C VAL A 14 -6.00 -9.24 1.65
N SER A 15 -5.69 -8.98 0.39
CA SER A 15 -5.80 -10.00 -0.64
C SER A 15 -4.61 -9.95 -1.60
N ASN A 16 -4.24 -11.10 -2.15
CA ASN A 16 -3.12 -11.19 -3.07
C ASN A 16 -3.50 -10.64 -4.44
N TYR A 17 -3.17 -9.37 -4.67
CA TYR A 17 -3.47 -8.72 -5.94
C TYR A 17 -2.67 -9.35 -7.08
N LYS A 18 -3.31 -9.49 -8.24
CA LYS A 18 -2.65 -10.07 -9.40
C LYS A 18 -2.26 -8.99 -10.40
N LYS A 19 -0.97 -8.76 -10.54
CA LYS A 19 -0.45 -7.76 -11.46
C LYS A 19 -0.83 -8.09 -12.89
N GLN A 20 -1.14 -7.07 -13.67
CA GLN A 20 -1.52 -7.26 -15.07
C GLN A 20 -0.56 -6.54 -16.00
N GLU A 21 -0.14 -5.34 -15.61
CA GLU A 21 0.78 -4.54 -16.41
C GLU A 21 2.08 -4.28 -15.65
N ASN A 22 2.99 -3.54 -16.27
CA ASN A 22 4.27 -3.22 -15.65
C ASN A 22 4.08 -2.31 -14.45
N SER A 23 3.11 -1.40 -14.55
CA SER A 23 2.82 -0.47 -13.48
C SER A 23 2.21 -1.18 -12.28
N GLU A 24 1.15 -1.95 -12.53
CA GLU A 24 0.48 -2.70 -11.47
C GLU A 24 1.47 -3.54 -10.69
N LEU A 25 1.12 -3.85 -9.44
CA LEU A 25 1.98 -4.66 -8.58
C LEU A 25 1.24 -5.91 -8.09
N SER A 26 2.01 -6.92 -7.71
CA SER A 26 1.44 -8.17 -7.23
C SER A 26 1.68 -8.34 -5.73
N LEU A 27 0.94 -7.56 -4.93
CA LEU A 27 1.07 -7.63 -3.48
C LEU A 27 0.55 -8.95 -2.93
N GLN A 28 1.08 -9.36 -1.79
CA GLN A 28 0.66 -10.61 -1.16
C GLN A 28 -0.15 -10.35 0.10
N ALA A 29 -1.10 -11.24 0.39
CA ALA A 29 -1.95 -11.10 1.56
C ALA A 29 -1.11 -10.99 2.83
N GLY A 30 -1.25 -9.87 3.52
CA GLY A 30 -0.51 -9.66 4.75
C GLY A 30 0.67 -8.72 4.56
N GLU A 31 1.17 -8.63 3.32
CA GLU A 31 2.30 -7.77 3.01
C GLU A 31 2.02 -6.33 3.42
N VAL A 32 3.08 -5.58 3.68
CA VAL A 32 2.95 -4.18 4.08
C VAL A 32 3.51 -3.25 3.02
N VAL A 33 2.76 -2.18 2.72
CA VAL A 33 3.18 -1.21 1.72
C VAL A 33 3.20 0.20 2.31
N ASP A 34 3.50 1.18 1.46
CA ASP A 34 3.56 2.57 1.88
C ASP A 34 2.75 3.46 0.93
N VAL A 35 1.61 3.95 1.41
CA VAL A 35 0.75 4.82 0.60
C VAL A 35 1.40 6.18 0.38
N ILE A 36 1.78 6.45 -0.87
CA ILE A 36 2.41 7.72 -1.22
C ILE A 36 1.37 8.77 -1.57
N GLU A 37 0.46 8.41 -2.47
CA GLU A 37 -0.60 9.33 -2.89
C GLU A 37 -1.95 8.62 -2.94
N LYS A 38 -2.99 9.37 -3.28
CA LYS A 38 -4.34 8.82 -3.37
C LYS A 38 -5.11 9.44 -4.52
N ASN A 39 -5.97 8.65 -5.15
CA ASN A 39 -6.78 9.13 -6.27
C ASN A 39 -8.25 9.16 -5.90
N GLU A 40 -8.94 10.24 -6.29
CA GLU A 40 -10.36 10.39 -6.00
C GLU A 40 -11.14 9.16 -6.47
N SER A 41 -10.71 8.59 -7.58
CA SER A 41 -11.38 7.40 -8.13
C SER A 41 -11.33 6.25 -7.16
N GLY A 42 -10.25 6.18 -6.37
CA GLY A 42 -10.10 5.11 -5.40
C GLY A 42 -8.76 4.44 -5.49
N TRP A 43 -8.10 4.56 -6.64
CA TRP A 43 -6.79 3.95 -6.85
C TRP A 43 -5.73 4.67 -6.03
N TRP A 44 -5.04 3.91 -5.18
CA TRP A 44 -3.99 4.47 -4.33
C TRP A 44 -2.61 4.09 -4.87
N PHE A 45 -1.65 4.99 -4.68
CA PHE A 45 -0.28 4.76 -5.14
C PHE A 45 0.61 4.29 -3.99
N VAL A 46 0.95 3.01 -4.00
CA VAL A 46 1.79 2.43 -2.96
C VAL A 46 3.20 2.14 -3.49
N SER A 47 4.14 1.91 -2.58
CA SER A 47 5.51 1.63 -2.95
C SER A 47 6.10 0.55 -2.05
N THR A 48 6.64 -0.49 -2.66
CA THR A 48 7.24 -1.60 -1.92
C THR A 48 8.76 -1.66 -2.14
N SER A 49 9.44 -2.39 -1.28
CA SER A 49 10.90 -2.52 -1.38
C SER A 49 11.29 -3.04 -2.76
N GLU A 50 10.43 -3.85 -3.35
CA GLU A 50 10.70 -4.42 -4.67
C GLU A 50 10.47 -3.38 -5.76
N GLU A 51 9.23 -2.93 -5.91
CA GLU A 51 8.90 -1.93 -6.91
C GLU A 51 7.70 -1.09 -6.47
N GLN A 52 7.33 -0.12 -7.29
CA GLN A 52 6.20 0.76 -6.98
C GLN A 52 5.13 0.66 -8.06
N GLY A 53 3.87 0.75 -7.63
CA GLY A 53 2.76 0.66 -8.57
C GLY A 53 1.47 1.21 -7.99
N TRP A 54 0.39 1.11 -8.76
CA TRP A 54 -0.91 1.59 -8.33
C TRP A 54 -1.86 0.44 -8.06
N VAL A 55 -2.51 0.46 -6.90
CA VAL A 55 -3.47 -0.58 -6.53
C VAL A 55 -4.71 0.01 -5.90
N PRO A 56 -5.82 -0.75 -5.97
CA PRO A 56 -7.11 -0.31 -5.41
C PRO A 56 -7.10 -0.30 -3.87
N ALA A 57 -7.76 0.68 -3.29
CA ALA A 57 -7.83 0.81 -1.84
C ALA A 57 -8.49 -0.41 -1.22
N THR A 58 -9.37 -1.06 -1.98
CA THR A 58 -10.07 -2.25 -1.50
C THR A 58 -9.08 -3.33 -1.06
N TYR A 59 -7.89 -3.30 -1.63
CA TYR A 59 -6.86 -4.28 -1.30
C TYR A 59 -5.90 -3.73 -0.24
N LEU A 60 -6.41 -2.82 0.58
CA LEU A 60 -5.61 -2.22 1.64
C LEU A 60 -6.43 -2.01 2.90
N GLU A 61 -5.80 -2.22 4.06
CA GLU A 61 -6.48 -2.05 5.33
C GLU A 61 -5.66 -1.16 6.27
N ALA A 62 -6.35 -0.31 7.02
CA ALA A 62 -5.70 0.60 7.96
C ALA A 62 -5.14 -0.17 9.15
N GLN A 63 -3.82 -0.36 9.16
CA GLN A 63 -3.17 -1.08 10.24
C GLN A 63 -3.51 -0.46 11.60
N ASN A 64 -3.30 0.86 11.71
CA ASN A 64 -3.58 1.56 12.96
C ASN A 64 -5.08 1.62 13.21
N SER A 65 -5.47 1.61 14.48
CA SER A 65 -6.87 1.66 14.86
C SER A 65 -7.34 3.10 15.05
N GLY A 66 -6.62 3.83 15.90
CA GLY A 66 -6.97 5.22 16.16
C GLY A 66 -6.18 5.82 17.30
N PRO A 67 -4.90 6.13 17.04
CA PRO A 67 -4.00 6.71 18.05
C PRO A 67 -4.38 8.14 18.40
N SER A 68 -3.82 8.65 19.50
CA SER A 68 -4.11 10.01 19.94
C SER A 68 -3.20 11.01 19.22
N SER A 69 -3.65 11.46 18.06
CA SER A 69 -2.87 12.41 17.26
C SER A 69 -2.78 13.76 17.98
N GLY A 70 -1.60 14.37 17.94
CA GLY A 70 -1.40 15.65 18.59
C GLY A 70 -1.00 15.51 20.04
N GLY A 1 23.06 9.30 2.62
CA GLY A 1 22.14 9.12 3.72
C GLY A 1 20.79 8.56 3.28
N SER A 2 19.79 9.43 3.17
CA SER A 2 18.46 9.01 2.77
C SER A 2 17.96 7.88 3.64
N SER A 3 18.35 7.88 4.91
CA SER A 3 17.94 6.85 5.85
C SER A 3 17.05 7.43 6.94
N GLY A 4 15.74 7.20 6.81
CA GLY A 4 14.80 7.71 7.79
C GLY A 4 13.36 7.37 7.45
N SER A 5 12.45 7.65 8.37
CA SER A 5 11.04 7.37 8.17
C SER A 5 10.32 8.59 7.58
N SER A 6 9.55 8.37 6.52
CA SER A 6 8.82 9.44 5.87
C SER A 6 7.41 9.56 6.43
N GLY A 7 6.80 10.73 6.27
CA GLY A 7 5.46 10.95 6.77
C GLY A 7 4.40 10.40 5.84
N LEU A 8 4.28 9.09 5.79
CA LEU A 8 3.30 8.43 4.93
C LEU A 8 2.50 7.40 5.70
N GLU A 9 1.34 7.03 5.17
CA GLU A 9 0.48 6.04 5.82
C GLU A 9 0.84 4.63 5.37
N GLN A 10 1.13 3.76 6.33
CA GLN A 10 1.49 2.38 6.03
C GLN A 10 0.27 1.47 6.11
N TYR A 11 -0.12 0.91 4.98
CA TYR A 11 -1.28 0.02 4.94
C TYR A 11 -0.84 -1.44 4.77
N VAL A 12 -1.76 -2.36 5.04
CA VAL A 12 -1.47 -3.78 4.93
C VAL A 12 -2.42 -4.45 3.94
N VAL A 13 -1.86 -5.33 3.11
CA VAL A 13 -2.65 -6.05 2.11
C VAL A 13 -3.66 -6.98 2.78
N VAL A 14 -4.82 -7.12 2.15
CA VAL A 14 -5.87 -7.97 2.68
C VAL A 14 -6.09 -9.19 1.79
N SER A 15 -5.79 -9.03 0.50
CA SER A 15 -5.96 -10.12 -0.46
C SER A 15 -4.85 -10.10 -1.50
N ASN A 16 -4.60 -11.25 -2.11
CA ASN A 16 -3.56 -11.36 -3.12
C ASN A 16 -3.98 -10.66 -4.41
N TYR A 17 -3.27 -9.59 -4.75
CA TYR A 17 -3.57 -8.83 -5.96
C TYR A 17 -2.75 -9.34 -7.14
N LYS A 18 -3.41 -9.47 -8.30
CA LYS A 18 -2.74 -9.94 -9.50
C LYS A 18 -2.50 -8.79 -10.47
N LYS A 19 -1.25 -8.31 -10.51
CA LYS A 19 -0.89 -7.21 -11.40
C LYS A 19 -1.30 -7.51 -12.83
N GLN A 20 -1.90 -6.52 -13.49
CA GLN A 20 -2.35 -6.68 -14.87
C GLN A 20 -1.47 -5.86 -15.83
N GLU A 21 -0.87 -4.79 -15.30
CA GLU A 21 -0.02 -3.93 -16.11
C GLU A 21 1.38 -3.84 -15.50
N ASN A 22 2.36 -3.52 -16.34
CA ASN A 22 3.74 -3.41 -15.89
C ASN A 22 3.85 -2.44 -14.71
N SER A 23 2.93 -1.48 -14.65
CA SER A 23 2.92 -0.49 -13.58
C SER A 23 2.39 -1.10 -12.28
N GLU A 24 1.28 -1.83 -12.40
CA GLU A 24 0.67 -2.46 -11.24
C GLU A 24 1.68 -3.32 -10.48
N LEU A 25 1.30 -3.77 -9.29
CA LEU A 25 2.18 -4.60 -8.47
C LEU A 25 1.47 -5.88 -8.04
N SER A 26 2.25 -6.89 -7.67
CA SER A 26 1.70 -8.17 -7.25
C SER A 26 1.89 -8.36 -5.74
N LEU A 27 1.22 -7.54 -4.96
CA LEU A 27 1.32 -7.62 -3.50
C LEU A 27 0.81 -8.96 -2.99
N GLN A 28 1.20 -9.31 -1.77
CA GLN A 28 0.78 -10.58 -1.17
C GLN A 28 0.02 -10.34 0.13
N ALA A 29 -0.83 -11.29 0.51
CA ALA A 29 -1.61 -11.18 1.73
C ALA A 29 -0.71 -11.06 2.95
N GLY A 30 -0.92 -10.00 3.73
CA GLY A 30 -0.12 -9.79 4.92
C GLY A 30 1.13 -8.97 4.63
N GLU A 31 1.12 -8.23 3.53
CA GLU A 31 2.26 -7.42 3.15
C GLU A 31 2.01 -5.95 3.49
N VAL A 32 3.05 -5.28 4.00
CA VAL A 32 2.95 -3.88 4.36
C VAL A 32 3.48 -2.97 3.25
N VAL A 33 2.71 -1.94 2.93
CA VAL A 33 3.11 -0.99 1.89
C VAL A 33 3.05 0.45 2.40
N ASP A 34 3.63 1.35 1.63
CA ASP A 34 3.64 2.76 2.00
C ASP A 34 2.84 3.60 0.99
N VAL A 35 1.65 4.01 1.39
CA VAL A 35 0.79 4.82 0.53
C VAL A 35 1.39 6.20 0.28
N ILE A 36 1.78 6.46 -0.96
CA ILE A 36 2.37 7.74 -1.33
C ILE A 36 1.30 8.73 -1.78
N GLU A 37 0.60 8.39 -2.85
CA GLU A 37 -0.46 9.24 -3.39
C GLU A 37 -1.79 8.50 -3.41
N LYS A 38 -2.88 9.26 -3.56
CA LYS A 38 -4.22 8.68 -3.60
C LYS A 38 -5.06 9.34 -4.69
N ASN A 39 -5.77 8.53 -5.46
CA ASN A 39 -6.61 9.03 -6.53
C ASN A 39 -8.08 9.00 -6.14
N GLU A 40 -8.81 10.05 -6.46
CA GLU A 40 -10.23 10.14 -6.13
C GLU A 40 -10.97 8.92 -6.65
N SER A 41 -10.59 8.44 -7.82
CA SER A 41 -11.23 7.28 -8.43
C SER A 41 -11.19 6.08 -7.47
N GLY A 42 -10.14 6.00 -6.68
CA GLY A 42 -9.99 4.91 -5.74
C GLY A 42 -8.64 4.23 -5.83
N TRP A 43 -7.98 4.39 -6.98
CA TRP A 43 -6.66 3.79 -7.19
C TRP A 43 -5.60 4.49 -6.36
N TRP A 44 -5.03 3.77 -5.40
CA TRP A 44 -4.00 4.34 -4.54
C TRP A 44 -2.61 3.97 -5.06
N PHE A 45 -1.65 4.87 -4.84
CA PHE A 45 -0.28 4.63 -5.29
C PHE A 45 0.62 4.26 -4.11
N VAL A 46 0.97 2.98 -4.02
CA VAL A 46 1.82 2.51 -2.94
C VAL A 46 3.24 2.25 -3.44
N SER A 47 4.12 1.86 -2.53
CA SER A 47 5.51 1.58 -2.86
C SER A 47 6.11 0.55 -1.91
N THR A 48 6.61 -0.55 -2.47
CA THR A 48 7.21 -1.61 -1.68
C THR A 48 8.72 -1.65 -1.87
N SER A 49 9.40 -2.44 -1.05
CA SER A 49 10.85 -2.57 -1.13
C SER A 49 11.28 -3.07 -2.51
N GLU A 50 10.42 -3.89 -3.12
CA GLU A 50 10.71 -4.43 -4.44
C GLU A 50 10.56 -3.36 -5.52
N GLU A 51 9.34 -2.90 -5.72
CA GLU A 51 9.07 -1.87 -6.72
C GLU A 51 7.86 -1.02 -6.32
N GLN A 52 7.44 -0.14 -7.22
CA GLN A 52 6.30 0.75 -6.96
C GLN A 52 5.23 0.56 -8.02
N GLY A 53 3.97 0.76 -7.62
CA GLY A 53 2.87 0.62 -8.55
C GLY A 53 1.56 1.11 -7.98
N TRP A 54 0.51 1.07 -8.79
CA TRP A 54 -0.81 1.53 -8.35
C TRP A 54 -1.73 0.34 -8.09
N VAL A 55 -2.54 0.44 -7.04
CA VAL A 55 -3.46 -0.62 -6.67
C VAL A 55 -4.71 -0.05 -6.01
N PRO A 56 -5.82 -0.82 -6.08
CA PRO A 56 -7.10 -0.41 -5.49
C PRO A 56 -7.06 -0.44 -3.96
N ALA A 57 -7.59 0.62 -3.35
CA ALA A 57 -7.61 0.73 -1.90
C ALA A 57 -8.33 -0.46 -1.28
N THR A 58 -9.21 -1.08 -2.06
CA THR A 58 -9.97 -2.24 -1.58
C THR A 58 -9.04 -3.33 -1.08
N TYR A 59 -7.82 -3.35 -1.61
CA TYR A 59 -6.83 -4.35 -1.21
C TYR A 59 -5.88 -3.80 -0.16
N LEU A 60 -6.38 -2.85 0.64
CA LEU A 60 -5.58 -2.24 1.69
C LEU A 60 -6.43 -1.90 2.90
N GLU A 61 -5.89 -2.17 4.09
CA GLU A 61 -6.60 -1.88 5.33
C GLU A 61 -5.74 -1.05 6.27
N ALA A 62 -6.35 0.02 6.81
CA ALA A 62 -5.63 0.90 7.72
C ALA A 62 -5.18 0.15 8.97
N GLN A 63 -3.89 -0.15 9.04
CA GLN A 63 -3.33 -0.86 10.17
C GLN A 63 -3.59 -0.12 11.47
N ASN A 64 -4.27 -0.78 12.42
CA ASN A 64 -4.58 -0.18 13.70
C ASN A 64 -3.31 0.27 14.42
N SER A 65 -3.20 1.56 14.67
CA SER A 65 -2.04 2.12 15.35
C SER A 65 -2.46 3.01 16.52
N GLY A 66 -1.81 2.83 17.66
CA GLY A 66 -2.12 3.61 18.84
C GLY A 66 -1.16 3.38 19.97
N PRO A 67 0.07 3.89 19.84
CA PRO A 67 1.11 3.75 20.85
C PRO A 67 0.81 4.55 22.11
N SER A 68 0.10 3.93 23.05
CA SER A 68 -0.26 4.60 24.29
C SER A 68 0.84 4.41 25.34
N SER A 69 1.23 5.51 25.97
CA SER A 69 2.27 5.47 26.99
C SER A 69 1.78 6.09 28.29
N GLY A 70 1.63 5.25 29.31
CA GLY A 70 1.16 5.73 30.60
C GLY A 70 1.55 4.80 31.74
N GLY A 1 19.65 12.77 3.49
CA GLY A 1 20.60 13.75 2.99
C GLY A 1 19.92 14.93 2.36
N SER A 2 19.58 14.81 1.08
CA SER A 2 18.92 15.90 0.35
C SER A 2 17.43 15.94 0.67
N SER A 3 16.78 14.78 0.60
CA SER A 3 15.35 14.69 0.89
C SER A 3 15.10 13.87 2.15
N GLY A 4 13.92 14.05 2.73
CA GLY A 4 13.57 13.32 3.94
C GLY A 4 12.36 13.90 4.64
N SER A 5 12.24 13.63 5.93
CA SER A 5 11.12 14.13 6.72
C SER A 5 9.79 13.78 6.05
N SER A 6 9.62 12.51 5.73
CA SER A 6 8.40 12.03 5.08
C SER A 6 7.37 11.60 6.11
N GLY A 7 6.10 11.72 5.76
CA GLY A 7 5.03 11.33 6.67
C GLY A 7 3.98 10.47 6.00
N LEU A 8 4.43 9.55 5.16
CA LEU A 8 3.51 8.65 4.45
C LEU A 8 2.92 7.61 5.39
N GLU A 9 1.74 7.11 5.05
CA GLU A 9 1.07 6.11 5.87
C GLU A 9 1.36 4.71 5.36
N GLN A 10 1.48 3.75 6.28
CA GLN A 10 1.76 2.37 5.92
C GLN A 10 0.50 1.51 6.01
N TYR A 11 0.09 0.96 4.87
CA TYR A 11 -1.11 0.11 4.83
C TYR A 11 -0.73 -1.34 4.59
N VAL A 12 -1.53 -2.25 5.16
CA VAL A 12 -1.28 -3.68 5.00
C VAL A 12 -2.30 -4.30 4.05
N VAL A 13 -1.80 -5.09 3.10
CA VAL A 13 -2.66 -5.76 2.13
C VAL A 13 -3.65 -6.69 2.81
N VAL A 14 -4.82 -6.85 2.20
CA VAL A 14 -5.86 -7.71 2.75
C VAL A 14 -6.16 -8.87 1.82
N SER A 15 -5.95 -8.66 0.53
CA SER A 15 -6.20 -9.68 -0.47
C SER A 15 -5.02 -9.81 -1.45
N ASN A 16 -4.81 -11.01 -1.97
CA ASN A 16 -3.72 -11.26 -2.90
C ASN A 16 -4.00 -10.61 -4.26
N TYR A 17 -3.03 -9.85 -4.76
CA TYR A 17 -3.17 -9.17 -6.03
C TYR A 17 -2.25 -9.78 -7.07
N LYS A 18 -2.69 -9.78 -8.32
CA LYS A 18 -1.90 -10.33 -9.43
C LYS A 18 -1.57 -9.26 -10.45
N LYS A 19 -0.29 -9.11 -10.76
CA LYS A 19 0.16 -8.12 -11.73
C LYS A 19 -0.29 -8.50 -13.14
N GLN A 20 -0.79 -7.51 -13.89
CA GLN A 20 -1.25 -7.73 -15.25
C GLN A 20 -0.65 -6.71 -16.21
N GLU A 21 -0.60 -5.46 -15.77
CA GLU A 21 -0.05 -4.39 -16.58
C GLU A 21 1.26 -3.87 -16.00
N ASN A 22 2.03 -3.17 -16.81
CA ASN A 22 3.31 -2.61 -16.38
C ASN A 22 3.15 -1.78 -15.11
N SER A 23 2.01 -1.10 -15.00
CA SER A 23 1.73 -0.27 -13.83
C SER A 23 0.91 -1.04 -12.81
N GLU A 24 1.32 -2.27 -12.54
CA GLU A 24 0.62 -3.12 -11.57
C GLU A 24 1.60 -3.96 -10.76
N LEU A 25 1.32 -4.12 -9.48
CA LEU A 25 2.19 -4.90 -8.60
C LEU A 25 1.48 -6.17 -8.12
N SER A 26 2.27 -7.16 -7.72
CA SER A 26 1.71 -8.42 -7.25
C SER A 26 1.87 -8.55 -5.73
N LEU A 27 1.08 -7.77 -4.99
CA LEU A 27 1.14 -7.78 -3.53
C LEU A 27 0.69 -9.15 -2.99
N GLN A 28 0.83 -9.33 -1.68
CA GLN A 28 0.45 -10.58 -1.04
C GLN A 28 -0.31 -10.32 0.26
N ALA A 29 -1.30 -11.14 0.53
CA ALA A 29 -2.11 -11.00 1.74
C ALA A 29 -1.22 -10.96 2.98
N GLY A 30 -1.18 -9.79 3.62
CA GLY A 30 -0.36 -9.64 4.82
C GLY A 30 0.81 -8.71 4.60
N GLU A 31 1.20 -8.53 3.34
CA GLU A 31 2.32 -7.66 3.00
C GLU A 31 2.03 -6.21 3.38
N VAL A 32 3.08 -5.49 3.73
CA VAL A 32 2.95 -4.09 4.13
C VAL A 32 3.51 -3.16 3.07
N VAL A 33 2.79 -2.08 2.79
CA VAL A 33 3.22 -1.10 1.79
C VAL A 33 3.14 0.31 2.34
N ASP A 34 3.62 1.28 1.55
CA ASP A 34 3.60 2.68 1.95
C ASP A 34 2.84 3.52 0.94
N VAL A 35 1.69 4.04 1.34
CA VAL A 35 0.87 4.87 0.48
C VAL A 35 1.53 6.22 0.20
N ILE A 36 1.77 6.50 -1.07
CA ILE A 36 2.41 7.76 -1.46
C ILE A 36 1.37 8.77 -1.92
N GLU A 37 0.56 8.38 -2.91
CA GLU A 37 -0.47 9.24 -3.44
C GLU A 37 -1.83 8.55 -3.44
N LYS A 38 -2.89 9.33 -3.26
CA LYS A 38 -4.24 8.80 -3.23
C LYS A 38 -5.11 9.45 -4.30
N ASN A 39 -5.71 8.63 -5.16
CA ASN A 39 -6.56 9.12 -6.23
C ASN A 39 -8.04 9.11 -5.80
N GLU A 40 -8.72 10.21 -6.06
CA GLU A 40 -10.13 10.33 -5.70
C GLU A 40 -10.94 9.17 -6.27
N SER A 41 -10.49 8.65 -7.41
CA SER A 41 -11.17 7.54 -8.06
C SER A 41 -11.17 6.30 -7.17
N GLY A 42 -10.11 6.15 -6.38
CA GLY A 42 -10.01 5.01 -5.48
C GLY A 42 -8.67 4.31 -5.60
N TRP A 43 -7.99 4.51 -6.73
CA TRP A 43 -6.69 3.89 -6.95
C TRP A 43 -5.61 4.57 -6.13
N TRP A 44 -4.95 3.80 -5.28
CA TRP A 44 -3.88 4.34 -4.44
C TRP A 44 -2.51 3.93 -4.96
N PHE A 45 -1.52 4.80 -4.78
CA PHE A 45 -0.17 4.53 -5.24
C PHE A 45 0.74 4.18 -4.06
N VAL A 46 0.91 2.88 -3.82
CA VAL A 46 1.76 2.41 -2.73
C VAL A 46 3.16 2.08 -3.23
N SER A 47 4.11 2.06 -2.31
CA SER A 47 5.50 1.75 -2.66
C SER A 47 6.06 0.64 -1.75
N THR A 48 6.61 -0.40 -2.37
CA THR A 48 7.17 -1.52 -1.62
C THR A 48 8.69 -1.56 -1.76
N SER A 49 9.34 -2.31 -0.87
CA SER A 49 10.79 -2.43 -0.90
C SER A 49 11.28 -2.86 -2.28
N GLU A 50 10.44 -3.60 -3.00
CA GLU A 50 10.79 -4.07 -4.33
C GLU A 50 10.56 -2.97 -5.37
N GLU A 51 9.30 -2.64 -5.60
CA GLU A 51 8.95 -1.61 -6.58
C GLU A 51 7.65 -0.90 -6.18
N GLN A 52 7.24 0.06 -6.99
CA GLN A 52 6.01 0.81 -6.73
C GLN A 52 4.99 0.58 -7.83
N GLY A 53 3.71 0.67 -7.46
CA GLY A 53 2.65 0.47 -8.43
C GLY A 53 1.32 1.03 -7.96
N TRP A 54 0.36 1.09 -8.87
CA TRP A 54 -0.97 1.63 -8.55
C TRP A 54 -1.95 0.50 -8.29
N VAL A 55 -2.43 0.40 -7.05
CA VAL A 55 -3.39 -0.63 -6.68
C VAL A 55 -4.64 -0.03 -6.05
N PRO A 56 -5.76 -0.76 -6.12
CA PRO A 56 -7.03 -0.32 -5.56
C PRO A 56 -7.03 -0.29 -4.03
N ALA A 57 -7.54 0.78 -3.46
CA ALA A 57 -7.60 0.93 -2.01
C ALA A 57 -8.33 -0.25 -1.37
N THR A 58 -9.22 -0.87 -2.13
CA THR A 58 -9.99 -2.01 -1.64
C THR A 58 -9.07 -3.12 -1.14
N TYR A 59 -7.85 -3.16 -1.68
CA TYR A 59 -6.89 -4.17 -1.28
C TYR A 59 -5.94 -3.64 -0.22
N LEU A 60 -6.44 -2.71 0.59
CA LEU A 60 -5.64 -2.11 1.66
C LEU A 60 -6.49 -1.85 2.90
N GLU A 61 -5.84 -1.80 4.05
CA GLU A 61 -6.54 -1.56 5.32
C GLU A 61 -5.64 -0.85 6.31
N ALA A 62 -6.08 0.31 6.78
CA ALA A 62 -5.31 1.08 7.75
C ALA A 62 -4.95 0.26 8.97
N GLN A 63 -3.68 -0.09 9.10
CA GLN A 63 -3.21 -0.89 10.22
C GLN A 63 -3.66 -0.27 11.56
N ASN A 64 -4.53 -0.98 12.26
CA ASN A 64 -5.04 -0.50 13.54
C ASN A 64 -3.95 -0.59 14.62
N SER A 65 -4.05 0.29 15.61
CA SER A 65 -3.08 0.32 16.70
C SER A 65 -1.66 0.49 16.15
N GLY A 66 -1.52 1.35 15.16
CA GLY A 66 -0.21 1.58 14.57
C GLY A 66 -0.23 2.69 13.52
N PRO A 67 -0.46 3.94 13.99
CA PRO A 67 -0.50 5.10 13.12
C PRO A 67 0.86 5.46 12.53
N SER A 68 0.90 6.51 11.72
CA SER A 68 2.14 6.95 11.10
C SER A 68 2.55 8.33 11.60
N SER A 69 3.86 8.57 11.64
CA SER A 69 4.38 9.86 12.10
C SER A 69 4.98 10.64 10.95
N GLY A 70 5.11 11.96 11.14
CA GLY A 70 5.68 12.80 10.11
C GLY A 70 5.51 14.27 10.40
N GLY A 1 24.19 8.63 5.35
CA GLY A 1 23.94 9.97 4.87
C GLY A 1 22.47 10.27 4.70
N SER A 2 21.90 11.00 5.64
CA SER A 2 20.48 11.35 5.58
C SER A 2 20.26 12.81 5.97
N SER A 3 19.69 13.58 5.06
CA SER A 3 19.43 15.00 5.30
C SER A 3 17.96 15.33 5.03
N GLY A 4 17.09 14.87 5.92
CA GLY A 4 15.67 15.13 5.78
C GLY A 4 14.81 14.10 6.48
N SER A 5 13.60 13.91 5.99
CA SER A 5 12.68 12.95 6.58
C SER A 5 11.43 12.78 5.71
N SER A 6 10.87 11.57 5.72
CA SER A 6 9.69 11.28 4.92
C SER A 6 8.71 10.42 5.71
N GLY A 7 7.53 10.96 5.98
CA GLY A 7 6.53 10.23 6.74
C GLY A 7 5.35 9.81 5.87
N LEU A 8 5.09 8.51 5.82
CA LEU A 8 3.99 7.98 5.02
C LEU A 8 3.23 6.91 5.79
N GLU A 9 1.95 6.73 5.45
CA GLU A 9 1.12 5.74 6.11
C GLU A 9 1.35 4.35 5.51
N GLN A 10 1.46 3.35 6.38
CA GLN A 10 1.68 1.98 5.94
C GLN A 10 0.40 1.16 6.06
N TYR A 11 -0.06 0.61 4.94
CA TYR A 11 -1.26 -0.19 4.91
C TYR A 11 -0.94 -1.67 4.67
N VAL A 12 -1.66 -2.55 5.35
CA VAL A 12 -1.45 -3.98 5.21
C VAL A 12 -2.39 -4.57 4.17
N VAL A 13 -1.84 -5.44 3.32
CA VAL A 13 -2.63 -6.08 2.27
C VAL A 13 -3.62 -7.09 2.86
N VAL A 14 -4.76 -7.24 2.20
CA VAL A 14 -5.78 -8.17 2.65
C VAL A 14 -6.00 -9.30 1.65
N SER A 15 -5.68 -9.02 0.39
CA SER A 15 -5.84 -10.01 -0.66
C SER A 15 -4.67 -9.95 -1.64
N ASN A 16 -4.38 -11.08 -2.29
CA ASN A 16 -3.29 -11.15 -3.26
C ASN A 16 -3.65 -10.39 -4.54
N TYR A 17 -2.68 -9.66 -5.08
CA TYR A 17 -2.88 -8.90 -6.29
C TYR A 17 -1.99 -9.40 -7.42
N LYS A 18 -2.45 -9.20 -8.66
CA LYS A 18 -1.70 -9.65 -9.82
C LYS A 18 -1.73 -8.58 -10.92
N LYS A 19 -0.57 -7.99 -11.19
CA LYS A 19 -0.47 -6.96 -12.22
C LYS A 19 -0.91 -7.50 -13.58
N GLN A 20 -1.49 -6.63 -14.40
CA GLN A 20 -1.97 -7.02 -15.72
C GLN A 20 -1.32 -6.17 -16.80
N GLU A 21 -1.20 -4.87 -16.53
CA GLU A 21 -0.61 -3.94 -17.49
C GLU A 21 0.87 -3.71 -17.16
N ASN A 22 1.49 -4.68 -16.51
CA ASN A 22 2.90 -4.58 -16.15
C ASN A 22 3.17 -3.29 -15.38
N SER A 23 2.16 -2.82 -14.64
CA SER A 23 2.29 -1.60 -13.87
C SER A 23 1.95 -1.85 -12.41
N GLU A 24 0.75 -2.36 -12.16
CA GLU A 24 0.29 -2.65 -10.80
C GLU A 24 1.32 -3.50 -10.06
N LEU A 25 1.18 -3.56 -8.74
CA LEU A 25 2.09 -4.33 -7.90
C LEU A 25 1.45 -5.64 -7.47
N SER A 26 2.12 -6.75 -7.79
CA SER A 26 1.63 -8.07 -7.44
C SER A 26 1.84 -8.35 -5.96
N LEU A 27 1.05 -7.69 -5.11
CA LEU A 27 1.16 -7.87 -3.67
C LEU A 27 0.65 -9.25 -3.25
N GLN A 28 0.66 -9.51 -1.94
CA GLN A 28 0.21 -10.78 -1.42
C GLN A 28 -0.40 -10.61 -0.03
N ALA A 29 -1.40 -11.43 0.27
CA ALA A 29 -2.08 -11.37 1.56
C ALA A 29 -1.07 -11.45 2.71
N GLY A 30 -1.00 -10.38 3.50
CA GLY A 30 -0.07 -10.35 4.62
C GLY A 30 1.07 -9.37 4.40
N GLU A 31 1.29 -9.00 3.14
CA GLU A 31 2.36 -8.06 2.80
C GLU A 31 2.02 -6.66 3.28
N VAL A 32 3.03 -5.80 3.36
CA VAL A 32 2.84 -4.42 3.81
C VAL A 32 3.35 -3.43 2.76
N VAL A 33 2.66 -2.30 2.64
CA VAL A 33 3.05 -1.27 1.69
C VAL A 33 2.97 0.12 2.31
N ASP A 34 3.51 1.11 1.61
CA ASP A 34 3.50 2.49 2.08
C ASP A 34 2.76 3.40 1.11
N VAL A 35 1.60 3.89 1.54
CA VAL A 35 0.79 4.77 0.70
C VAL A 35 1.46 6.12 0.53
N ILE A 36 1.69 6.51 -0.72
CA ILE A 36 2.33 7.79 -1.03
C ILE A 36 1.30 8.82 -1.48
N GLU A 37 0.45 8.44 -2.42
CA GLU A 37 -0.58 9.33 -2.94
C GLU A 37 -1.94 8.65 -2.91
N LYS A 38 -2.99 9.43 -3.20
CA LYS A 38 -4.35 8.91 -3.22
C LYS A 38 -5.18 9.58 -4.31
N ASN A 39 -5.77 8.77 -5.18
CA ASN A 39 -6.59 9.30 -6.26
C ASN A 39 -8.07 9.10 -5.97
N GLU A 40 -8.87 10.12 -6.28
CA GLU A 40 -10.31 10.05 -6.05
C GLU A 40 -10.93 8.86 -6.77
N SER A 41 -10.30 8.46 -7.87
CA SER A 41 -10.79 7.34 -8.67
C SER A 41 -10.89 6.08 -7.82
N GLY A 42 -9.96 5.93 -6.89
CA GLY A 42 -9.97 4.76 -6.01
C GLY A 42 -8.62 4.07 -5.96
N TRP A 43 -7.79 4.32 -6.97
CA TRP A 43 -6.46 3.71 -7.03
C TRP A 43 -5.47 4.48 -6.18
N TRP A 44 -4.76 3.77 -5.32
CA TRP A 44 -3.77 4.40 -4.44
C TRP A 44 -2.36 4.09 -4.90
N PHE A 45 -1.45 5.02 -4.70
CA PHE A 45 -0.06 4.85 -5.08
C PHE A 45 0.79 4.41 -3.91
N VAL A 46 0.98 3.10 -3.76
CA VAL A 46 1.77 2.55 -2.66
C VAL A 46 3.19 2.25 -3.12
N SER A 47 4.11 2.21 -2.17
CA SER A 47 5.52 1.93 -2.48
C SER A 47 6.09 0.92 -1.48
N THR A 48 6.66 -0.16 -2.01
CA THR A 48 7.25 -1.20 -1.17
C THR A 48 8.76 -1.27 -1.36
N SER A 49 9.43 -2.01 -0.49
CA SER A 49 10.87 -2.15 -0.56
C SER A 49 11.30 -2.72 -1.91
N GLU A 50 10.40 -3.47 -2.54
CA GLU A 50 10.68 -4.07 -3.84
C GLU A 50 10.48 -3.06 -4.96
N GLU A 51 9.24 -2.64 -5.16
CA GLU A 51 8.92 -1.67 -6.21
C GLU A 51 7.72 -0.81 -5.81
N GLN A 52 7.27 0.03 -6.72
CA GLN A 52 6.14 0.91 -6.47
C GLN A 52 5.14 0.86 -7.61
N GLY A 53 3.85 0.88 -7.29
CA GLY A 53 2.82 0.83 -8.30
C GLY A 53 1.49 1.35 -7.79
N TRP A 54 0.41 1.02 -8.52
CA TRP A 54 -0.92 1.46 -8.14
C TRP A 54 -1.82 0.26 -7.85
N VAL A 55 -2.68 0.39 -6.84
CA VAL A 55 -3.59 -0.68 -6.47
C VAL A 55 -4.85 -0.12 -5.81
N PRO A 56 -5.94 -0.91 -5.88
CA PRO A 56 -7.23 -0.51 -5.30
C PRO A 56 -7.20 -0.50 -3.77
N ALA A 57 -7.72 0.57 -3.18
CA ALA A 57 -7.74 0.70 -1.73
C ALA A 57 -8.43 -0.50 -1.09
N THR A 58 -9.34 -1.13 -1.83
CA THR A 58 -10.06 -2.29 -1.33
C THR A 58 -9.10 -3.39 -0.89
N TYR A 59 -7.90 -3.38 -1.46
CA TYR A 59 -6.89 -4.38 -1.13
C TYR A 59 -5.92 -3.83 -0.08
N LEU A 60 -6.38 -2.89 0.72
CA LEU A 60 -5.56 -2.29 1.76
C LEU A 60 -6.36 -2.06 3.03
N GLU A 61 -5.70 -2.26 4.18
CA GLU A 61 -6.37 -2.07 5.47
C GLU A 61 -5.57 -1.11 6.36
N ALA A 62 -6.13 0.07 6.59
CA ALA A 62 -5.48 1.07 7.42
C ALA A 62 -5.06 0.49 8.76
N GLN A 63 -3.77 0.25 8.93
CA GLN A 63 -3.25 -0.30 10.17
C GLN A 63 -3.72 0.50 11.37
N ASN A 64 -3.16 1.70 11.52
CA ASN A 64 -3.53 2.57 12.63
C ASN A 64 -3.29 1.88 13.97
N SER A 65 -2.17 1.18 14.08
CA SER A 65 -1.83 0.46 15.31
C SER A 65 -1.58 1.45 16.45
N GLY A 66 -2.47 1.42 17.44
CA GLY A 66 -2.33 2.31 18.59
C GLY A 66 -3.67 2.68 19.19
N PRO A 67 -4.33 1.71 19.84
CA PRO A 67 -5.63 1.93 20.47
C PRO A 67 -5.54 2.82 21.70
N SER A 68 -4.43 2.71 22.43
CA SER A 68 -4.22 3.51 23.63
C SER A 68 -2.79 4.03 23.69
N SER A 69 -2.64 5.32 23.98
CA SER A 69 -1.33 5.95 24.05
C SER A 69 -0.72 5.73 25.44
N GLY A 70 0.55 5.33 25.46
CA GLY A 70 1.23 5.10 26.72
C GLY A 70 2.00 3.80 26.73
N GLY A 1 17.84 -1.28 4.18
CA GLY A 1 17.71 -2.32 5.18
C GLY A 1 17.32 -1.77 6.54
N SER A 2 16.16 -1.14 6.61
CA SER A 2 15.67 -0.57 7.85
C SER A 2 16.65 0.49 8.38
N SER A 3 17.07 1.39 7.51
CA SER A 3 18.01 2.44 7.88
C SER A 3 17.34 3.81 7.80
N GLY A 4 16.43 3.96 6.84
CA GLY A 4 15.74 5.23 6.68
C GLY A 4 14.23 5.05 6.60
N SER A 5 13.51 6.17 6.59
CA SER A 5 12.05 6.14 6.52
C SER A 5 11.49 7.55 6.38
N SER A 6 10.38 7.66 5.66
CA SER A 6 9.73 8.95 5.43
C SER A 6 8.39 9.02 6.16
N GLY A 7 7.73 10.17 6.05
CA GLY A 7 6.44 10.35 6.70
C GLY A 7 5.29 9.85 5.84
N LEU A 8 5.23 8.55 5.64
CA LEU A 8 4.17 7.95 4.82
C LEU A 8 3.34 6.97 5.65
N GLU A 9 2.08 6.79 5.25
CA GLU A 9 1.18 5.88 5.96
C GLU A 9 1.35 4.45 5.45
N GLN A 10 1.88 3.58 6.31
CA GLN A 10 2.08 2.18 5.94
C GLN A 10 0.79 1.39 6.06
N TYR A 11 0.32 0.87 4.93
CA TYR A 11 -0.91 0.09 4.92
C TYR A 11 -0.62 -1.39 4.67
N VAL A 12 -1.45 -2.25 5.25
CA VAL A 12 -1.29 -3.69 5.09
C VAL A 12 -2.26 -4.25 4.06
N VAL A 13 -1.77 -5.18 3.24
CA VAL A 13 -2.61 -5.79 2.21
C VAL A 13 -3.63 -6.74 2.82
N VAL A 14 -4.79 -6.85 2.19
CA VAL A 14 -5.85 -7.73 2.68
C VAL A 14 -6.08 -8.89 1.72
N SER A 15 -5.74 -8.68 0.45
CA SER A 15 -5.92 -9.71 -0.57
C SER A 15 -4.76 -9.70 -1.57
N ASN A 16 -4.42 -10.87 -2.08
CA ASN A 16 -3.32 -10.99 -3.04
C ASN A 16 -3.71 -10.34 -4.38
N TYR A 17 -2.88 -9.41 -4.82
CA TYR A 17 -3.13 -8.72 -6.09
C TYR A 17 -2.35 -9.37 -7.23
N LYS A 18 -2.83 -9.17 -8.46
CA LYS A 18 -2.18 -9.73 -9.64
C LYS A 18 -1.77 -8.63 -10.61
N LYS A 19 -0.58 -8.78 -11.20
CA LYS A 19 -0.08 -7.80 -12.15
C LYS A 19 -0.37 -8.23 -13.58
N GLN A 20 -0.88 -7.30 -14.38
CA GLN A 20 -1.21 -7.59 -15.77
C GLN A 20 -0.04 -7.25 -16.69
N GLU A 21 0.25 -5.96 -16.82
CA GLU A 21 1.34 -5.50 -17.67
C GLU A 21 2.25 -4.53 -16.92
N ASN A 22 1.72 -3.36 -16.59
CA ASN A 22 2.48 -2.35 -15.87
C ASN A 22 1.58 -1.57 -14.92
N SER A 23 2.19 -0.68 -14.12
CA SER A 23 1.44 0.12 -13.17
C SER A 23 0.62 -0.77 -12.22
N GLU A 24 1.14 -1.96 -11.96
CA GLU A 24 0.45 -2.90 -11.07
C GLU A 24 1.47 -3.73 -10.27
N LEU A 25 1.14 -3.97 -9.02
CA LEU A 25 2.02 -4.76 -8.14
C LEU A 25 1.30 -5.98 -7.60
N SER A 26 1.88 -7.16 -7.85
CA SER A 26 1.29 -8.41 -7.39
C SER A 26 1.54 -8.62 -5.90
N LEU A 27 0.92 -7.78 -5.07
CA LEU A 27 1.09 -7.87 -3.62
C LEU A 27 0.56 -9.20 -3.10
N GLN A 28 0.69 -9.41 -1.79
CA GLN A 28 0.23 -10.64 -1.16
C GLN A 28 -0.38 -10.36 0.20
N ALA A 29 -1.36 -11.18 0.58
CA ALA A 29 -2.03 -11.03 1.87
C ALA A 29 -1.02 -10.96 3.01
N GLY A 30 -1.16 -9.96 3.87
CA GLY A 30 -0.26 -9.80 4.99
C GLY A 30 0.90 -8.88 4.68
N GLU A 31 1.17 -8.69 3.40
CA GLU A 31 2.26 -7.82 2.96
C GLU A 31 2.03 -6.39 3.41
N VAL A 32 3.12 -5.62 3.56
CA VAL A 32 3.03 -4.24 3.99
C VAL A 32 3.52 -3.29 2.89
N VAL A 33 2.76 -2.24 2.64
CA VAL A 33 3.13 -1.25 1.62
C VAL A 33 3.07 0.16 2.18
N ASP A 34 3.57 1.12 1.40
CA ASP A 34 3.58 2.52 1.81
C ASP A 34 2.79 3.38 0.84
N VAL A 35 1.65 3.88 1.28
CA VAL A 35 0.80 4.72 0.45
C VAL A 35 1.43 6.09 0.24
N ILE A 36 1.71 6.43 -1.01
CA ILE A 36 2.31 7.71 -1.35
C ILE A 36 1.25 8.71 -1.81
N GLU A 37 0.52 8.35 -2.87
CA GLU A 37 -0.52 9.21 -3.41
C GLU A 37 -1.88 8.51 -3.36
N LYS A 38 -2.95 9.29 -3.50
CA LYS A 38 -4.29 8.76 -3.48
C LYS A 38 -5.16 9.42 -4.54
N ASN A 39 -5.82 8.60 -5.37
CA ASN A 39 -6.68 9.11 -6.42
C ASN A 39 -8.14 9.06 -6.00
N GLU A 40 -8.86 10.17 -6.21
CA GLU A 40 -10.27 10.24 -5.86
C GLU A 40 -11.04 9.08 -6.46
N SER A 41 -10.66 8.68 -7.66
CA SER A 41 -11.33 7.57 -8.35
C SER A 41 -11.36 6.33 -7.47
N GLY A 42 -10.36 6.19 -6.61
CA GLY A 42 -10.31 5.04 -5.72
C GLY A 42 -8.96 4.33 -5.78
N TRP A 43 -8.25 4.52 -6.88
CA TRP A 43 -6.94 3.89 -7.05
C TRP A 43 -5.87 4.60 -6.23
N TRP A 44 -5.16 3.85 -5.40
CA TRP A 44 -4.11 4.41 -4.57
C TRP A 44 -2.73 4.01 -5.07
N PHE A 45 -1.74 4.88 -4.85
CA PHE A 45 -0.38 4.62 -5.28
C PHE A 45 0.50 4.20 -4.10
N VAL A 46 0.84 2.92 -4.06
CA VAL A 46 1.68 2.39 -2.99
C VAL A 46 3.09 2.09 -3.47
N SER A 47 4.00 1.89 -2.54
CA SER A 47 5.40 1.60 -2.88
C SER A 47 6.02 0.64 -1.86
N THR A 48 6.46 -0.52 -2.34
CA THR A 48 7.08 -1.50 -1.47
C THR A 48 8.59 -1.50 -1.61
N SER A 49 9.28 -2.16 -0.68
CA SER A 49 10.73 -2.22 -0.70
C SER A 49 11.23 -2.84 -2.01
N GLU A 50 10.39 -3.68 -2.62
CA GLU A 50 10.75 -4.33 -3.87
C GLU A 50 10.57 -3.38 -5.05
N GLU A 51 9.34 -2.96 -5.26
CA GLU A 51 9.03 -2.04 -6.36
C GLU A 51 7.83 -1.16 -6.02
N GLN A 52 7.47 -0.27 -6.94
CA GLN A 52 6.34 0.63 -6.74
C GLN A 52 5.28 0.42 -7.82
N GLY A 53 4.02 0.63 -7.45
CA GLY A 53 2.93 0.46 -8.39
C GLY A 53 1.62 1.01 -7.87
N TRP A 54 0.61 1.01 -8.72
CA TRP A 54 -0.71 1.52 -8.34
C TRP A 54 -1.67 0.37 -8.07
N VAL A 55 -2.44 0.48 -6.99
CA VAL A 55 -3.40 -0.56 -6.61
C VAL A 55 -4.62 0.05 -5.94
N PRO A 56 -5.75 -0.67 -6.00
CA PRO A 56 -7.00 -0.22 -5.38
C PRO A 56 -6.95 -0.25 -3.86
N ALA A 57 -7.42 0.83 -3.23
CA ALA A 57 -7.42 0.92 -1.78
C ALA A 57 -8.18 -0.25 -1.15
N THR A 58 -9.11 -0.82 -1.92
CA THR A 58 -9.90 -1.95 -1.44
C THR A 58 -9.00 -3.09 -0.99
N TYR A 59 -7.80 -3.15 -1.54
CA TYR A 59 -6.84 -4.20 -1.20
C TYR A 59 -5.87 -3.72 -0.13
N LEU A 60 -6.31 -2.79 0.69
CA LEU A 60 -5.49 -2.24 1.76
C LEU A 60 -6.31 -1.98 3.03
N GLU A 61 -5.63 -1.92 4.16
CA GLU A 61 -6.31 -1.68 5.44
C GLU A 61 -5.42 -0.87 6.38
N ALA A 62 -5.94 0.26 6.84
CA ALA A 62 -5.19 1.13 7.75
C ALA A 62 -4.80 0.38 9.03
N GLN A 63 -3.51 0.10 9.18
CA GLN A 63 -3.01 -0.61 10.34
C GLN A 63 -3.48 0.06 11.62
N ASN A 64 -4.25 -0.68 12.42
CA ASN A 64 -4.77 -0.15 13.68
C ASN A 64 -3.85 -0.52 14.85
N SER A 65 -4.29 -0.22 16.06
CA SER A 65 -3.52 -0.53 17.25
C SER A 65 -4.31 -1.40 18.22
N GLY A 66 -5.51 -0.96 18.56
CA GLY A 66 -6.35 -1.71 19.47
C GLY A 66 -7.66 -1.02 19.76
N PRO A 67 -8.56 -1.00 18.77
CA PRO A 67 -9.87 -0.36 18.90
C PRO A 67 -10.79 -1.13 19.84
N SER A 68 -11.61 -0.39 20.59
CA SER A 68 -12.55 -1.00 21.53
C SER A 68 -13.69 -1.68 20.79
N SER A 69 -14.32 -2.64 21.46
CA SER A 69 -15.44 -3.38 20.87
C SER A 69 -16.72 -3.13 21.64
N GLY A 70 -17.48 -2.12 21.21
CA GLY A 70 -18.72 -1.80 21.88
C GLY A 70 -19.59 -0.85 21.06
N GLY A 1 12.33 15.98 17.02
CA GLY A 1 12.72 14.65 16.55
C GLY A 1 11.61 13.97 15.77
N SER A 2 11.18 14.60 14.69
CA SER A 2 10.12 14.05 13.85
C SER A 2 10.66 12.97 12.92
N SER A 3 10.48 11.71 13.31
CA SER A 3 10.96 10.59 12.52
C SER A 3 10.46 10.69 11.08
N GLY A 4 11.38 10.63 10.13
CA GLY A 4 11.03 10.72 8.73
C GLY A 4 10.89 12.16 8.26
N SER A 5 10.98 12.35 6.94
CA SER A 5 10.87 13.69 6.36
C SER A 5 9.49 13.91 5.77
N SER A 6 9.19 13.19 4.69
CA SER A 6 7.90 13.31 4.02
C SER A 6 6.78 12.81 4.92
N GLY A 7 6.89 11.56 5.37
CA GLY A 7 5.88 10.98 6.23
C GLY A 7 4.76 10.32 5.46
N LEU A 8 4.96 9.06 5.09
CA LEU A 8 3.95 8.32 4.34
C LEU A 8 3.24 7.30 5.23
N GLU A 9 2.01 6.96 4.86
CA GLU A 9 1.22 6.00 5.62
C GLU A 9 1.57 4.57 5.22
N GLN A 10 1.28 3.63 6.12
CA GLN A 10 1.57 2.22 5.86
C GLN A 10 0.30 1.38 5.97
N TYR A 11 -0.08 0.74 4.87
CA TYR A 11 -1.28 -0.09 4.85
C TYR A 11 -0.92 -1.55 4.65
N VAL A 12 -1.81 -2.44 5.08
CA VAL A 12 -1.59 -3.88 4.95
C VAL A 12 -2.56 -4.50 3.94
N VAL A 13 -2.07 -5.47 3.19
CA VAL A 13 -2.89 -6.15 2.19
C VAL A 13 -3.90 -7.08 2.85
N VAL A 14 -5.07 -7.19 2.23
CA VAL A 14 -6.12 -8.06 2.76
C VAL A 14 -6.32 -9.29 1.87
N SER A 15 -5.97 -9.16 0.60
CA SER A 15 -6.12 -10.25 -0.35
C SER A 15 -4.97 -10.25 -1.35
N ASN A 16 -4.56 -11.45 -1.77
CA ASN A 16 -3.47 -11.59 -2.73
C ASN A 16 -3.72 -10.74 -3.98
N TYR A 17 -2.66 -10.33 -4.64
CA TYR A 17 -2.76 -9.51 -5.85
C TYR A 17 -1.61 -9.81 -6.81
N LYS A 18 -1.93 -9.89 -8.09
CA LYS A 18 -0.94 -10.16 -9.12
C LYS A 18 -0.91 -9.05 -10.17
N LYS A 19 0.29 -8.58 -10.50
CA LYS A 19 0.45 -7.53 -11.48
C LYS A 19 -0.23 -7.90 -12.80
N GLN A 20 -1.12 -7.04 -13.27
CA GLN A 20 -1.83 -7.28 -14.52
C GLN A 20 -1.21 -6.50 -15.66
N GLU A 21 -1.16 -5.17 -15.51
CA GLU A 21 -0.59 -4.31 -16.54
C GLU A 21 -0.48 -2.87 -16.03
N ASN A 22 0.03 -1.98 -16.89
CA ASN A 22 0.18 -0.58 -16.52
C ASN A 22 1.09 -0.43 -15.31
N SER A 23 2.22 -1.14 -15.32
CA SER A 23 3.17 -1.08 -14.23
C SER A 23 2.48 -1.42 -12.90
N GLU A 24 1.84 -2.58 -12.86
CA GLU A 24 1.14 -3.03 -11.66
C GLU A 24 2.07 -3.85 -10.77
N LEU A 25 1.63 -4.10 -9.53
CA LEU A 25 2.42 -4.86 -8.58
C LEU A 25 1.72 -6.18 -8.23
N SER A 26 2.44 -7.05 -7.53
CA SER A 26 1.90 -8.34 -7.13
C SER A 26 1.93 -8.50 -5.61
N LEU A 27 1.29 -7.57 -4.91
CA LEU A 27 1.25 -7.62 -3.45
C LEU A 27 0.74 -8.97 -2.95
N GLN A 28 1.05 -9.28 -1.70
CA GLN A 28 0.62 -10.55 -1.11
C GLN A 28 -0.20 -10.30 0.16
N ALA A 29 -1.13 -11.21 0.44
CA ALA A 29 -1.98 -11.09 1.62
C ALA A 29 -1.13 -10.96 2.88
N GLY A 30 -1.26 -9.83 3.56
CA GLY A 30 -0.50 -9.60 4.78
C GLY A 30 0.68 -8.68 4.57
N GLU A 31 1.12 -8.56 3.32
CA GLU A 31 2.25 -7.71 2.99
C GLU A 31 1.97 -6.26 3.35
N VAL A 32 3.02 -5.53 3.72
CA VAL A 32 2.89 -4.13 4.10
C VAL A 32 3.47 -3.21 3.02
N VAL A 33 2.73 -2.15 2.69
CA VAL A 33 3.16 -1.20 1.68
C VAL A 33 3.17 0.22 2.23
N ASP A 34 3.59 1.17 1.40
CA ASP A 34 3.64 2.57 1.80
C ASP A 34 2.88 3.45 0.83
N VAL A 35 1.74 3.96 1.26
CA VAL A 35 0.91 4.83 0.43
C VAL A 35 1.58 6.17 0.19
N ILE A 36 1.91 6.45 -1.06
CA ILE A 36 2.55 7.70 -1.43
C ILE A 36 1.52 8.76 -1.80
N GLU A 37 0.66 8.43 -2.76
CA GLU A 37 -0.38 9.35 -3.20
C GLU A 37 -1.77 8.73 -3.05
N LYS A 38 -2.79 9.50 -3.40
CA LYS A 38 -4.17 9.03 -3.31
C LYS A 38 -5.04 9.68 -4.37
N ASN A 39 -5.65 8.87 -5.22
CA ASN A 39 -6.52 9.37 -6.28
C ASN A 39 -7.98 9.23 -5.89
N GLU A 40 -8.75 10.30 -6.10
CA GLU A 40 -10.17 10.30 -5.78
C GLU A 40 -10.88 9.13 -6.46
N SER A 41 -10.35 8.72 -7.61
CA SER A 41 -10.93 7.62 -8.37
C SER A 41 -11.02 6.35 -7.52
N GLY A 42 -10.02 6.15 -6.67
CA GLY A 42 -9.99 4.99 -5.81
C GLY A 42 -8.65 4.27 -5.86
N TRP A 43 -7.90 4.50 -6.91
CA TRP A 43 -6.59 3.87 -7.08
C TRP A 43 -5.53 4.57 -6.24
N TRP A 44 -4.84 3.80 -5.40
CA TRP A 44 -3.81 4.35 -4.54
C TRP A 44 -2.41 3.98 -5.06
N PHE A 45 -1.45 4.87 -4.84
CA PHE A 45 -0.08 4.64 -5.28
C PHE A 45 0.81 4.24 -4.11
N VAL A 46 0.98 2.94 -3.92
CA VAL A 46 1.81 2.42 -2.83
C VAL A 46 3.21 2.08 -3.33
N SER A 47 4.17 2.07 -2.41
CA SER A 47 5.56 1.76 -2.75
C SER A 47 6.14 0.76 -1.75
N THR A 48 6.66 -0.35 -2.27
CA THR A 48 7.25 -1.38 -1.43
C THR A 48 8.75 -1.49 -1.68
N SER A 49 9.45 -2.12 -0.74
CA SER A 49 10.90 -2.30 -0.86
C SER A 49 11.27 -2.96 -2.18
N GLU A 50 10.33 -3.74 -2.73
CA GLU A 50 10.57 -4.44 -3.99
C GLU A 50 10.33 -3.50 -5.17
N GLU A 51 9.09 -3.07 -5.34
CA GLU A 51 8.74 -2.18 -6.44
C GLU A 51 7.54 -1.31 -6.06
N GLN A 52 7.13 -0.43 -6.99
CA GLN A 52 6.00 0.45 -6.75
C GLN A 52 4.99 0.35 -7.90
N GLY A 53 3.70 0.45 -7.55
CA GLY A 53 2.66 0.36 -8.55
C GLY A 53 1.37 1.02 -8.11
N TRP A 54 0.34 0.90 -8.93
CA TRP A 54 -0.96 1.48 -8.61
C TRP A 54 -2.00 0.39 -8.35
N VAL A 55 -2.37 0.20 -7.08
CA VAL A 55 -3.35 -0.79 -6.72
C VAL A 55 -4.57 -0.16 -6.05
N PRO A 56 -5.71 -0.85 -6.11
CA PRO A 56 -6.97 -0.37 -5.52
C PRO A 56 -6.93 -0.38 -4.00
N ALA A 57 -7.39 0.71 -3.40
CA ALA A 57 -7.42 0.84 -1.95
C ALA A 57 -8.20 -0.32 -1.32
N THR A 58 -9.12 -0.89 -2.08
CA THR A 58 -9.93 -1.99 -1.59
C THR A 58 -9.07 -3.13 -1.07
N TYR A 59 -7.86 -3.24 -1.61
CA TYR A 59 -6.93 -4.28 -1.20
C TYR A 59 -5.95 -3.77 -0.14
N LEU A 60 -6.40 -2.79 0.64
CA LEU A 60 -5.59 -2.21 1.69
C LEU A 60 -6.40 -1.96 2.95
N GLU A 61 -5.79 -2.20 4.11
CA GLU A 61 -6.46 -2.00 5.39
C GLU A 61 -5.67 -1.04 6.27
N ALA A 62 -6.26 0.12 6.54
CA ALA A 62 -5.61 1.13 7.37
C ALA A 62 -5.14 0.52 8.69
N GLN A 63 -3.84 0.31 8.82
CA GLN A 63 -3.26 -0.26 10.03
C GLN A 63 -3.73 0.52 11.26
N ASN A 64 -4.27 -0.20 12.24
CA ASN A 64 -4.75 0.42 13.47
C ASN A 64 -4.77 -0.59 14.61
N SER A 65 -4.60 -0.10 15.83
CA SER A 65 -4.60 -0.96 17.01
C SER A 65 -5.97 -1.57 17.24
N GLY A 66 -6.06 -2.89 17.08
CA GLY A 66 -7.33 -3.57 17.28
C GLY A 66 -7.38 -4.90 16.56
N PRO A 67 -6.56 -5.87 17.02
CA PRO A 67 -6.49 -7.21 16.43
C PRO A 67 -7.76 -8.02 16.70
N SER A 68 -8.11 -8.88 15.76
CA SER A 68 -9.30 -9.72 15.90
C SER A 68 -9.40 -10.70 14.73
N SER A 69 -10.36 -11.62 14.83
CA SER A 69 -10.56 -12.63 13.80
C SER A 69 -11.93 -12.47 13.15
N GLY A 70 -12.23 -13.32 12.17
CA GLY A 70 -13.49 -13.26 11.48
C GLY A 70 -13.38 -12.64 10.10
N GLY A 1 22.35 -0.06 3.46
CA GLY A 1 21.57 0.83 2.62
C GLY A 1 20.27 1.27 3.28
N SER A 2 20.39 1.91 4.44
CA SER A 2 19.22 2.37 5.18
C SER A 2 18.66 3.65 4.55
N SER A 3 17.49 3.54 3.93
CA SER A 3 16.84 4.68 3.30
C SER A 3 16.64 5.81 4.30
N GLY A 4 15.67 5.65 5.18
CA GLY A 4 15.39 6.66 6.19
C GLY A 4 13.94 6.65 6.62
N SER A 5 13.60 7.55 7.55
CA SER A 5 12.23 7.64 8.06
C SER A 5 11.45 8.73 7.33
N SER A 6 10.47 8.30 6.53
CA SER A 6 9.65 9.23 5.77
C SER A 6 8.22 9.26 6.31
N GLY A 7 7.51 10.35 6.01
CA GLY A 7 6.14 10.47 6.47
C GLY A 7 5.14 9.81 5.54
N LEU A 8 4.85 8.54 5.80
CA LEU A 8 3.90 7.80 4.98
C LEU A 8 3.12 6.79 5.82
N GLU A 9 1.89 6.52 5.42
CA GLU A 9 1.04 5.57 6.14
C GLU A 9 1.24 4.15 5.61
N GLN A 10 1.60 3.24 6.51
CA GLN A 10 1.83 1.85 6.13
C GLN A 10 0.53 1.05 6.20
N TYR A 11 0.09 0.56 5.05
CA TYR A 11 -1.14 -0.23 4.98
C TYR A 11 -0.84 -1.71 4.78
N VAL A 12 -1.67 -2.57 5.35
CA VAL A 12 -1.49 -4.01 5.22
C VAL A 12 -2.40 -4.59 4.15
N VAL A 13 -1.88 -5.54 3.38
CA VAL A 13 -2.64 -6.17 2.32
C VAL A 13 -3.71 -7.10 2.88
N VAL A 14 -4.84 -7.19 2.19
CA VAL A 14 -5.94 -8.04 2.62
C VAL A 14 -6.13 -9.21 1.67
N SER A 15 -5.74 -9.01 0.41
CA SER A 15 -5.88 -10.06 -0.60
C SER A 15 -4.68 -10.06 -1.54
N ASN A 16 -4.34 -11.24 -2.06
CA ASN A 16 -3.21 -11.37 -2.98
C ASN A 16 -3.54 -10.75 -4.34
N TYR A 17 -2.86 -9.66 -4.65
CA TYR A 17 -3.07 -8.97 -5.93
C TYR A 17 -2.16 -9.53 -7.02
N LYS A 18 -2.67 -9.55 -8.25
CA LYS A 18 -1.91 -10.07 -9.38
C LYS A 18 -1.94 -9.08 -10.54
N LYS A 19 -0.76 -8.64 -10.97
CA LYS A 19 -0.65 -7.70 -12.07
C LYS A 19 -1.12 -8.34 -13.38
N GLN A 20 -1.54 -7.50 -14.32
CA GLN A 20 -2.02 -7.98 -15.61
C GLN A 20 -1.23 -7.36 -16.75
N GLU A 21 -1.46 -6.07 -17.00
CA GLU A 21 -0.77 -5.36 -18.07
C GLU A 21 -0.18 -4.05 -17.55
N ASN A 22 -1.05 -3.09 -17.26
CA ASN A 22 -0.62 -1.79 -16.75
C ASN A 22 0.29 -1.95 -15.55
N SER A 23 0.99 -0.88 -15.19
CA SER A 23 1.91 -0.90 -14.06
C SER A 23 1.17 -1.24 -12.77
N GLU A 24 1.35 -2.46 -12.30
CA GLU A 24 0.69 -2.92 -11.08
C GLU A 24 1.62 -3.82 -10.27
N LEU A 25 1.52 -3.73 -8.94
CA LEU A 25 2.35 -4.53 -8.05
C LEU A 25 1.58 -5.75 -7.55
N SER A 26 2.06 -6.94 -7.92
CA SER A 26 1.42 -8.17 -7.50
C SER A 26 1.68 -8.46 -6.02
N LEU A 27 0.97 -7.77 -5.15
CA LEU A 27 1.12 -7.94 -3.72
C LEU A 27 0.59 -9.30 -3.27
N GLN A 28 0.76 -9.62 -1.99
CA GLN A 28 0.29 -10.88 -1.44
C GLN A 28 -0.32 -10.68 -0.06
N ALA A 29 -1.29 -11.51 0.28
CA ALA A 29 -1.96 -11.43 1.57
C ALA A 29 -0.94 -11.47 2.71
N GLY A 30 -0.97 -10.44 3.56
CA GLY A 30 -0.05 -10.38 4.68
C GLY A 30 1.07 -9.38 4.45
N GLU A 31 1.30 -9.04 3.19
CA GLU A 31 2.35 -8.09 2.83
C GLU A 31 2.03 -6.69 3.34
N VAL A 32 3.03 -5.84 3.39
CA VAL A 32 2.86 -4.46 3.85
C VAL A 32 3.44 -3.47 2.86
N VAL A 33 2.75 -2.35 2.69
CA VAL A 33 3.21 -1.30 1.77
C VAL A 33 3.12 0.08 2.41
N ASP A 34 3.61 1.08 1.70
CA ASP A 34 3.59 2.46 2.19
C ASP A 34 2.83 3.36 1.23
N VAL A 35 1.67 3.84 1.65
CA VAL A 35 0.86 4.73 0.82
C VAL A 35 1.50 6.10 0.69
N ILE A 36 1.78 6.51 -0.55
CA ILE A 36 2.39 7.80 -0.81
C ILE A 36 1.35 8.83 -1.24
N GLU A 37 0.60 8.48 -2.29
CA GLU A 37 -0.43 9.37 -2.81
C GLU A 37 -1.77 8.66 -2.90
N LYS A 38 -2.84 9.43 -3.02
CA LYS A 38 -4.19 8.88 -3.11
C LYS A 38 -4.99 9.56 -4.20
N ASN A 39 -5.61 8.77 -5.08
CA ASN A 39 -6.40 9.31 -6.17
C ASN A 39 -7.89 9.20 -5.85
N GLU A 40 -8.66 10.20 -6.29
CA GLU A 40 -10.10 10.20 -6.05
C GLU A 40 -10.77 9.02 -6.73
N SER A 41 -10.18 8.56 -7.83
CA SER A 41 -10.73 7.43 -8.59
C SER A 41 -10.80 6.19 -7.70
N GLY A 42 -9.84 6.05 -6.79
CA GLY A 42 -9.82 4.90 -5.91
C GLY A 42 -8.46 4.21 -5.89
N TRP A 43 -7.67 4.43 -6.93
CA TRP A 43 -6.35 3.82 -7.02
C TRP A 43 -5.36 4.56 -6.14
N TRP A 44 -4.68 3.80 -5.27
CA TRP A 44 -3.70 4.38 -4.36
C TRP A 44 -2.28 4.06 -4.82
N PHE A 45 -1.35 4.99 -4.58
CA PHE A 45 0.04 4.81 -4.97
C PHE A 45 0.89 4.38 -3.78
N VAL A 46 1.17 3.09 -3.68
CA VAL A 46 1.97 2.55 -2.59
C VAL A 46 3.39 2.27 -3.04
N SER A 47 4.32 2.27 -2.08
CA SER A 47 5.72 2.01 -2.38
C SER A 47 6.31 0.98 -1.43
N THR A 48 6.91 -0.07 -2.00
CA THR A 48 7.51 -1.12 -1.19
C THR A 48 9.03 -1.11 -1.30
N SER A 49 9.69 -1.78 -0.36
CA SER A 49 11.15 -1.84 -0.34
C SER A 49 11.68 -2.36 -1.68
N GLU A 50 10.87 -3.15 -2.37
CA GLU A 50 11.26 -3.72 -3.65
C GLU A 50 11.02 -2.73 -4.78
N GLU A 51 9.75 -2.43 -5.05
CA GLU A 51 9.39 -1.50 -6.10
C GLU A 51 8.14 -0.71 -5.73
N GLN A 52 7.75 0.22 -6.59
CA GLN A 52 6.57 1.05 -6.36
C GLN A 52 5.56 0.88 -7.48
N GLY A 53 4.28 0.95 -7.14
CA GLY A 53 3.22 0.80 -8.13
C GLY A 53 1.88 1.31 -7.63
N TRP A 54 0.84 1.09 -8.43
CA TRP A 54 -0.50 1.53 -8.07
C TRP A 54 -1.42 0.33 -7.84
N VAL A 55 -2.24 0.41 -6.81
CA VAL A 55 -3.18 -0.66 -6.49
C VAL A 55 -4.47 -0.12 -5.88
N PRO A 56 -5.56 -0.89 -6.00
CA PRO A 56 -6.86 -0.50 -5.46
C PRO A 56 -6.90 -0.53 -3.95
N ALA A 57 -7.46 0.52 -3.35
CA ALA A 57 -7.56 0.62 -1.90
C ALA A 57 -8.27 -0.59 -1.32
N THR A 58 -9.11 -1.23 -2.13
CA THR A 58 -9.86 -2.41 -1.68
C THR A 58 -8.92 -3.50 -1.19
N TYR A 59 -7.68 -3.48 -1.69
CA TYR A 59 -6.69 -4.47 -1.30
C TYR A 59 -5.77 -3.92 -0.23
N LEU A 60 -6.29 -2.99 0.57
CA LEU A 60 -5.51 -2.38 1.64
C LEU A 60 -6.38 -2.12 2.87
N GLU A 61 -5.77 -2.25 4.05
CA GLU A 61 -6.50 -2.03 5.29
C GLU A 61 -5.72 -1.09 6.22
N ALA A 62 -6.27 0.09 6.46
CA ALA A 62 -5.63 1.07 7.33
C ALA A 62 -5.26 0.45 8.67
N GLN A 63 -3.96 0.23 8.88
CA GLN A 63 -3.48 -0.35 10.13
C GLN A 63 -4.01 0.42 11.33
N ASN A 64 -4.05 1.74 11.21
CA ASN A 64 -4.53 2.60 12.29
C ASN A 64 -6.06 2.66 12.30
N SER A 65 -6.69 1.70 12.97
CA SER A 65 -8.14 1.64 13.05
C SER A 65 -8.58 1.23 14.45
N GLY A 66 -9.89 1.30 14.69
CA GLY A 66 -10.42 0.94 15.99
C GLY A 66 -11.64 1.77 16.37
N PRO A 67 -12.75 1.56 15.67
CA PRO A 67 -14.00 2.29 15.93
C PRO A 67 -14.64 1.89 17.26
N SER A 68 -15.67 2.63 17.65
CA SER A 68 -16.37 2.36 18.90
C SER A 68 -17.75 1.76 18.64
N SER A 69 -17.76 0.60 17.99
CA SER A 69 -19.01 -0.08 17.66
C SER A 69 -19.63 -0.70 18.91
N GLY A 70 -20.95 -0.61 19.03
CA GLY A 70 -21.64 -1.17 20.17
C GLY A 70 -21.91 -0.14 21.25
N GLY A 1 23.21 11.76 -0.48
CA GLY A 1 21.93 11.48 0.14
C GLY A 1 21.60 12.45 1.26
N SER A 2 20.35 12.44 1.69
CA SER A 2 19.90 13.32 2.77
C SER A 2 18.87 12.63 3.65
N SER A 3 18.66 13.17 4.84
CA SER A 3 17.71 12.61 5.79
C SER A 3 16.33 13.24 5.60
N GLY A 4 15.71 12.99 4.46
CA GLY A 4 14.40 13.53 4.18
C GLY A 4 13.28 12.63 4.65
N SER A 5 12.37 13.18 5.45
CA SER A 5 11.25 12.42 5.98
C SER A 5 9.96 13.23 5.91
N SER A 6 8.84 12.54 5.71
CA SER A 6 7.54 13.20 5.62
C SER A 6 6.57 12.61 6.64
N GLY A 7 6.17 11.36 6.42
CA GLY A 7 5.24 10.71 7.33
C GLY A 7 4.11 10.01 6.60
N LEU A 8 4.45 9.24 5.57
CA LEU A 8 3.45 8.52 4.79
C LEU A 8 2.74 7.48 5.64
N GLU A 9 1.52 7.12 5.25
CA GLU A 9 0.74 6.13 5.97
C GLU A 9 1.01 4.73 5.43
N GLN A 10 1.25 3.79 6.34
CA GLN A 10 1.52 2.41 5.94
C GLN A 10 0.25 1.56 6.01
N TYR A 11 -0.12 0.97 4.87
CA TYR A 11 -1.31 0.14 4.82
C TYR A 11 -0.94 -1.33 4.66
N VAL A 12 -1.83 -2.21 5.13
CA VAL A 12 -1.60 -3.65 5.06
C VAL A 12 -2.53 -4.29 4.05
N VAL A 13 -1.98 -5.20 3.24
CA VAL A 13 -2.77 -5.90 2.24
C VAL A 13 -3.77 -6.85 2.87
N VAL A 14 -4.90 -7.06 2.21
CA VAL A 14 -5.94 -7.95 2.71
C VAL A 14 -6.12 -9.15 1.80
N SER A 15 -5.76 -9.00 0.53
CA SER A 15 -5.88 -10.08 -0.43
C SER A 15 -4.79 -9.98 -1.50
N ASN A 16 -4.50 -11.10 -2.14
CA ASN A 16 -3.47 -11.14 -3.17
C ASN A 16 -3.91 -10.35 -4.41
N TYR A 17 -2.95 -9.75 -5.10
CA TYR A 17 -3.24 -8.97 -6.29
C TYR A 17 -2.34 -9.39 -7.45
N LYS A 18 -2.83 -9.21 -8.66
CA LYS A 18 -2.08 -9.57 -9.86
C LYS A 18 -1.59 -8.33 -10.60
N LYS A 19 -0.35 -8.37 -11.08
CA LYS A 19 0.23 -7.25 -11.80
C LYS A 19 0.18 -7.49 -13.31
N GLN A 20 -0.98 -7.93 -13.80
CA GLN A 20 -1.16 -8.20 -15.22
C GLN A 20 -0.87 -6.95 -16.05
N GLU A 21 -1.14 -5.78 -15.47
CA GLU A 21 -0.91 -4.51 -16.15
C GLU A 21 0.55 -4.09 -16.04
N ASN A 22 0.95 -3.16 -16.89
CA ASN A 22 2.32 -2.67 -16.90
C ASN A 22 2.70 -2.11 -15.52
N SER A 23 2.17 -0.92 -15.21
CA SER A 23 2.45 -0.27 -13.94
C SER A 23 1.57 -0.84 -12.83
N GLU A 24 1.86 -2.07 -12.42
CA GLU A 24 1.09 -2.73 -11.38
C GLU A 24 1.99 -3.60 -10.50
N LEU A 25 1.56 -3.85 -9.28
CA LEU A 25 2.33 -4.67 -8.34
C LEU A 25 1.50 -5.85 -7.84
N SER A 26 2.12 -7.02 -7.75
CA SER A 26 1.44 -8.22 -7.28
C SER A 26 1.65 -8.43 -5.79
N LEU A 27 1.00 -7.59 -5.00
CA LEU A 27 1.11 -7.67 -3.54
C LEU A 27 0.50 -8.97 -3.02
N GLN A 28 0.70 -9.24 -1.73
CA GLN A 28 0.18 -10.45 -1.12
C GLN A 28 -0.50 -10.14 0.21
N ALA A 29 -1.54 -10.90 0.53
CA ALA A 29 -2.28 -10.70 1.77
C ALA A 29 -1.35 -10.74 2.98
N GLY A 30 -1.43 -9.71 3.81
CA GLY A 30 -0.59 -9.65 5.00
C GLY A 30 0.62 -8.76 4.80
N GLU A 31 0.98 -8.50 3.55
CA GLU A 31 2.12 -7.66 3.22
C GLU A 31 1.86 -6.22 3.64
N VAL A 32 2.94 -5.46 3.85
CA VAL A 32 2.83 -4.07 4.25
C VAL A 32 3.42 -3.15 3.19
N VAL A 33 2.76 -2.01 2.97
CA VAL A 33 3.22 -1.05 1.98
C VAL A 33 3.19 0.37 2.54
N ASP A 34 3.50 1.35 1.68
CA ASP A 34 3.51 2.74 2.10
C ASP A 34 2.76 3.61 1.10
N VAL A 35 1.57 4.08 1.50
CA VAL A 35 0.75 4.92 0.63
C VAL A 35 1.45 6.25 0.35
N ILE A 36 1.72 6.52 -0.92
CA ILE A 36 2.37 7.76 -1.32
C ILE A 36 1.35 8.79 -1.79
N GLU A 37 0.44 8.36 -2.67
CA GLU A 37 -0.59 9.24 -3.19
C GLU A 37 -1.96 8.58 -3.13
N LYS A 38 -3.00 9.35 -3.46
CA LYS A 38 -4.37 8.83 -3.44
C LYS A 38 -5.19 9.44 -4.57
N ASN A 39 -5.87 8.60 -5.33
CA ASN A 39 -6.70 9.06 -6.43
C ASN A 39 -8.17 8.78 -6.17
N GLU A 40 -9.01 9.80 -6.32
CA GLU A 40 -10.44 9.66 -6.09
C GLU A 40 -11.00 8.48 -6.89
N SER A 41 -10.39 8.19 -8.03
CA SER A 41 -10.83 7.10 -8.89
C SER A 41 -10.87 5.78 -8.11
N GLY A 42 -10.03 5.69 -7.07
CA GLY A 42 -9.99 4.49 -6.26
C GLY A 42 -8.67 3.74 -6.42
N TRP A 43 -7.66 4.44 -6.90
CA TRP A 43 -6.34 3.83 -7.10
C TRP A 43 -5.28 4.54 -6.27
N TRP A 44 -4.72 3.83 -5.30
CA TRP A 44 -3.70 4.39 -4.43
C TRP A 44 -2.30 3.98 -4.90
N PHE A 45 -1.33 4.87 -4.71
CA PHE A 45 0.05 4.60 -5.12
C PHE A 45 0.91 4.24 -3.91
N VAL A 46 0.95 2.95 -3.59
CA VAL A 46 1.74 2.47 -2.46
C VAL A 46 3.15 2.10 -2.89
N SER A 47 4.04 1.92 -1.92
CA SER A 47 5.43 1.56 -2.20
C SER A 47 5.83 0.30 -1.43
N THR A 48 6.56 -0.58 -2.11
CA THR A 48 7.01 -1.82 -1.50
C THR A 48 8.53 -1.95 -1.54
N SER A 49 9.07 -2.91 -0.80
CA SER A 49 10.51 -3.12 -0.76
C SER A 49 11.06 -3.34 -2.16
N GLU A 50 10.21 -3.85 -3.05
CA GLU A 50 10.62 -4.12 -4.43
C GLU A 50 10.47 -2.87 -5.29
N GLU A 51 9.22 -2.48 -5.54
CA GLU A 51 8.94 -1.30 -6.36
C GLU A 51 7.63 -0.66 -5.94
N GLN A 52 7.23 0.39 -6.65
CA GLN A 52 6.00 1.10 -6.34
C GLN A 52 5.01 1.00 -7.50
N GLY A 53 3.73 0.82 -7.18
CA GLY A 53 2.71 0.70 -8.20
C GLY A 53 1.37 1.26 -7.75
N TRP A 54 0.39 1.23 -8.64
CA TRP A 54 -0.94 1.75 -8.33
C TRP A 54 -1.93 0.61 -8.12
N VAL A 55 -2.38 0.44 -6.89
CA VAL A 55 -3.34 -0.62 -6.56
C VAL A 55 -4.61 -0.04 -5.96
N PRO A 56 -5.72 -0.79 -6.08
CA PRO A 56 -7.02 -0.37 -5.56
C PRO A 56 -7.05 -0.37 -4.03
N ALA A 57 -7.61 0.69 -3.46
CA ALA A 57 -7.72 0.81 -2.01
C ALA A 57 -8.44 -0.39 -1.41
N THR A 58 -9.28 -1.02 -2.21
CA THR A 58 -10.03 -2.19 -1.75
C THR A 58 -9.11 -3.26 -1.21
N TYR A 59 -7.88 -3.28 -1.70
CA TYR A 59 -6.89 -4.26 -1.26
C TYR A 59 -5.94 -3.66 -0.23
N LEU A 60 -6.44 -2.68 0.52
CA LEU A 60 -5.64 -2.02 1.55
C LEU A 60 -6.48 -1.69 2.77
N GLU A 61 -5.92 -1.93 3.95
CA GLU A 61 -6.62 -1.66 5.20
C GLU A 61 -5.76 -0.85 6.15
N ALA A 62 -6.39 0.02 6.92
CA ALA A 62 -5.67 0.87 7.88
C ALA A 62 -5.18 0.05 9.08
N GLN A 63 -3.88 -0.23 9.09
CA GLN A 63 -3.29 -1.01 10.18
C GLN A 63 -2.68 -0.08 11.23
N ASN A 64 -2.58 -0.59 12.46
CA ASN A 64 -2.02 0.19 13.55
C ASN A 64 -1.11 -0.67 14.42
N SER A 65 0.08 -0.13 14.73
CA SER A 65 1.05 -0.85 15.54
C SER A 65 1.66 0.06 16.60
N GLY A 66 2.03 -0.53 17.74
CA GLY A 66 2.61 0.25 18.82
C GLY A 66 2.19 -0.25 20.19
N PRO A 67 2.69 -1.42 20.57
CA PRO A 67 2.39 -2.04 21.86
C PRO A 67 3.00 -1.28 23.04
N SER A 68 2.71 -1.73 24.25
CA SER A 68 3.23 -1.09 25.45
C SER A 68 4.54 -1.74 25.88
N SER A 69 5.65 -1.05 25.61
CA SER A 69 6.97 -1.56 25.97
C SER A 69 7.43 -0.98 27.30
N GLY A 70 8.63 -1.39 27.73
CA GLY A 70 9.17 -0.90 28.98
C GLY A 70 10.19 0.21 28.79
N GLY A 1 7.34 20.20 -4.81
CA GLY A 1 8.70 20.69 -4.75
C GLY A 1 9.56 19.90 -3.79
N SER A 2 10.81 20.33 -3.61
CA SER A 2 11.73 19.65 -2.71
C SER A 2 11.18 19.60 -1.29
N SER A 3 10.33 20.58 -0.95
CA SER A 3 9.73 20.64 0.38
C SER A 3 9.07 19.32 0.73
N GLY A 4 9.38 18.81 1.92
CA GLY A 4 8.79 17.56 2.37
C GLY A 4 7.59 17.76 3.27
N SER A 5 7.80 17.63 4.57
CA SER A 5 6.73 17.80 5.55
C SER A 5 5.56 16.87 5.23
N SER A 6 5.88 15.64 4.83
CA SER A 6 4.86 14.66 4.49
C SER A 6 4.97 13.43 5.38
N GLY A 7 3.84 13.03 5.98
CA GLY A 7 3.83 11.87 6.84
C GLY A 7 3.09 10.70 6.24
N LEU A 8 3.77 9.93 5.40
CA LEU A 8 3.16 8.78 4.75
C LEU A 8 2.80 7.70 5.78
N GLU A 9 1.68 7.02 5.54
CA GLU A 9 1.24 5.97 6.44
C GLU A 9 1.40 4.59 5.81
N GLN A 10 1.37 3.55 6.64
CA GLN A 10 1.52 2.19 6.15
C GLN A 10 0.20 1.44 6.20
N TYR A 11 -0.12 0.72 5.12
CA TYR A 11 -1.36 -0.03 5.04
C TYR A 11 -1.08 -1.52 4.85
N VAL A 12 -1.99 -2.35 5.35
CA VAL A 12 -1.84 -3.79 5.24
C VAL A 12 -2.75 -4.36 4.16
N VAL A 13 -2.21 -5.26 3.34
CA VAL A 13 -2.97 -5.88 2.27
C VAL A 13 -3.99 -6.87 2.82
N VAL A 14 -5.11 -6.99 2.12
CA VAL A 14 -6.17 -7.90 2.54
C VAL A 14 -6.34 -9.04 1.53
N SER A 15 -6.06 -8.76 0.27
CA SER A 15 -6.18 -9.75 -0.79
C SER A 15 -4.94 -9.77 -1.67
N ASN A 16 -4.62 -10.93 -2.22
CA ASN A 16 -3.45 -11.09 -3.08
C ASN A 16 -3.72 -10.51 -4.46
N TYR A 17 -3.06 -9.41 -4.79
CA TYR A 17 -3.24 -8.77 -6.09
C TYR A 17 -2.31 -9.38 -7.13
N LYS A 18 -2.83 -9.55 -8.35
CA LYS A 18 -2.05 -10.13 -9.43
C LYS A 18 -1.62 -9.05 -10.43
N LYS A 19 -0.31 -8.95 -10.64
CA LYS A 19 0.24 -7.96 -11.56
C LYS A 19 -0.06 -8.35 -13.01
N GLN A 20 -0.21 -7.34 -13.87
CA GLN A 20 -0.50 -7.57 -15.28
C GLN A 20 0.47 -6.80 -16.16
N GLU A 21 0.24 -6.86 -17.48
CA GLU A 21 1.10 -6.17 -18.43
C GLU A 21 1.16 -4.68 -18.12
N ASN A 22 0.09 -4.16 -17.52
CA ASN A 22 0.03 -2.75 -17.17
C ASN A 22 0.81 -2.46 -15.88
N SER A 23 0.81 -1.20 -15.46
CA SER A 23 1.52 -0.79 -14.26
C SER A 23 0.80 -1.28 -13.01
N GLU A 24 1.19 -2.47 -12.54
CA GLU A 24 0.58 -3.04 -11.35
C GLU A 24 1.59 -3.89 -10.58
N LEU A 25 1.41 -3.96 -9.27
CA LEU A 25 2.30 -4.74 -8.41
C LEU A 25 1.63 -6.03 -7.94
N SER A 26 2.45 -7.05 -7.68
CA SER A 26 1.93 -8.34 -7.24
C SER A 26 2.04 -8.46 -5.72
N LEU A 27 1.31 -7.62 -5.00
CA LEU A 27 1.31 -7.64 -3.54
C LEU A 27 0.97 -9.02 -3.01
N GLN A 28 1.05 -9.18 -1.70
CA GLN A 28 0.75 -10.45 -1.06
C GLN A 28 -0.14 -10.26 0.16
N ALA A 29 -1.00 -11.23 0.42
CA ALA A 29 -1.91 -11.17 1.56
C ALA A 29 -1.14 -10.99 2.87
N GLY A 30 -1.42 -9.90 3.57
CA GLY A 30 -0.74 -9.63 4.83
C GLY A 30 0.53 -8.84 4.64
N GLU A 31 0.65 -8.17 3.50
CA GLU A 31 1.84 -7.37 3.20
C GLU A 31 1.65 -5.93 3.64
N VAL A 32 2.77 -5.23 3.87
CA VAL A 32 2.72 -3.85 4.31
C VAL A 32 3.31 -2.92 3.25
N VAL A 33 2.62 -1.81 2.98
CA VAL A 33 3.06 -0.86 1.98
C VAL A 33 2.85 0.57 2.47
N ASP A 34 3.69 1.49 1.98
CA ASP A 34 3.59 2.90 2.37
C ASP A 34 2.83 3.69 1.31
N VAL A 35 1.70 4.29 1.72
CA VAL A 35 0.89 5.08 0.80
C VAL A 35 1.56 6.42 0.50
N ILE A 36 1.63 6.75 -0.79
CA ILE A 36 2.24 8.01 -1.21
C ILE A 36 1.20 8.96 -1.77
N GLU A 37 0.60 8.60 -2.90
CA GLU A 37 -0.42 9.42 -3.53
C GLU A 37 -1.78 8.73 -3.51
N LYS A 38 -2.84 9.53 -3.42
CA LYS A 38 -4.19 8.99 -3.39
C LYS A 38 -5.04 9.59 -4.51
N ASN A 39 -5.80 8.74 -5.18
CA ASN A 39 -6.66 9.17 -6.28
C ASN A 39 -8.13 8.90 -5.96
N GLU A 40 -8.96 9.93 -6.08
CA GLU A 40 -10.39 9.80 -5.81
C GLU A 40 -10.99 8.66 -6.63
N SER A 41 -10.40 8.38 -7.78
CA SER A 41 -10.88 7.31 -8.67
C SER A 41 -10.89 5.97 -7.93
N GLY A 42 -10.03 5.85 -6.94
CA GLY A 42 -9.96 4.61 -6.17
C GLY A 42 -8.65 3.87 -6.40
N TRP A 43 -7.64 4.59 -6.85
CA TRP A 43 -6.33 3.99 -7.11
C TRP A 43 -5.24 4.68 -6.29
N TRP A 44 -4.75 4.00 -5.27
CA TRP A 44 -3.71 4.55 -4.41
C TRP A 44 -2.34 4.15 -4.90
N PHE A 45 -1.34 5.00 -4.64
CA PHE A 45 0.03 4.73 -5.07
C PHE A 45 0.92 4.42 -3.86
N VAL A 46 1.03 3.14 -3.53
CA VAL A 46 1.86 2.71 -2.41
C VAL A 46 3.27 2.34 -2.86
N SER A 47 4.14 2.07 -1.90
CA SER A 47 5.52 1.70 -2.19
C SER A 47 5.95 0.50 -1.36
N THR A 48 6.67 -0.42 -2.01
CA THR A 48 7.15 -1.62 -1.34
C THR A 48 8.66 -1.72 -1.41
N SER A 49 9.23 -2.64 -0.63
CA SER A 49 10.68 -2.84 -0.60
C SER A 49 11.21 -3.10 -2.01
N GLU A 50 10.37 -3.66 -2.87
CA GLU A 50 10.76 -3.96 -4.23
C GLU A 50 10.55 -2.75 -5.14
N GLU A 51 9.30 -2.44 -5.42
CA GLU A 51 8.97 -1.30 -6.28
C GLU A 51 7.62 -0.70 -5.88
N GLN A 52 7.26 0.40 -6.54
CA GLN A 52 6.01 1.08 -6.26
C GLN A 52 5.02 0.91 -7.41
N GLY A 53 3.74 0.80 -7.09
CA GLY A 53 2.72 0.65 -8.11
C GLY A 53 1.39 1.25 -7.71
N TRP A 54 0.44 1.27 -8.64
CA TRP A 54 -0.87 1.84 -8.38
C TRP A 54 -1.91 0.74 -8.17
N VAL A 55 -2.27 0.51 -6.91
CA VAL A 55 -3.25 -0.52 -6.57
C VAL A 55 -4.51 0.10 -5.98
N PRO A 56 -5.63 -0.63 -6.09
CA PRO A 56 -6.92 -0.17 -5.56
C PRO A 56 -6.96 -0.16 -4.04
N ALA A 57 -7.44 0.94 -3.48
CA ALA A 57 -7.53 1.08 -2.02
C ALA A 57 -8.30 -0.08 -1.41
N THR A 58 -9.20 -0.68 -2.19
CA THR A 58 -10.00 -1.80 -1.72
C THR A 58 -9.11 -2.94 -1.23
N TYR A 59 -7.90 -3.00 -1.75
CA TYR A 59 -6.95 -4.04 -1.37
C TYR A 59 -6.01 -3.55 -0.28
N LEU A 60 -6.49 -2.59 0.52
CA LEU A 60 -5.67 -2.02 1.60
C LEU A 60 -6.54 -1.76 2.83
N GLU A 61 -5.97 -2.01 4.00
CA GLU A 61 -6.68 -1.81 5.26
C GLU A 61 -5.82 -1.01 6.24
N ALA A 62 -6.48 -0.25 7.10
CA ALA A 62 -5.78 0.56 8.10
C ALA A 62 -5.37 -0.29 9.30
N GLN A 63 -4.08 -0.63 9.35
CA GLN A 63 -3.56 -1.44 10.45
C GLN A 63 -2.91 -0.56 11.50
N ASN A 64 -2.72 -1.11 12.70
CA ASN A 64 -2.11 -0.38 13.80
C ASN A 64 -0.68 -0.86 14.04
N SER A 65 0.24 0.09 14.13
CA SER A 65 1.64 -0.24 14.36
C SER A 65 1.98 -0.22 15.84
N GLY A 66 1.41 -1.17 16.58
CA GLY A 66 1.66 -1.24 18.01
C GLY A 66 1.07 -2.49 18.65
N PRO A 67 1.72 -3.64 18.40
CA PRO A 67 1.27 -4.93 18.93
C PRO A 67 1.47 -5.02 20.44
N SER A 68 0.95 -6.10 21.03
CA SER A 68 1.06 -6.31 22.47
C SER A 68 2.10 -7.39 22.77
N SER A 69 3.33 -6.95 23.05
CA SER A 69 4.41 -7.88 23.35
C SER A 69 4.80 -7.80 24.82
N GLY A 70 4.88 -8.95 25.48
CA GLY A 70 5.23 -9.00 26.88
C GLY A 70 5.00 -10.36 27.50
N GLY A 1 22.62 8.86 0.68
CA GLY A 1 22.11 10.18 0.34
C GLY A 1 20.79 10.48 1.01
N SER A 2 19.91 9.49 1.07
CA SER A 2 18.60 9.65 1.68
C SER A 2 18.58 9.08 3.10
N SER A 3 18.13 9.89 4.06
CA SER A 3 18.07 9.47 5.45
C SER A 3 17.06 10.31 6.23
N GLY A 4 15.93 9.69 6.54
CA GLY A 4 14.89 10.39 7.28
C GLY A 4 13.57 9.64 7.30
N SER A 5 12.57 10.22 7.95
CA SER A 5 11.25 9.58 8.05
C SER A 5 10.45 9.80 6.77
N SER A 6 9.80 8.74 6.30
CA SER A 6 8.99 8.81 5.10
C SER A 6 7.80 9.74 5.28
N GLY A 7 7.25 9.74 6.50
CA GLY A 7 6.11 10.58 6.79
C GLY A 7 4.86 10.14 6.06
N LEU A 8 4.73 8.83 5.84
CA LEU A 8 3.58 8.28 5.15
C LEU A 8 2.90 7.21 6.00
N GLU A 9 1.67 6.86 5.64
CA GLU A 9 0.91 5.85 6.36
C GLU A 9 1.15 4.46 5.76
N GLN A 10 1.51 3.51 6.61
CA GLN A 10 1.76 2.15 6.16
C GLN A 10 0.49 1.31 6.21
N TYR A 11 0.14 0.71 5.07
CA TYR A 11 -1.06 -0.11 4.98
C TYR A 11 -0.71 -1.59 4.81
N VAL A 12 -1.62 -2.46 5.21
CA VAL A 12 -1.40 -3.90 5.10
C VAL A 12 -2.36 -4.53 4.10
N VAL A 13 -1.85 -5.44 3.27
CA VAL A 13 -2.66 -6.11 2.27
C VAL A 13 -3.61 -7.10 2.93
N VAL A 14 -4.77 -7.30 2.31
CA VAL A 14 -5.77 -8.23 2.82
C VAL A 14 -5.94 -9.42 1.90
N SER A 15 -5.85 -9.18 0.60
CA SER A 15 -6.00 -10.23 -0.40
C SER A 15 -4.84 -10.19 -1.41
N ASN A 16 -4.62 -11.33 -2.07
CA ASN A 16 -3.54 -11.43 -3.06
C ASN A 16 -3.93 -10.72 -4.34
N TYR A 17 -3.02 -9.91 -4.87
CA TYR A 17 -3.26 -9.16 -6.10
C TYR A 17 -2.54 -9.80 -7.27
N LYS A 18 -3.00 -9.51 -8.48
CA LYS A 18 -2.41 -10.07 -9.69
C LYS A 18 -2.34 -9.01 -10.79
N LYS A 19 -1.13 -8.59 -11.12
CA LYS A 19 -0.93 -7.58 -12.16
C LYS A 19 -1.65 -7.98 -13.45
N GLN A 20 -2.13 -6.98 -14.19
CA GLN A 20 -2.84 -7.23 -15.44
C GLN A 20 -2.14 -6.52 -16.60
N GLU A 21 -2.31 -5.20 -16.65
CA GLU A 21 -1.71 -4.40 -17.72
C GLU A 21 -0.95 -3.21 -17.14
N ASN A 22 -1.67 -2.28 -16.55
CA ASN A 22 -1.07 -1.10 -15.95
C ASN A 22 0.04 -1.48 -14.99
N SER A 23 0.83 -0.49 -14.56
CA SER A 23 1.93 -0.72 -13.64
C SER A 23 1.42 -1.29 -12.32
N GLU A 24 1.46 -2.61 -12.19
CA GLU A 24 1.01 -3.27 -10.97
C GLU A 24 2.17 -3.94 -10.26
N LEU A 25 2.01 -4.16 -8.95
CA LEU A 25 3.05 -4.79 -8.15
C LEU A 25 2.66 -6.23 -7.80
N SER A 26 1.36 -6.49 -7.76
CA SER A 26 0.85 -7.82 -7.43
C SER A 26 1.25 -8.21 -6.00
N LEU A 27 0.93 -7.34 -5.05
CA LEU A 27 1.24 -7.58 -3.65
C LEU A 27 0.58 -8.88 -3.17
N GLN A 28 1.11 -9.44 -2.08
CA GLN A 28 0.57 -10.67 -1.52
C GLN A 28 -0.21 -10.38 -0.24
N ALA A 29 -0.84 -11.42 0.30
CA ALA A 29 -1.62 -11.29 1.52
C ALA A 29 -0.72 -11.19 2.75
N GLY A 30 -0.98 -10.19 3.59
CA GLY A 30 -0.19 -10.00 4.79
C GLY A 30 1.07 -9.19 4.52
N GLU A 31 1.07 -8.43 3.43
CA GLU A 31 2.22 -7.62 3.06
C GLU A 31 2.03 -6.17 3.50
N VAL A 32 3.12 -5.49 3.78
CA VAL A 32 3.07 -4.09 4.20
C VAL A 32 3.60 -3.16 3.11
N VAL A 33 2.96 -2.01 2.96
CA VAL A 33 3.36 -1.03 1.97
C VAL A 33 3.35 0.39 2.53
N ASP A 34 3.66 1.36 1.69
CA ASP A 34 3.67 2.76 2.10
C ASP A 34 2.89 3.62 1.12
N VAL A 35 1.69 4.03 1.51
CA VAL A 35 0.84 4.86 0.66
C VAL A 35 1.43 6.25 0.50
N ILE A 36 1.80 6.59 -0.73
CA ILE A 36 2.38 7.90 -1.03
C ILE A 36 1.31 8.87 -1.51
N GLU A 37 0.65 8.53 -2.61
CA GLU A 37 -0.39 9.37 -3.17
C GLU A 37 -1.74 8.66 -3.17
N LYS A 38 -2.78 9.38 -3.55
CA LYS A 38 -4.14 8.81 -3.59
C LYS A 38 -4.94 9.42 -4.73
N ASN A 39 -5.52 8.57 -5.56
CA ASN A 39 -6.32 9.02 -6.69
C ASN A 39 -7.81 8.81 -6.42
N GLU A 40 -8.61 9.83 -6.69
CA GLU A 40 -10.05 9.76 -6.49
C GLU A 40 -10.64 8.52 -7.16
N SER A 41 -10.01 8.10 -8.25
CA SER A 41 -10.47 6.93 -8.99
C SER A 41 -10.52 5.70 -8.10
N GLY A 42 -9.54 5.60 -7.20
CA GLY A 42 -9.48 4.47 -6.28
C GLY A 42 -8.12 3.81 -6.28
N TRP A 43 -7.35 4.01 -7.33
CA TRP A 43 -6.02 3.43 -7.44
C TRP A 43 -5.02 4.20 -6.59
N TRP A 44 -4.61 3.59 -5.48
CA TRP A 44 -3.65 4.21 -4.57
C TRP A 44 -2.21 3.91 -4.99
N PHE A 45 -1.31 4.84 -4.74
CA PHE A 45 0.10 4.66 -5.09
C PHE A 45 0.93 4.37 -3.84
N VAL A 46 1.22 3.09 -3.61
CA VAL A 46 2.01 2.69 -2.47
C VAL A 46 3.48 2.50 -2.84
N SER A 47 4.29 2.14 -1.85
CA SER A 47 5.71 1.93 -2.08
C SER A 47 6.25 0.81 -1.20
N THR A 48 6.62 -0.31 -1.81
CA THR A 48 7.14 -1.46 -1.08
C THR A 48 8.66 -1.46 -1.10
N SER A 49 9.25 -2.23 -0.19
CA SER A 49 10.71 -2.32 -0.10
C SER A 49 11.32 -2.71 -1.44
N GLU A 50 10.54 -3.44 -2.24
CA GLU A 50 11.01 -3.87 -3.56
C GLU A 50 10.85 -2.75 -4.59
N GLU A 51 9.60 -2.37 -4.86
CA GLU A 51 9.32 -1.32 -5.83
C GLU A 51 8.02 -0.61 -5.48
N GLN A 52 7.61 0.32 -6.34
CA GLN A 52 6.38 1.08 -6.12
C GLN A 52 5.43 0.92 -7.31
N GLY A 53 4.16 0.66 -7.01
CA GLY A 53 3.18 0.48 -8.06
C GLY A 53 1.83 1.08 -7.69
N TRP A 54 0.87 0.96 -8.60
CA TRP A 54 -0.47 1.50 -8.36
C TRP A 54 -1.48 0.37 -8.15
N VAL A 55 -1.95 0.22 -6.92
CA VAL A 55 -2.92 -0.83 -6.60
C VAL A 55 -4.19 -0.23 -6.00
N PRO A 56 -5.31 -0.96 -6.11
CA PRO A 56 -6.60 -0.52 -5.58
C PRO A 56 -6.63 -0.53 -4.06
N ALA A 57 -7.16 0.54 -3.48
CA ALA A 57 -7.26 0.66 -2.03
C ALA A 57 -8.02 -0.53 -1.44
N THR A 58 -8.88 -1.13 -2.24
CA THR A 58 -9.66 -2.28 -1.79
C THR A 58 -8.77 -3.37 -1.23
N TYR A 59 -7.53 -3.42 -1.69
CA TYR A 59 -6.58 -4.43 -1.24
C TYR A 59 -5.63 -3.84 -0.19
N LEU A 60 -6.13 -2.89 0.59
CA LEU A 60 -5.33 -2.25 1.62
C LEU A 60 -6.17 -1.97 2.87
N GLU A 61 -5.58 -2.19 4.03
CA GLU A 61 -6.26 -1.96 5.29
C GLU A 61 -5.49 -0.98 6.17
N ALA A 62 -6.08 0.19 6.39
CA ALA A 62 -5.45 1.21 7.22
C ALA A 62 -5.01 0.66 8.56
N GLN A 63 -3.71 0.44 8.72
CA GLN A 63 -3.17 -0.11 9.96
C GLN A 63 -3.63 0.72 11.16
N ASN A 64 -4.52 0.14 11.96
CA ASN A 64 -5.04 0.82 13.15
C ASN A 64 -5.43 -0.18 14.22
N SER A 65 -5.71 0.32 15.42
CA SER A 65 -6.09 -0.54 16.54
C SER A 65 -7.58 -0.87 16.48
N GLY A 66 -7.93 -1.86 15.67
CA GLY A 66 -9.32 -2.26 15.54
C GLY A 66 -9.47 -3.67 15.03
N PRO A 67 -9.15 -4.66 15.89
CA PRO A 67 -9.24 -6.07 15.55
C PRO A 67 -10.69 -6.54 15.40
N SER A 68 -11.56 -6.03 16.25
CA SER A 68 -12.98 -6.39 16.22
C SER A 68 -13.74 -5.52 15.23
N SER A 69 -13.57 -5.80 13.95
CA SER A 69 -14.24 -5.04 12.90
C SER A 69 -15.19 -5.93 12.11
N GLY A 70 -16.26 -5.33 11.59
CA GLY A 70 -17.23 -6.07 10.81
C GLY A 70 -16.66 -6.59 9.51
N GLY A 1 11.32 -4.67 11.84
CA GLY A 1 12.32 -5.11 10.89
C GLY A 1 13.00 -3.96 10.20
N SER A 2 12.21 -3.09 9.59
CA SER A 2 12.75 -1.92 8.87
C SER A 2 12.82 -0.71 9.79
N SER A 3 11.79 -0.52 10.61
CA SER A 3 11.73 0.61 11.53
C SER A 3 11.99 1.91 10.79
N GLY A 4 11.29 2.12 9.68
CA GLY A 4 11.45 3.33 8.90
C GLY A 4 10.13 4.00 8.59
N SER A 5 9.98 5.26 9.03
CA SER A 5 8.76 6.00 8.80
C SER A 5 9.07 7.47 8.49
N SER A 6 8.73 7.89 7.27
CA SER A 6 8.97 9.26 6.85
C SER A 6 7.72 10.11 7.00
N GLY A 7 6.56 9.47 6.91
CA GLY A 7 5.30 10.18 7.05
C GLY A 7 4.22 9.62 6.14
N LEU A 8 4.18 8.30 6.01
CA LEU A 8 3.20 7.64 5.16
C LEU A 8 2.39 6.62 5.95
N GLU A 9 1.12 6.44 5.57
CA GLU A 9 0.25 5.50 6.25
C GLU A 9 0.53 4.08 5.80
N GLN A 10 0.91 3.22 6.75
CA GLN A 10 1.22 1.84 6.45
C GLN A 10 -0.06 1.01 6.33
N TYR A 11 -0.33 0.51 5.14
CA TYR A 11 -1.52 -0.30 4.89
C TYR A 11 -1.16 -1.76 4.71
N VAL A 12 -2.03 -2.64 5.20
CA VAL A 12 -1.81 -4.08 5.09
C VAL A 12 -2.74 -4.70 4.05
N VAL A 13 -2.18 -5.54 3.18
CA VAL A 13 -2.97 -6.20 2.15
C VAL A 13 -4.02 -7.12 2.76
N VAL A 14 -5.16 -7.24 2.08
CA VAL A 14 -6.24 -8.10 2.56
C VAL A 14 -6.44 -9.30 1.65
N SER A 15 -6.07 -9.14 0.37
CA SER A 15 -6.21 -10.21 -0.61
C SER A 15 -5.02 -10.22 -1.56
N ASN A 16 -4.69 -11.42 -2.06
CA ASN A 16 -3.58 -11.57 -2.99
C ASN A 16 -3.80 -10.74 -4.25
N TYR A 17 -2.71 -10.34 -4.88
CA TYR A 17 -2.77 -9.54 -6.10
C TYR A 17 -1.84 -10.10 -7.17
N LYS A 18 -2.19 -9.85 -8.43
CA LYS A 18 -1.39 -10.33 -9.55
C LYS A 18 -1.22 -9.23 -10.60
N LYS A 19 0.04 -8.84 -10.84
CA LYS A 19 0.33 -7.81 -11.83
C LYS A 19 -0.32 -8.12 -13.17
N GLN A 20 -1.20 -7.23 -13.62
CA GLN A 20 -1.88 -7.42 -14.90
C GLN A 20 -1.54 -6.30 -15.87
N GLU A 21 -1.69 -5.07 -15.43
CA GLU A 21 -1.39 -3.92 -16.27
C GLU A 21 -1.28 -2.64 -15.43
N ASN A 22 -0.98 -1.52 -16.08
CA ASN A 22 -0.84 -0.25 -15.40
C ASN A 22 0.28 -0.29 -14.38
N SER A 23 1.31 -1.09 -14.67
CA SER A 23 2.46 -1.22 -13.78
C SER A 23 2.01 -1.71 -12.39
N GLU A 24 0.97 -2.52 -12.37
CA GLU A 24 0.45 -3.06 -11.12
C GLU A 24 1.51 -3.85 -10.37
N LEU A 25 1.33 -3.99 -9.06
CA LEU A 25 2.29 -4.74 -8.25
C LEU A 25 1.66 -6.01 -7.71
N SER A 26 2.45 -7.08 -7.65
CA SER A 26 1.98 -8.37 -7.16
C SER A 26 2.20 -8.49 -5.66
N LEU A 27 1.32 -7.85 -4.88
CA LEU A 27 1.41 -7.88 -3.43
C LEU A 27 0.98 -9.23 -2.88
N GLN A 28 1.05 -9.39 -1.57
CA GLN A 28 0.66 -10.65 -0.92
C GLN A 28 -0.05 -10.37 0.40
N ALA A 29 -1.01 -11.22 0.74
CA ALA A 29 -1.77 -11.08 1.97
C ALA A 29 -0.84 -10.94 3.18
N GLY A 30 -1.04 -9.89 3.96
CA GLY A 30 -0.21 -9.67 5.12
C GLY A 30 0.94 -8.71 4.85
N GLU A 31 1.26 -8.55 3.57
CA GLU A 31 2.35 -7.67 3.18
C GLU A 31 2.03 -6.22 3.52
N VAL A 32 3.06 -5.43 3.81
CA VAL A 32 2.88 -4.03 4.16
C VAL A 32 3.49 -3.12 3.09
N VAL A 33 2.74 -2.09 2.72
CA VAL A 33 3.19 -1.14 1.70
C VAL A 33 3.22 0.28 2.25
N ASP A 34 3.72 1.21 1.44
CA ASP A 34 3.79 2.61 1.84
C ASP A 34 3.00 3.50 0.88
N VAL A 35 1.83 3.94 1.32
CA VAL A 35 0.98 4.80 0.49
C VAL A 35 1.61 6.17 0.30
N ILE A 36 1.81 6.54 -0.95
CA ILE A 36 2.40 7.83 -1.28
C ILE A 36 1.35 8.82 -1.78
N GLU A 37 0.74 8.50 -2.91
CA GLU A 37 -0.30 9.36 -3.49
C GLU A 37 -1.64 8.63 -3.53
N LYS A 38 -2.72 9.40 -3.40
CA LYS A 38 -4.07 8.84 -3.43
C LYS A 38 -4.90 9.47 -4.53
N ASN A 39 -5.42 8.64 -5.43
CA ASN A 39 -6.24 9.13 -6.53
C ASN A 39 -7.72 9.07 -6.17
N GLU A 40 -8.44 10.16 -6.44
CA GLU A 40 -9.86 10.23 -6.15
C GLU A 40 -10.61 9.08 -6.81
N SER A 41 -10.07 8.59 -7.93
CA SER A 41 -10.69 7.49 -8.66
C SER A 41 -10.75 6.23 -7.80
N GLY A 42 -9.75 6.06 -6.94
CA GLY A 42 -9.71 4.90 -6.08
C GLY A 42 -8.35 4.22 -6.08
N TRP A 43 -7.62 4.38 -7.18
CA TRP A 43 -6.30 3.78 -7.32
C TRP A 43 -5.27 4.52 -6.46
N TRP A 44 -4.63 3.78 -5.58
CA TRP A 44 -3.61 4.37 -4.70
C TRP A 44 -2.21 4.00 -5.16
N PHE A 45 -1.26 4.91 -4.94
CA PHE A 45 0.12 4.69 -5.33
C PHE A 45 0.99 4.38 -4.12
N VAL A 46 1.20 3.09 -3.86
CA VAL A 46 2.02 2.66 -2.73
C VAL A 46 3.48 2.48 -3.14
N SER A 47 4.31 2.03 -2.20
CA SER A 47 5.73 1.82 -2.46
C SER A 47 6.27 0.69 -1.59
N THR A 48 6.70 -0.39 -2.24
CA THR A 48 7.24 -1.53 -1.53
C THR A 48 8.76 -1.60 -1.67
N SER A 49 9.40 -2.36 -0.78
CA SER A 49 10.85 -2.49 -0.80
C SER A 49 11.35 -2.91 -2.18
N GLU A 50 10.50 -3.65 -2.90
CA GLU A 50 10.85 -4.11 -4.24
C GLU A 50 10.66 -2.99 -5.27
N GLU A 51 9.41 -2.61 -5.50
CA GLU A 51 9.09 -1.55 -6.46
C GLU A 51 7.82 -0.83 -6.06
N GLN A 52 7.44 0.17 -6.86
CA GLN A 52 6.24 0.95 -6.58
C GLN A 52 5.26 0.84 -7.74
N GLY A 53 3.97 0.80 -7.40
CA GLY A 53 2.94 0.70 -8.43
C GLY A 53 1.60 1.24 -7.96
N TRP A 54 0.57 1.08 -8.79
CA TRP A 54 -0.76 1.56 -8.46
C TRP A 54 -1.71 0.40 -8.23
N VAL A 55 -2.39 0.41 -7.09
CA VAL A 55 -3.34 -0.66 -6.76
C VAL A 55 -4.59 -0.08 -6.10
N PRO A 56 -5.70 -0.83 -6.20
CA PRO A 56 -6.98 -0.42 -5.62
C PRO A 56 -6.97 -0.46 -4.09
N ALA A 57 -7.48 0.59 -3.47
CA ALA A 57 -7.53 0.69 -2.02
C ALA A 57 -8.27 -0.51 -1.42
N THR A 58 -9.15 -1.10 -2.21
CA THR A 58 -9.93 -2.26 -1.76
C THR A 58 -9.02 -3.36 -1.24
N TYR A 59 -7.79 -3.40 -1.76
CA TYR A 59 -6.83 -4.42 -1.35
C TYR A 59 -5.88 -3.86 -0.29
N LEU A 60 -6.38 -2.93 0.52
CA LEU A 60 -5.57 -2.33 1.57
C LEU A 60 -6.40 -2.13 2.83
N GLU A 61 -5.78 -2.32 3.99
CA GLU A 61 -6.47 -2.14 5.27
C GLU A 61 -5.70 -1.17 6.17
N ALA A 62 -6.33 -0.04 6.46
CA ALA A 62 -5.72 0.98 7.31
C ALA A 62 -5.30 0.38 8.65
N GLN A 63 -3.99 0.18 8.82
CA GLN A 63 -3.46 -0.39 10.06
C GLN A 63 -3.95 0.40 11.27
N ASN A 64 -4.24 -0.31 12.35
CA ASN A 64 -4.71 0.33 13.58
C ASN A 64 -3.54 0.79 14.44
N SER A 65 -3.82 1.72 15.34
CA SER A 65 -2.79 2.25 16.23
C SER A 65 -3.07 1.87 17.68
N GLY A 66 -4.07 2.51 18.27
CA GLY A 66 -4.42 2.21 19.65
C GLY A 66 -5.09 3.39 20.34
N PRO A 67 -6.36 3.65 19.99
CA PRO A 67 -7.14 4.75 20.57
C PRO A 67 -7.48 4.51 22.03
N SER A 68 -8.30 5.39 22.59
CA SER A 68 -8.71 5.28 23.98
C SER A 68 -10.03 6.00 24.22
N SER A 69 -10.85 5.45 25.12
CA SER A 69 -12.14 6.04 25.44
C SER A 69 -12.57 5.67 26.86
N GLY A 70 -13.73 6.17 27.27
CA GLY A 70 -14.24 5.87 28.59
C GLY A 70 -15.49 5.01 28.56
N GLY A 1 18.22 13.43 2.26
CA GLY A 1 19.47 14.16 2.17
C GLY A 1 19.60 15.24 3.25
N SER A 2 19.29 16.47 2.88
CA SER A 2 19.38 17.59 3.82
C SER A 2 17.98 18.01 4.29
N SER A 3 17.70 17.74 5.56
CA SER A 3 16.40 18.09 6.13
C SER A 3 15.26 17.46 5.33
N GLY A 4 15.38 16.15 5.08
CA GLY A 4 14.36 15.46 4.32
C GLY A 4 13.50 14.57 5.20
N SER A 5 12.42 15.13 5.74
CA SER A 5 11.51 14.37 6.60
C SER A 5 10.41 13.71 5.79
N SER A 6 9.87 12.62 6.32
CA SER A 6 8.80 11.89 5.64
C SER A 6 7.74 11.44 6.63
N GLY A 7 6.55 11.12 6.12
CA GLY A 7 5.47 10.67 6.97
C GLY A 7 4.35 10.02 6.20
N LEU A 8 4.59 8.82 5.69
CA LEU A 8 3.60 8.09 4.92
C LEU A 8 2.88 7.06 5.79
N GLU A 9 1.61 6.79 5.46
CA GLU A 9 0.82 5.83 6.22
C GLU A 9 1.01 4.42 5.65
N GLN A 10 1.53 3.52 6.48
CA GLN A 10 1.77 2.15 6.08
C GLN A 10 0.48 1.33 6.18
N TYR A 11 0.03 0.80 5.04
CA TYR A 11 -1.18 0.00 4.99
C TYR A 11 -0.86 -1.48 4.81
N VAL A 12 -1.75 -2.35 5.28
CA VAL A 12 -1.56 -3.78 5.16
C VAL A 12 -2.50 -4.37 4.11
N VAL A 13 -1.98 -5.32 3.32
CA VAL A 13 -2.76 -5.96 2.28
C VAL A 13 -3.80 -6.89 2.88
N VAL A 14 -4.95 -7.02 2.21
CA VAL A 14 -6.02 -7.88 2.67
C VAL A 14 -6.24 -9.05 1.72
N SER A 15 -6.02 -8.81 0.43
CA SER A 15 -6.20 -9.84 -0.59
C SER A 15 -4.98 -9.90 -1.51
N ASN A 16 -4.76 -11.07 -2.10
CA ASN A 16 -3.63 -11.27 -3.00
C ASN A 16 -3.92 -10.68 -4.37
N TYR A 17 -3.12 -9.69 -4.77
CA TYR A 17 -3.29 -9.03 -6.06
C TYR A 17 -2.53 -9.77 -7.16
N LYS A 18 -2.92 -9.54 -8.39
CA LYS A 18 -2.27 -10.17 -9.54
C LYS A 18 -1.92 -9.16 -10.61
N LYS A 19 -0.62 -8.97 -10.83
CA LYS A 19 -0.14 -8.01 -11.82
C LYS A 19 -0.78 -8.29 -13.19
N GLN A 20 -1.20 -7.22 -13.86
CA GLN A 20 -1.83 -7.35 -15.18
C GLN A 20 -1.23 -6.36 -16.15
N GLU A 21 -1.06 -5.12 -15.70
CA GLU A 21 -0.50 -4.06 -16.54
C GLU A 21 0.94 -3.76 -16.17
N ASN A 22 1.53 -2.77 -16.82
CA ASN A 22 2.91 -2.38 -16.55
C ASN A 22 3.02 -1.64 -15.22
N SER A 23 1.94 -0.95 -14.85
CA SER A 23 1.92 -0.18 -13.61
C SER A 23 1.08 -0.90 -12.56
N GLU A 24 1.44 -2.15 -12.27
CA GLU A 24 0.74 -2.95 -11.27
C GLU A 24 1.71 -3.80 -10.47
N LEU A 25 1.41 -3.96 -9.18
CA LEU A 25 2.26 -4.75 -8.29
C LEU A 25 1.51 -5.97 -7.77
N SER A 26 2.18 -7.12 -7.75
CA SER A 26 1.58 -8.35 -7.28
C SER A 26 1.76 -8.50 -5.77
N LEU A 27 1.10 -7.64 -5.01
CA LEU A 27 1.19 -7.68 -3.55
C LEU A 27 0.70 -9.02 -3.01
N GLN A 28 0.99 -9.27 -1.73
CA GLN A 28 0.57 -10.52 -1.10
C GLN A 28 -0.21 -10.24 0.18
N ALA A 29 -1.15 -11.12 0.49
CA ALA A 29 -1.98 -10.97 1.68
C ALA A 29 -1.10 -10.89 2.94
N GLY A 30 -1.26 -9.81 3.69
CA GLY A 30 -0.48 -9.63 4.90
C GLY A 30 0.70 -8.72 4.71
N GLU A 31 1.12 -8.55 3.46
CA GLU A 31 2.26 -7.69 3.13
C GLU A 31 1.98 -6.25 3.54
N VAL A 32 3.05 -5.49 3.77
CA VAL A 32 2.91 -4.09 4.16
C VAL A 32 3.50 -3.17 3.10
N VAL A 33 2.81 -2.08 2.82
CA VAL A 33 3.26 -1.11 1.83
C VAL A 33 3.23 0.31 2.39
N ASP A 34 3.60 1.28 1.55
CA ASP A 34 3.62 2.68 1.96
C ASP A 34 2.84 3.54 0.98
N VAL A 35 1.67 4.01 1.41
CA VAL A 35 0.83 4.85 0.57
C VAL A 35 1.46 6.22 0.34
N ILE A 36 1.88 6.49 -0.89
CA ILE A 36 2.50 7.76 -1.22
C ILE A 36 1.47 8.75 -1.74
N GLU A 37 0.70 8.33 -2.74
CA GLU A 37 -0.33 9.19 -3.32
C GLU A 37 -1.69 8.48 -3.33
N LYS A 38 -2.75 9.26 -3.46
CA LYS A 38 -4.11 8.71 -3.50
C LYS A 38 -4.93 9.35 -4.61
N ASN A 39 -5.88 8.59 -5.14
CA ASN A 39 -6.74 9.06 -6.22
C ASN A 39 -8.21 8.96 -5.82
N GLU A 40 -9.00 9.92 -6.30
CA GLU A 40 -10.43 9.94 -6.00
C GLU A 40 -11.11 8.67 -6.51
N SER A 41 -10.68 8.20 -7.68
CA SER A 41 -11.24 7.00 -8.28
C SER A 41 -11.12 5.81 -7.33
N GLY A 42 -10.04 5.79 -6.56
CA GLY A 42 -9.81 4.70 -5.62
C GLY A 42 -8.45 4.08 -5.77
N TRP A 43 -7.83 4.28 -6.92
CA TRP A 43 -6.50 3.73 -7.19
C TRP A 43 -5.44 4.45 -6.36
N TRP A 44 -4.95 3.77 -5.33
CA TRP A 44 -3.93 4.35 -4.45
C TRP A 44 -2.53 3.99 -4.94
N PHE A 45 -1.58 4.89 -4.71
CA PHE A 45 -0.20 4.67 -5.12
C PHE A 45 0.66 4.23 -3.94
N VAL A 46 1.10 2.98 -3.96
CA VAL A 46 1.93 2.44 -2.89
C VAL A 46 3.33 2.12 -3.39
N SER A 47 4.28 2.00 -2.46
CA SER A 47 5.66 1.69 -2.82
C SER A 47 6.23 0.62 -1.89
N THR A 48 6.73 -0.46 -2.49
CA THR A 48 7.31 -1.56 -1.72
C THR A 48 8.82 -1.57 -1.83
N SER A 49 9.47 -2.32 -0.94
CA SER A 49 10.93 -2.41 -0.94
C SER A 49 11.45 -2.87 -2.30
N GLU A 50 10.62 -3.64 -3.02
CA GLU A 50 10.99 -4.15 -4.33
C GLU A 50 10.79 -3.08 -5.40
N GLU A 51 9.54 -2.70 -5.61
CA GLU A 51 9.20 -1.69 -6.61
C GLU A 51 7.96 -0.91 -6.21
N GLN A 52 7.53 0.01 -7.07
CA GLN A 52 6.35 0.82 -6.81
C GLN A 52 5.32 0.66 -7.91
N GLY A 53 4.04 0.65 -7.52
CA GLY A 53 2.97 0.49 -8.48
C GLY A 53 1.66 1.08 -8.00
N TRP A 54 0.62 0.93 -8.82
CA TRP A 54 -0.70 1.45 -8.46
C TRP A 54 -1.68 0.31 -8.19
N VAL A 55 -2.32 0.36 -7.02
CA VAL A 55 -3.28 -0.67 -6.64
C VAL A 55 -4.53 -0.06 -6.02
N PRO A 56 -5.64 -0.79 -6.08
CA PRO A 56 -6.92 -0.33 -5.53
C PRO A 56 -6.92 -0.30 -4.02
N ALA A 57 -7.42 0.80 -3.44
CA ALA A 57 -7.48 0.96 -2.00
C ALA A 57 -8.22 -0.21 -1.35
N THR A 58 -9.12 -0.82 -2.12
CA THR A 58 -9.90 -1.95 -1.61
C THR A 58 -9.00 -3.07 -1.11
N TYR A 59 -7.79 -3.12 -1.64
CA TYR A 59 -6.82 -4.16 -1.24
C TYR A 59 -5.87 -3.62 -0.18
N LEU A 60 -6.34 -2.68 0.61
CA LEU A 60 -5.54 -2.09 1.68
C LEU A 60 -6.39 -1.77 2.91
N GLU A 61 -5.84 -2.02 4.08
CA GLU A 61 -6.54 -1.77 5.33
C GLU A 61 -5.70 -0.90 6.27
N ALA A 62 -6.33 0.13 6.82
CA ALA A 62 -5.64 1.03 7.74
C ALA A 62 -5.22 0.31 9.02
N GLN A 63 -3.95 -0.06 9.09
CA GLN A 63 -3.44 -0.76 10.26
C GLN A 63 -3.68 0.04 11.53
N ASN A 64 -4.55 -0.47 12.39
CA ASN A 64 -4.89 0.21 13.64
C ASN A 64 -3.79 -0.03 14.68
N SER A 65 -3.53 1.00 15.50
CA SER A 65 -2.52 0.90 16.54
C SER A 65 -3.15 0.66 17.90
N GLY A 66 -4.35 1.20 18.10
CA GLY A 66 -5.05 1.04 19.36
C GLY A 66 -5.94 2.20 19.69
N PRO A 67 -7.06 2.31 18.96
CA PRO A 67 -8.04 3.40 19.15
C PRO A 67 -8.78 3.26 20.48
N SER A 68 -9.44 4.35 20.89
CA SER A 68 -10.19 4.35 22.14
C SER A 68 -11.68 4.25 21.87
N SER A 69 -12.16 3.01 21.73
CA SER A 69 -13.58 2.77 21.47
C SER A 69 -14.17 1.84 22.51
N GLY A 70 -14.21 2.30 23.77
CA GLY A 70 -14.76 1.50 24.84
C GLY A 70 -14.27 1.95 26.20
N GLY A 1 24.87 12.84 2.34
CA GLY A 1 23.89 11.78 2.39
C GLY A 1 22.83 12.03 3.45
N SER A 2 21.95 12.99 3.20
CA SER A 2 20.90 13.32 4.15
C SER A 2 19.91 12.17 4.29
N SER A 3 18.88 12.37 5.11
CA SER A 3 17.86 11.35 5.33
C SER A 3 17.03 11.12 4.07
N GLY A 4 16.27 12.14 3.68
CA GLY A 4 15.44 12.04 2.49
C GLY A 4 14.15 11.28 2.76
N SER A 5 13.77 11.18 4.03
CA SER A 5 12.56 10.48 4.40
C SER A 5 11.42 11.47 4.68
N SER A 6 10.44 11.50 3.79
CA SER A 6 9.30 12.39 3.93
C SER A 6 8.46 12.02 5.15
N GLY A 7 7.77 10.89 5.06
CA GLY A 7 6.94 10.44 6.15
C GLY A 7 5.53 10.07 5.71
N LEU A 8 5.39 8.88 5.14
CA LEU A 8 4.10 8.40 4.67
C LEU A 8 3.53 7.35 5.60
N GLU A 9 2.29 6.94 5.35
CA GLU A 9 1.63 5.94 6.17
C GLU A 9 1.97 4.53 5.69
N GLN A 10 1.57 3.52 6.46
CA GLN A 10 1.84 2.14 6.10
C GLN A 10 0.55 1.32 6.14
N TYR A 11 0.19 0.74 5.00
CA TYR A 11 -1.02 -0.07 4.90
C TYR A 11 -0.68 -1.53 4.60
N VAL A 12 -1.50 -2.43 5.12
CA VAL A 12 -1.28 -3.86 4.90
C VAL A 12 -2.33 -4.43 3.94
N VAL A 13 -1.87 -5.30 3.04
CA VAL A 13 -2.76 -5.93 2.07
C VAL A 13 -3.81 -6.79 2.74
N VAL A 14 -4.97 -6.89 2.12
CA VAL A 14 -6.06 -7.70 2.67
C VAL A 14 -6.37 -8.89 1.78
N SER A 15 -6.13 -8.73 0.48
CA SER A 15 -6.39 -9.79 -0.49
C SER A 15 -5.19 -9.99 -1.42
N ASN A 16 -4.98 -11.22 -1.85
CA ASN A 16 -3.87 -11.54 -2.74
C ASN A 16 -4.07 -10.91 -4.11
N TYR A 17 -3.57 -9.69 -4.27
CA TYR A 17 -3.69 -8.97 -5.53
C TYR A 17 -2.79 -9.59 -6.60
N LYS A 18 -3.19 -9.41 -7.86
CA LYS A 18 -2.43 -9.96 -8.98
C LYS A 18 -1.99 -8.85 -9.93
N LYS A 19 -0.70 -8.80 -10.23
CA LYS A 19 -0.15 -7.79 -11.13
C LYS A 19 -0.81 -7.87 -12.50
N GLN A 20 -0.36 -7.01 -13.42
CA GLN A 20 -0.91 -6.99 -14.76
C GLN A 20 0.12 -6.45 -15.76
N GLU A 21 -0.23 -6.51 -17.04
CA GLU A 21 0.67 -6.02 -18.09
C GLU A 21 1.10 -4.59 -17.81
N ASN A 22 0.14 -3.75 -17.41
CA ASN A 22 0.42 -2.36 -17.11
C ASN A 22 1.16 -2.22 -15.79
N SER A 23 1.55 -0.99 -15.46
CA SER A 23 2.27 -0.72 -14.22
C SER A 23 1.46 -1.17 -13.01
N GLU A 24 1.78 -2.35 -12.48
CA GLU A 24 1.08 -2.89 -11.33
C GLU A 24 2.03 -3.65 -10.42
N LEU A 25 1.53 -4.08 -9.26
CA LEU A 25 2.35 -4.82 -8.31
C LEU A 25 1.60 -6.05 -7.79
N SER A 26 2.29 -7.18 -7.77
CA SER A 26 1.70 -8.43 -7.31
C SER A 26 1.83 -8.57 -5.80
N LEU A 27 1.22 -7.65 -5.07
CA LEU A 27 1.27 -7.68 -3.61
C LEU A 27 0.79 -9.01 -3.07
N GLN A 28 1.21 -9.34 -1.85
CA GLN A 28 0.81 -10.59 -1.21
C GLN A 28 0.00 -10.33 0.05
N ALA A 29 -0.96 -11.20 0.33
CA ALA A 29 -1.82 -11.06 1.50
C ALA A 29 -0.97 -10.92 2.77
N GLY A 30 -1.06 -9.77 3.42
CA GLY A 30 -0.30 -9.53 4.63
C GLY A 30 0.87 -8.60 4.41
N GLU A 31 1.31 -8.48 3.16
CA GLU A 31 2.43 -7.61 2.82
C GLU A 31 2.16 -6.19 3.25
N VAL A 32 3.22 -5.49 3.67
CA VAL A 32 3.09 -4.10 4.11
C VAL A 32 3.63 -3.14 3.05
N VAL A 33 2.89 -2.07 2.79
CA VAL A 33 3.28 -1.07 1.81
C VAL A 33 3.26 0.33 2.40
N ASP A 34 3.51 1.33 1.56
CA ASP A 34 3.51 2.72 2.00
C ASP A 34 2.73 3.60 1.02
N VAL A 35 1.57 4.08 1.44
CA VAL A 35 0.74 4.93 0.60
C VAL A 35 1.41 6.28 0.37
N ILE A 36 1.71 6.57 -0.89
CA ILE A 36 2.36 7.82 -1.25
C ILE A 36 1.32 8.88 -1.62
N GLU A 37 0.48 8.56 -2.60
CA GLU A 37 -0.56 9.48 -3.05
C GLU A 37 -1.93 8.81 -3.03
N LYS A 38 -2.98 9.59 -3.29
CA LYS A 38 -4.33 9.08 -3.30
C LYS A 38 -5.16 9.74 -4.39
N ASN A 39 -5.78 8.92 -5.24
CA ASN A 39 -6.61 9.44 -6.33
C ASN A 39 -8.09 9.26 -6.02
N GLU A 40 -8.87 10.29 -6.32
CA GLU A 40 -10.32 10.25 -6.07
C GLU A 40 -10.94 9.03 -6.74
N SER A 41 -10.35 8.60 -7.85
CA SER A 41 -10.86 7.44 -8.59
C SER A 41 -10.91 6.21 -7.70
N GLY A 42 -9.93 6.09 -6.81
CA GLY A 42 -9.88 4.95 -5.91
C GLY A 42 -8.54 4.25 -5.94
N TRP A 43 -7.79 4.46 -7.01
CA TRP A 43 -6.48 3.84 -7.16
C TRP A 43 -5.43 4.56 -6.32
N TRP A 44 -4.85 3.85 -5.35
CA TRP A 44 -3.84 4.43 -4.49
C TRP A 44 -2.44 4.08 -4.98
N PHE A 45 -1.48 4.98 -4.75
CA PHE A 45 -0.11 4.77 -5.16
C PHE A 45 0.77 4.38 -3.97
N VAL A 46 0.94 3.08 -3.78
CA VAL A 46 1.76 2.57 -2.68
C VAL A 46 3.16 2.21 -3.15
N SER A 47 4.08 2.08 -2.20
CA SER A 47 5.47 1.74 -2.53
C SER A 47 5.99 0.67 -1.58
N THR A 48 6.60 -0.38 -2.15
CA THR A 48 7.14 -1.47 -1.37
C THR A 48 8.66 -1.52 -1.48
N SER A 49 9.28 -2.30 -0.60
CA SER A 49 10.74 -2.43 -0.59
C SER A 49 11.25 -2.87 -1.96
N GLU A 50 10.40 -3.57 -2.70
CA GLU A 50 10.76 -4.06 -4.03
C GLU A 50 10.59 -2.96 -5.08
N GLU A 51 9.34 -2.59 -5.35
CA GLU A 51 9.03 -1.55 -6.32
C GLU A 51 7.74 -0.85 -5.98
N GLN A 52 7.41 0.20 -6.76
CA GLN A 52 6.18 0.95 -6.53
C GLN A 52 5.18 0.71 -7.65
N GLY A 53 3.89 0.82 -7.31
CA GLY A 53 2.85 0.60 -8.30
C GLY A 53 1.51 1.14 -7.85
N TRP A 54 0.53 1.13 -8.76
CA TRP A 54 -0.80 1.63 -8.44
C TRP A 54 -1.77 0.48 -8.21
N VAL A 55 -2.41 0.48 -7.04
CA VAL A 55 -3.35 -0.57 -6.69
C VAL A 55 -4.59 0.01 -6.01
N PRO A 56 -5.71 -0.72 -6.09
CA PRO A 56 -6.98 -0.30 -5.49
C PRO A 56 -6.95 -0.33 -3.97
N ALA A 57 -7.44 0.73 -3.36
CA ALA A 57 -7.46 0.83 -1.90
C ALA A 57 -8.21 -0.36 -1.29
N THR A 58 -9.11 -0.94 -2.07
CA THR A 58 -9.90 -2.08 -1.60
C THR A 58 -9.00 -3.21 -1.13
N TYR A 59 -7.77 -3.25 -1.66
CA TYR A 59 -6.82 -4.29 -1.29
C TYR A 59 -5.86 -3.78 -0.20
N LEU A 60 -6.34 -2.84 0.59
CA LEU A 60 -5.53 -2.27 1.67
C LEU A 60 -6.38 -2.02 2.91
N GLU A 61 -5.73 -2.01 4.08
CA GLU A 61 -6.42 -1.77 5.33
C GLU A 61 -5.54 -1.00 6.30
N ALA A 62 -6.04 0.13 6.78
CA ALA A 62 -5.30 0.96 7.72
C ALA A 62 -4.87 0.15 8.94
N GLN A 63 -3.56 -0.08 9.05
CA GLN A 63 -3.01 -0.84 10.16
C GLN A 63 -3.45 -0.25 11.50
N ASN A 64 -4.27 -1.00 12.23
CA ASN A 64 -4.76 -0.56 13.53
C ASN A 64 -4.60 -1.64 14.58
N SER A 65 -3.34 -1.93 14.92
CA SER A 65 -3.04 -2.95 15.93
C SER A 65 -3.69 -4.28 15.54
N GLY A 66 -3.43 -4.74 14.32
CA GLY A 66 -3.99 -5.99 13.86
C GLY A 66 -3.73 -6.23 12.38
N PRO A 67 -2.48 -6.56 12.03
CA PRO A 67 -2.08 -6.81 10.65
C PRO A 67 -2.67 -8.11 10.11
N SER A 68 -3.67 -7.98 9.24
CA SER A 68 -4.32 -9.14 8.65
C SER A 68 -3.47 -9.74 7.53
N SER A 69 -3.16 -11.03 7.64
CA SER A 69 -2.35 -11.71 6.65
C SER A 69 -3.03 -12.99 6.18
N GLY A 70 -3.06 -13.20 4.87
CA GLY A 70 -3.68 -14.39 4.31
C GLY A 70 -2.68 -15.47 3.98
N GLY A 1 24.25 7.91 9.77
CA GLY A 1 24.61 7.13 8.60
C GLY A 1 23.99 7.66 7.32
N SER A 2 22.66 7.71 7.29
CA SER A 2 21.94 8.20 6.11
C SER A 2 20.85 9.19 6.52
N SER A 3 20.76 10.29 5.79
CA SER A 3 19.77 11.32 6.08
C SER A 3 18.49 11.07 5.28
N GLY A 4 17.52 10.42 5.93
CA GLY A 4 16.26 10.13 5.28
C GLY A 4 15.16 9.78 6.25
N SER A 5 13.93 10.12 5.90
CA SER A 5 12.78 9.85 6.77
C SER A 5 11.57 9.43 5.94
N SER A 6 10.61 8.80 6.60
CA SER A 6 9.39 8.34 5.93
C SER A 6 8.15 8.73 6.73
N GLY A 7 7.44 9.74 6.26
CA GLY A 7 6.23 10.19 6.95
C GLY A 7 4.97 9.78 6.22
N LEU A 8 5.02 8.64 5.56
CA LEU A 8 3.86 8.14 4.82
C LEU A 8 3.10 7.10 5.63
N GLU A 9 1.82 6.91 5.29
CA GLU A 9 0.98 5.95 5.98
C GLU A 9 1.22 4.53 5.46
N GLN A 10 1.61 3.63 6.36
CA GLN A 10 1.87 2.24 5.98
C GLN A 10 0.59 1.41 6.02
N TYR A 11 0.15 0.97 4.85
CA TYR A 11 -1.07 0.17 4.75
C TYR A 11 -0.73 -1.29 4.46
N VAL A 12 -1.56 -2.19 4.99
CA VAL A 12 -1.36 -3.62 4.80
C VAL A 12 -2.35 -4.19 3.79
N VAL A 13 -1.88 -5.10 2.94
CA VAL A 13 -2.72 -5.72 1.93
C VAL A 13 -3.78 -6.62 2.57
N VAL A 14 -4.95 -6.68 1.95
CA VAL A 14 -6.04 -7.51 2.45
C VAL A 14 -6.40 -8.61 1.47
N SER A 15 -6.10 -8.39 0.19
CA SER A 15 -6.39 -9.37 -0.85
C SER A 15 -5.17 -9.57 -1.75
N ASN A 16 -5.00 -10.80 -2.23
CA ASN A 16 -3.89 -11.12 -3.12
C ASN A 16 -4.05 -10.47 -4.48
N TYR A 17 -3.01 -9.77 -4.93
CA TYR A 17 -3.05 -9.10 -6.22
C TYR A 17 -2.09 -9.76 -7.22
N LYS A 18 -2.47 -9.74 -8.49
CA LYS A 18 -1.65 -10.33 -9.54
C LYS A 18 -1.51 -9.38 -10.73
N LYS A 19 -0.31 -8.90 -10.94
CA LYS A 19 -0.03 -7.98 -12.05
C LYS A 19 0.01 -8.73 -13.38
N GLN A 20 -0.32 -8.03 -14.45
CA GLN A 20 -0.32 -8.62 -15.78
C GLN A 20 0.39 -7.72 -16.79
N GLU A 21 -0.24 -6.62 -17.14
CA GLU A 21 0.33 -5.67 -18.10
C GLU A 21 0.40 -4.26 -17.50
N ASN A 22 -0.77 -3.73 -17.14
CA ASN A 22 -0.84 -2.39 -16.56
C ASN A 22 0.09 -2.27 -15.36
N SER A 23 0.36 -1.03 -14.94
CA SER A 23 1.24 -0.79 -13.80
C SER A 23 0.60 -1.27 -12.51
N GLU A 24 0.91 -2.51 -12.13
CA GLU A 24 0.36 -3.10 -10.92
C GLU A 24 1.44 -3.87 -10.15
N LEU A 25 1.30 -3.91 -8.83
CA LEU A 25 2.25 -4.61 -7.99
C LEU A 25 1.65 -5.91 -7.44
N SER A 26 2.34 -7.02 -7.67
CA SER A 26 1.88 -8.32 -7.21
C SER A 26 2.10 -8.47 -5.72
N LEU A 27 1.30 -7.76 -4.92
CA LEU A 27 1.41 -7.81 -3.47
C LEU A 27 0.97 -9.18 -2.95
N GLN A 28 0.92 -9.30 -1.62
CA GLN A 28 0.52 -10.55 -0.99
C GLN A 28 -0.26 -10.28 0.29
N ALA A 29 -1.24 -11.14 0.57
CA ALA A 29 -2.06 -11.00 1.77
C ALA A 29 -1.20 -10.92 3.02
N GLY A 30 -1.15 -9.74 3.64
CA GLY A 30 -0.36 -9.56 4.83
C GLY A 30 0.83 -8.65 4.62
N GLU A 31 1.22 -8.49 3.35
CA GLU A 31 2.36 -7.65 3.00
C GLU A 31 2.09 -6.19 3.40
N VAL A 32 3.15 -5.48 3.75
CA VAL A 32 3.03 -4.07 4.14
C VAL A 32 3.62 -3.16 3.08
N VAL A 33 2.91 -2.08 2.78
CA VAL A 33 3.37 -1.11 1.79
C VAL A 33 3.29 0.31 2.33
N ASP A 34 3.78 1.27 1.54
CA ASP A 34 3.77 2.67 1.94
C ASP A 34 2.92 3.50 0.98
N VAL A 35 1.75 3.92 1.46
CA VAL A 35 0.84 4.72 0.64
C VAL A 35 1.43 6.09 0.35
N ILE A 36 1.88 6.28 -0.89
CA ILE A 36 2.47 7.56 -1.29
C ILE A 36 1.39 8.58 -1.61
N GLU A 37 0.60 8.30 -2.66
CA GLU A 37 -0.47 9.20 -3.06
C GLU A 37 -1.83 8.55 -2.86
N LYS A 38 -2.89 9.30 -3.15
CA LYS A 38 -4.25 8.80 -2.99
C LYS A 38 -5.20 9.49 -3.97
N ASN A 39 -5.67 8.74 -4.96
CA ASN A 39 -6.59 9.29 -5.96
C ASN A 39 -8.04 9.08 -5.54
N GLU A 40 -8.85 10.11 -5.70
CA GLU A 40 -10.26 10.04 -5.33
C GLU A 40 -10.95 8.88 -6.05
N SER A 41 -10.41 8.50 -7.20
CA SER A 41 -10.97 7.40 -7.97
C SER A 41 -11.06 6.13 -7.14
N GLY A 42 -10.08 5.92 -6.27
CA GLY A 42 -10.07 4.75 -5.42
C GLY A 42 -8.74 4.01 -5.46
N TRP A 43 -7.96 4.27 -6.51
CA TRP A 43 -6.66 3.63 -6.67
C TRP A 43 -5.55 4.49 -6.08
N TRP A 44 -4.79 3.92 -5.16
CA TRP A 44 -3.69 4.64 -4.53
C TRP A 44 -2.34 4.15 -5.06
N PHE A 45 -1.29 4.91 -4.77
CA PHE A 45 0.06 4.56 -5.21
C PHE A 45 0.94 4.17 -4.03
N VAL A 46 1.03 2.86 -3.78
CA VAL A 46 1.84 2.35 -2.68
C VAL A 46 3.25 2.01 -3.15
N SER A 47 4.21 2.10 -2.23
CA SER A 47 5.60 1.80 -2.56
C SER A 47 6.19 0.81 -1.55
N THR A 48 6.84 -0.23 -2.07
CA THR A 48 7.45 -1.25 -1.22
C THR A 48 8.96 -1.27 -1.39
N SER A 49 9.65 -1.95 -0.47
CA SER A 49 11.10 -2.04 -0.51
C SER A 49 11.58 -2.58 -1.86
N GLU A 50 10.72 -3.36 -2.51
CA GLU A 50 11.06 -3.94 -3.80
C GLU A 50 10.81 -2.93 -4.93
N GLU A 51 9.53 -2.63 -5.18
CA GLU A 51 9.17 -1.68 -6.23
C GLU A 51 7.91 -0.93 -5.86
N GLN A 52 7.48 -0.02 -6.74
CA GLN A 52 6.28 0.77 -6.51
C GLN A 52 5.27 0.58 -7.63
N GLY A 53 3.99 0.73 -7.30
CA GLY A 53 2.94 0.56 -8.30
C GLY A 53 1.60 1.08 -7.82
N TRP A 54 0.69 1.30 -8.74
CA TRP A 54 -0.64 1.80 -8.42
C TRP A 54 -1.62 0.65 -8.19
N VAL A 55 -2.15 0.56 -6.98
CA VAL A 55 -3.11 -0.49 -6.65
C VAL A 55 -4.39 0.10 -6.07
N PRO A 56 -5.49 -0.67 -6.18
CA PRO A 56 -6.80 -0.25 -5.68
C PRO A 56 -6.85 -0.22 -4.16
N ALA A 57 -7.34 0.89 -3.61
CA ALA A 57 -7.45 1.04 -2.16
C ALA A 57 -8.19 -0.12 -1.54
N THR A 58 -9.10 -0.72 -2.31
CA THR A 58 -9.89 -1.85 -1.83
C THR A 58 -8.99 -2.98 -1.35
N TYR A 59 -7.77 -3.03 -1.87
CA TYR A 59 -6.81 -4.06 -1.49
C TYR A 59 -5.88 -3.56 -0.39
N LEU A 60 -6.37 -2.63 0.42
CA LEU A 60 -5.58 -2.06 1.50
C LEU A 60 -6.46 -1.72 2.70
N GLU A 61 -5.88 -1.77 3.89
CA GLU A 61 -6.61 -1.46 5.12
C GLU A 61 -5.73 -0.77 6.13
N ALA A 62 -6.20 0.37 6.65
CA ALA A 62 -5.45 1.13 7.63
C ALA A 62 -5.06 0.28 8.83
N GLN A 63 -3.77 0.00 8.97
CA GLN A 63 -3.28 -0.81 10.07
C GLN A 63 -3.76 -0.27 11.41
N ASN A 64 -4.12 -1.19 12.31
CA ASN A 64 -4.61 -0.80 13.63
C ASN A 64 -5.81 0.12 13.52
N SER A 65 -6.73 -0.21 12.62
CA SER A 65 -7.93 0.59 12.42
C SER A 65 -8.99 -0.20 11.64
N GLY A 66 -10.17 -0.34 12.23
CA GLY A 66 -11.24 -1.08 11.59
C GLY A 66 -12.05 -1.90 12.57
N PRO A 67 -12.86 -1.21 13.40
CA PRO A 67 -13.71 -1.87 14.39
C PRO A 67 -14.85 -2.66 13.76
N SER A 68 -15.30 -3.70 14.45
CA SER A 68 -16.39 -4.53 13.96
C SER A 68 -17.69 -4.21 14.67
N SER A 69 -17.59 -3.81 15.94
CA SER A 69 -18.76 -3.47 16.74
C SER A 69 -18.91 -1.96 16.87
N GLY A 70 -19.88 -1.41 16.14
CA GLY A 70 -20.11 0.02 16.19
C GLY A 70 -20.67 0.55 14.89
N GLY A 1 21.64 5.43 -3.89
CA GLY A 1 20.48 6.24 -3.61
C GLY A 1 20.73 7.25 -2.51
N SER A 2 19.67 7.96 -2.10
CA SER A 2 19.79 8.96 -1.05
C SER A 2 18.59 8.89 -0.10
N SER A 3 18.88 8.83 1.20
CA SER A 3 17.84 8.76 2.21
C SER A 3 17.66 10.11 2.90
N GLY A 4 16.40 10.52 3.04
CA GLY A 4 16.11 11.79 3.69
C GLY A 4 14.79 11.78 4.43
N SER A 5 14.33 12.96 4.83
CA SER A 5 13.07 13.08 5.56
C SER A 5 11.89 12.64 4.69
N SER A 6 10.93 11.96 5.30
CA SER A 6 9.76 11.47 4.58
C SER A 6 8.60 11.23 5.53
N GLY A 7 7.38 11.33 5.01
CA GLY A 7 6.20 11.11 5.83
C GLY A 7 5.04 10.57 5.03
N LEU A 8 4.73 9.29 5.22
CA LEU A 8 3.63 8.65 4.52
C LEU A 8 2.89 7.66 5.42
N GLU A 9 1.70 7.28 5.01
CA GLU A 9 0.89 6.33 5.79
C GLU A 9 1.03 4.91 5.24
N GLN A 10 1.47 3.99 6.10
CA GLN A 10 1.65 2.61 5.71
C GLN A 10 0.33 1.85 5.79
N TYR A 11 0.07 1.02 4.79
CA TYR A 11 -1.17 0.22 4.75
C TYR A 11 -0.86 -1.26 4.57
N VAL A 12 -1.71 -2.10 5.15
CA VAL A 12 -1.53 -3.54 5.05
C VAL A 12 -2.45 -4.15 3.99
N VAL A 13 -1.92 -5.10 3.23
CA VAL A 13 -2.70 -5.75 2.19
C VAL A 13 -3.72 -6.72 2.78
N VAL A 14 -4.84 -6.88 2.09
CA VAL A 14 -5.91 -7.78 2.56
C VAL A 14 -6.10 -8.94 1.60
N SER A 15 -5.73 -8.73 0.33
CA SER A 15 -5.87 -9.76 -0.70
C SER A 15 -4.63 -9.81 -1.58
N ASN A 16 -4.29 -11.01 -2.05
CA ASN A 16 -3.13 -11.20 -2.90
C ASN A 16 -3.38 -10.64 -4.30
N TYR A 17 -3.17 -9.33 -4.45
CA TYR A 17 -3.38 -8.68 -5.74
C TYR A 17 -2.47 -9.28 -6.81
N LYS A 18 -2.99 -9.35 -8.03
CA LYS A 18 -2.22 -9.90 -9.15
C LYS A 18 -2.14 -8.90 -10.29
N LYS A 19 -0.93 -8.64 -10.77
CA LYS A 19 -0.71 -7.70 -11.86
C LYS A 19 -1.60 -8.04 -13.05
N GLN A 20 -1.92 -7.03 -13.86
CA GLN A 20 -2.77 -7.22 -15.03
C GLN A 20 -1.96 -7.07 -16.32
N GLU A 21 -1.51 -5.85 -16.58
CA GLU A 21 -0.72 -5.57 -17.78
C GLU A 21 0.61 -4.93 -17.42
N ASN A 22 0.56 -3.78 -16.77
CA ASN A 22 1.77 -3.06 -16.36
C ASN A 22 1.46 -2.03 -15.29
N SER A 23 2.50 -1.45 -14.70
CA SER A 23 2.35 -0.45 -13.65
C SER A 23 1.50 -1.00 -12.50
N GLU A 24 1.60 -2.30 -12.27
CA GLU A 24 0.85 -2.95 -11.20
C GLU A 24 1.75 -3.85 -10.36
N LEU A 25 1.68 -3.69 -9.05
CA LEU A 25 2.50 -4.48 -8.14
C LEU A 25 1.73 -5.70 -7.64
N SER A 26 2.30 -6.89 -7.83
CA SER A 26 1.67 -8.12 -7.40
C SER A 26 1.90 -8.36 -5.91
N LEU A 27 1.25 -7.55 -5.08
CA LEU A 27 1.39 -7.67 -3.63
C LEU A 27 0.91 -9.04 -3.16
N GLN A 28 1.00 -9.27 -1.85
CA GLN A 28 0.58 -10.54 -1.26
C GLN A 28 -0.17 -10.32 0.04
N ALA A 29 -1.06 -11.25 0.38
CA ALA A 29 -1.84 -11.15 1.60
C ALA A 29 -0.94 -11.13 2.83
N GLY A 30 -1.10 -10.08 3.65
CA GLY A 30 -0.29 -9.95 4.85
C GLY A 30 0.98 -9.15 4.61
N GLU A 31 0.98 -8.35 3.56
CA GLU A 31 2.14 -7.53 3.21
C GLU A 31 1.90 -6.07 3.62
N VAL A 32 3.00 -5.36 3.90
CA VAL A 32 2.92 -3.97 4.29
C VAL A 32 3.51 -3.06 3.23
N VAL A 33 2.82 -1.97 2.93
CA VAL A 33 3.30 -1.01 1.92
C VAL A 33 3.20 0.42 2.44
N ASP A 34 3.64 1.36 1.61
CA ASP A 34 3.61 2.78 1.98
C ASP A 34 2.76 3.57 1.00
N VAL A 35 1.57 3.97 1.44
CA VAL A 35 0.66 4.75 0.59
C VAL A 35 1.22 6.15 0.34
N ILE A 36 1.76 6.36 -0.86
CA ILE A 36 2.32 7.65 -1.22
C ILE A 36 1.22 8.64 -1.63
N GLU A 37 0.52 8.32 -2.71
CA GLU A 37 -0.56 9.17 -3.20
C GLU A 37 -1.91 8.45 -3.11
N LYS A 38 -2.98 9.15 -3.46
CA LYS A 38 -4.31 8.59 -3.43
C LYS A 38 -5.21 9.23 -4.48
N ASN A 39 -5.64 8.45 -5.46
CA ASN A 39 -6.50 8.94 -6.53
C ASN A 39 -7.97 8.88 -6.11
N GLU A 40 -8.70 9.95 -6.42
CA GLU A 40 -10.12 10.01 -6.08
C GLU A 40 -10.88 8.82 -6.65
N SER A 41 -10.35 8.26 -7.73
CA SER A 41 -10.98 7.11 -8.38
C SER A 41 -11.02 5.91 -7.44
N GLY A 42 -10.01 5.80 -6.58
CA GLY A 42 -9.96 4.70 -5.64
C GLY A 42 -8.63 3.98 -5.67
N TRP A 43 -7.87 4.17 -6.75
CA TRP A 43 -6.57 3.52 -6.90
C TRP A 43 -5.47 4.39 -6.31
N TRP A 44 -4.82 3.91 -5.27
CA TRP A 44 -3.74 4.64 -4.62
C TRP A 44 -2.38 4.15 -5.10
N PHE A 45 -1.34 4.93 -4.82
CA PHE A 45 0.01 4.57 -5.22
C PHE A 45 0.86 4.19 -4.01
N VAL A 46 0.97 2.89 -3.75
CA VAL A 46 1.75 2.39 -2.63
C VAL A 46 3.17 2.04 -3.06
N SER A 47 4.08 1.98 -2.08
CA SER A 47 5.46 1.66 -2.36
C SER A 47 5.92 0.45 -1.54
N THR A 48 6.75 -0.39 -2.15
CA THR A 48 7.25 -1.59 -1.48
C THR A 48 8.77 -1.65 -1.53
N SER A 49 9.36 -2.48 -0.68
CA SER A 49 10.81 -2.64 -0.63
C SER A 49 11.36 -2.95 -2.01
N GLU A 50 10.56 -3.59 -2.84
CA GLU A 50 10.97 -3.96 -4.19
C GLU A 50 10.81 -2.78 -5.15
N GLU A 51 9.56 -2.40 -5.40
CA GLU A 51 9.26 -1.29 -6.30
C GLU A 51 7.94 -0.62 -5.93
N GLN A 52 7.53 0.36 -6.72
CA GLN A 52 6.30 1.08 -6.47
C GLN A 52 5.30 0.85 -7.61
N GLY A 53 4.01 0.86 -7.27
CA GLY A 53 2.98 0.65 -8.26
C GLY A 53 1.62 1.13 -7.80
N TRP A 54 0.72 1.39 -8.75
CA TRP A 54 -0.62 1.85 -8.44
C TRP A 54 -1.57 0.67 -8.20
N VAL A 55 -2.13 0.61 -7.00
CA VAL A 55 -3.05 -0.47 -6.66
C VAL A 55 -4.36 0.09 -6.10
N PRO A 56 -5.43 -0.71 -6.20
CA PRO A 56 -6.76 -0.32 -5.72
C PRO A 56 -6.83 -0.27 -4.19
N ALA A 57 -7.36 0.83 -3.67
CA ALA A 57 -7.48 1.00 -2.22
C ALA A 57 -8.18 -0.20 -1.59
N THR A 58 -9.06 -0.84 -2.36
CA THR A 58 -9.79 -2.00 -1.86
C THR A 58 -8.84 -3.09 -1.37
N TYR A 59 -7.62 -3.09 -1.91
CA TYR A 59 -6.62 -4.07 -1.53
C TYR A 59 -5.70 -3.51 -0.45
N LEU A 60 -6.22 -2.59 0.35
CA LEU A 60 -5.44 -1.97 1.41
C LEU A 60 -6.31 -1.67 2.63
N GLU A 61 -5.74 -1.79 3.81
CA GLU A 61 -6.47 -1.51 5.05
C GLU A 61 -5.61 -0.73 6.04
N ALA A 62 -6.27 0.06 6.87
CA ALA A 62 -5.55 0.87 7.87
C ALA A 62 -5.20 0.03 9.09
N GLN A 63 -3.93 -0.35 9.20
CA GLN A 63 -3.46 -1.15 10.32
C GLN A 63 -3.84 -0.49 11.64
N ASN A 64 -4.48 -1.27 12.52
CA ASN A 64 -4.91 -0.76 13.82
C ASN A 64 -3.70 -0.50 14.72
N SER A 65 -3.70 0.65 15.37
CA SER A 65 -2.59 1.02 16.26
C SER A 65 -3.08 1.17 17.69
N GLY A 66 -3.54 0.05 18.27
CA GLY A 66 -4.03 0.07 19.63
C GLY A 66 -4.90 -1.12 19.95
N PRO A 67 -4.28 -2.30 20.06
CA PRO A 67 -4.99 -3.55 20.36
C PRO A 67 -5.51 -3.59 21.79
N SER A 68 -6.19 -4.67 22.14
CA SER A 68 -6.73 -4.83 23.49
C SER A 68 -5.76 -5.58 24.40
N SER A 69 -5.47 -4.99 25.55
CA SER A 69 -4.55 -5.60 26.51
C SER A 69 -4.99 -5.32 27.94
N GLY A 70 -4.29 -5.91 28.89
CA GLY A 70 -4.62 -5.72 30.29
C GLY A 70 -4.75 -7.03 31.05
N GLY A 1 22.87 8.46 -0.56
CA GLY A 1 22.16 9.55 0.04
C GLY A 1 21.33 9.13 1.24
N SER A 2 21.72 9.61 2.42
CA SER A 2 21.01 9.26 3.65
C SER A 2 19.54 9.63 3.55
N SER A 3 18.70 8.62 3.31
CA SER A 3 17.26 8.84 3.18
C SER A 3 16.69 9.45 4.46
N GLY A 4 15.85 10.46 4.30
CA GLY A 4 15.24 11.11 5.44
C GLY A 4 14.04 10.36 5.99
N SER A 5 13.09 11.09 6.54
CA SER A 5 11.89 10.47 7.11
C SER A 5 10.65 10.85 6.30
N SER A 6 10.17 9.91 5.50
CA SER A 6 8.99 10.14 4.67
C SER A 6 7.71 9.92 5.47
N GLY A 7 7.01 11.01 5.78
CA GLY A 7 5.78 10.91 6.54
C GLY A 7 4.64 10.35 5.71
N LEU A 8 4.57 9.02 5.65
CA LEU A 8 3.51 8.35 4.89
C LEU A 8 2.75 7.36 5.77
N GLU A 9 1.62 6.89 5.27
CA GLU A 9 0.80 5.93 6.01
C GLU A 9 1.01 4.51 5.49
N GLN A 10 1.55 3.64 6.35
CA GLN A 10 1.81 2.26 5.98
C GLN A 10 0.53 1.43 6.06
N TYR A 11 0.05 0.97 4.91
CA TYR A 11 -1.17 0.18 4.85
C TYR A 11 -0.83 -1.30 4.65
N VAL A 12 -1.66 -2.17 5.23
CA VAL A 12 -1.45 -3.61 5.12
C VAL A 12 -2.39 -4.22 4.07
N VAL A 13 -1.86 -5.16 3.30
CA VAL A 13 -2.64 -5.83 2.26
C VAL A 13 -3.63 -6.81 2.87
N VAL A 14 -4.77 -6.98 2.21
CA VAL A 14 -5.80 -7.89 2.68
C VAL A 14 -6.02 -9.03 1.69
N SER A 15 -5.71 -8.79 0.43
CA SER A 15 -5.87 -9.79 -0.62
C SER A 15 -4.65 -9.83 -1.53
N ASN A 16 -4.35 -11.01 -2.06
CA ASN A 16 -3.20 -11.19 -2.95
C ASN A 16 -3.50 -10.61 -4.33
N TYR A 17 -2.93 -9.45 -4.61
CA TYR A 17 -3.13 -8.79 -5.90
C TYR A 17 -2.27 -9.43 -6.98
N LYS A 18 -2.77 -9.42 -8.21
CA LYS A 18 -2.05 -9.99 -9.34
C LYS A 18 -2.01 -9.02 -10.51
N LYS A 19 -0.80 -8.74 -10.99
CA LYS A 19 -0.61 -7.82 -12.11
C LYS A 19 -1.29 -8.36 -13.37
N GLN A 20 -1.70 -7.45 -14.25
CA GLN A 20 -2.36 -7.85 -15.49
C GLN A 20 -1.53 -7.42 -16.70
N GLU A 21 -1.32 -6.11 -16.83
CA GLU A 21 -0.54 -5.58 -17.94
C GLU A 21 0.79 -5.01 -17.46
N ASN A 22 0.73 -3.85 -16.79
CA ASN A 22 1.93 -3.21 -16.27
C ASN A 22 1.56 -2.11 -15.28
N SER A 23 2.58 -1.55 -14.63
CA SER A 23 2.37 -0.48 -13.65
C SER A 23 1.52 -0.98 -12.48
N GLU A 24 1.57 -2.28 -12.23
CA GLU A 24 0.81 -2.88 -11.15
C GLU A 24 1.67 -3.84 -10.33
N LEU A 25 1.60 -3.70 -9.01
CA LEU A 25 2.38 -4.55 -8.11
C LEU A 25 1.57 -5.77 -7.68
N SER A 26 2.17 -6.94 -7.79
CA SER A 26 1.51 -8.19 -7.42
C SER A 26 1.65 -8.44 -5.92
N LEU A 27 1.10 -7.53 -5.12
CA LEU A 27 1.17 -7.65 -3.67
C LEU A 27 0.53 -8.96 -3.20
N GLN A 28 0.80 -9.33 -1.96
CA GLN A 28 0.27 -10.57 -1.39
C GLN A 28 -0.47 -10.29 -0.08
N ALA A 29 -1.30 -11.23 0.32
CA ALA A 29 -2.06 -11.10 1.56
C ALA A 29 -1.15 -11.10 2.77
N GLY A 30 -1.18 -10.01 3.54
CA GLY A 30 -0.34 -9.90 4.73
C GLY A 30 0.83 -8.96 4.53
N GLU A 31 1.18 -8.71 3.27
CA GLU A 31 2.29 -7.82 2.95
C GLU A 31 1.97 -6.38 3.36
N VAL A 32 3.01 -5.59 3.59
CA VAL A 32 2.84 -4.20 4.00
C VAL A 32 3.43 -3.25 2.96
N VAL A 33 2.78 -2.11 2.76
CA VAL A 33 3.24 -1.12 1.79
C VAL A 33 3.18 0.29 2.38
N ASP A 34 3.52 1.28 1.56
CA ASP A 34 3.50 2.66 2.01
C ASP A 34 2.75 3.54 1.00
N VAL A 35 1.56 3.98 1.40
CA VAL A 35 0.74 4.83 0.54
C VAL A 35 1.40 6.19 0.32
N ILE A 36 1.67 6.51 -0.93
CA ILE A 36 2.30 7.78 -1.28
C ILE A 36 1.27 8.79 -1.79
N GLU A 37 0.62 8.44 -2.90
CA GLU A 37 -0.39 9.31 -3.49
C GLU A 37 -1.77 8.66 -3.44
N LYS A 38 -2.81 9.48 -3.46
CA LYS A 38 -4.18 8.98 -3.41
C LYS A 38 -5.05 9.70 -4.44
N ASN A 39 -5.63 8.94 -5.36
CA ASN A 39 -6.49 9.50 -6.39
C ASN A 39 -7.93 9.57 -5.92
N GLU A 40 -8.78 10.25 -6.71
CA GLU A 40 -10.19 10.38 -6.37
C GLU A 40 -11.03 9.33 -7.07
N SER A 41 -10.40 8.19 -7.38
CA SER A 41 -11.09 7.10 -8.06
C SER A 41 -11.12 5.85 -7.18
N GLY A 42 -10.14 5.73 -6.30
CA GLY A 42 -10.08 4.59 -5.41
C GLY A 42 -8.73 3.88 -5.46
N TRP A 43 -7.98 4.12 -6.54
CA TRP A 43 -6.68 3.50 -6.71
C TRP A 43 -5.57 4.39 -6.13
N TRP A 44 -4.87 3.86 -5.13
CA TRP A 44 -3.79 4.61 -4.49
C TRP A 44 -2.43 4.15 -5.00
N PHE A 45 -1.40 4.95 -4.77
CA PHE A 45 -0.05 4.63 -5.20
C PHE A 45 0.83 4.26 -4.01
N VAL A 46 1.02 2.96 -3.80
CA VAL A 46 1.84 2.47 -2.70
C VAL A 46 3.24 2.10 -3.18
N SER A 47 4.21 2.17 -2.27
CA SER A 47 5.59 1.85 -2.61
C SER A 47 6.16 0.82 -1.63
N THR A 48 6.76 -0.23 -2.17
CA THR A 48 7.35 -1.28 -1.35
C THR A 48 8.87 -1.29 -1.46
N SER A 49 9.52 -1.99 -0.55
CA SER A 49 10.97 -2.08 -0.55
C SER A 49 11.49 -2.59 -1.89
N GLU A 50 10.66 -3.35 -2.59
CA GLU A 50 11.03 -3.89 -3.90
C GLU A 50 10.81 -2.86 -5.00
N GLU A 51 9.54 -2.54 -5.24
CA GLU A 51 9.19 -1.56 -6.27
C GLU A 51 7.92 -0.81 -5.91
N GLN A 52 7.48 0.08 -6.79
CA GLN A 52 6.28 0.87 -6.55
C GLN A 52 5.25 0.63 -7.66
N GLY A 53 3.99 0.79 -7.31
CA GLY A 53 2.92 0.59 -8.28
C GLY A 53 1.58 1.08 -7.79
N TRP A 54 0.64 1.28 -8.71
CA TRP A 54 -0.69 1.76 -8.36
C TRP A 54 -1.64 0.58 -8.12
N VAL A 55 -2.20 0.52 -6.91
CA VAL A 55 -3.12 -0.54 -6.55
C VAL A 55 -4.41 0.02 -5.98
N PRO A 56 -5.50 -0.77 -6.07
CA PRO A 56 -6.82 -0.38 -5.57
C PRO A 56 -6.87 -0.32 -4.04
N ALA A 57 -7.38 0.79 -3.51
CA ALA A 57 -7.48 0.96 -2.06
C ALA A 57 -8.18 -0.22 -1.42
N THR A 58 -9.09 -0.86 -2.17
CA THR A 58 -9.82 -2.01 -1.67
C THR A 58 -8.87 -3.10 -1.19
N TYR A 59 -7.66 -3.12 -1.73
CA TYR A 59 -6.66 -4.10 -1.35
C TYR A 59 -5.72 -3.56 -0.29
N LEU A 60 -6.22 -2.60 0.50
CA LEU A 60 -5.43 -1.99 1.56
C LEU A 60 -6.30 -1.66 2.77
N GLU A 61 -5.76 -1.89 3.96
CA GLU A 61 -6.49 -1.61 5.19
C GLU A 61 -5.65 -0.76 6.14
N ALA A 62 -6.32 0.03 6.97
CA ALA A 62 -5.64 0.89 7.93
C ALA A 62 -5.20 0.10 9.16
N GLN A 63 -3.92 -0.25 9.21
CA GLN A 63 -3.38 -1.01 10.33
C GLN A 63 -3.70 -0.31 11.65
N ASN A 64 -4.59 -0.92 12.44
CA ASN A 64 -4.97 -0.36 13.72
C ASN A 64 -4.23 -1.05 14.87
N SER A 65 -4.03 -0.33 15.96
CA SER A 65 -3.33 -0.88 17.12
C SER A 65 -4.32 -1.50 18.10
N GLY A 66 -4.00 -2.71 18.57
CA GLY A 66 -4.87 -3.39 19.51
C GLY A 66 -4.11 -4.33 20.42
N PRO A 67 -3.31 -3.75 21.34
CA PRO A 67 -2.51 -4.53 22.30
C PRO A 67 -3.38 -5.23 23.34
N SER A 68 -4.59 -4.73 23.53
CA SER A 68 -5.51 -5.30 24.50
C SER A 68 -6.44 -6.32 23.85
N SER A 69 -6.18 -7.60 24.12
CA SER A 69 -6.98 -8.68 23.55
C SER A 69 -8.46 -8.48 23.86
N GLY A 70 -8.78 -8.40 25.16
CA GLY A 70 -10.16 -8.21 25.58
C GLY A 70 -10.49 -6.75 25.81
N GLY A 1 23.35 9.79 -1.69
CA GLY A 1 22.00 10.32 -1.50
C GLY A 1 21.69 10.57 -0.05
N SER A 2 21.29 11.80 0.27
CA SER A 2 20.96 12.18 1.64
C SER A 2 19.45 12.07 1.88
N SER A 3 19.08 11.86 3.14
CA SER A 3 17.68 11.73 3.50
C SER A 3 17.42 12.28 4.91
N GLY A 4 16.16 12.29 5.32
CA GLY A 4 15.82 12.79 6.64
C GLY A 4 14.76 11.95 7.32
N SER A 5 13.50 12.16 6.93
CA SER A 5 12.38 11.41 7.50
C SER A 5 11.36 11.05 6.43
N SER A 6 10.67 9.94 6.64
CA SER A 6 9.66 9.47 5.70
C SER A 6 8.26 9.53 6.32
N GLY A 7 7.44 10.43 5.81
CA GLY A 7 6.08 10.58 6.31
C GLY A 7 5.05 9.97 5.39
N LEU A 8 4.95 8.65 5.41
CA LEU A 8 3.99 7.95 4.56
C LEU A 8 3.15 6.98 5.37
N GLU A 9 1.87 6.86 5.03
CA GLU A 9 0.97 5.96 5.74
C GLU A 9 1.15 4.52 5.27
N GLN A 10 1.75 3.70 6.13
CA GLN A 10 1.99 2.30 5.80
C GLN A 10 0.70 1.48 5.93
N TYR A 11 0.17 1.05 4.79
CA TYR A 11 -1.06 0.26 4.76
C TYR A 11 -0.75 -1.22 4.59
N VAL A 12 -1.55 -2.07 5.23
CA VAL A 12 -1.36 -3.51 5.14
C VAL A 12 -2.34 -4.12 4.13
N VAL A 13 -1.81 -5.02 3.30
CA VAL A 13 -2.63 -5.69 2.30
C VAL A 13 -3.61 -6.66 2.93
N VAL A 14 -4.77 -6.83 2.30
CA VAL A 14 -5.80 -7.73 2.80
C VAL A 14 -6.00 -8.91 1.87
N SER A 15 -5.68 -8.71 0.59
CA SER A 15 -5.84 -9.76 -0.41
C SER A 15 -4.71 -9.69 -1.44
N ASN A 16 -4.39 -10.83 -2.04
CA ASN A 16 -3.34 -10.91 -3.04
C ASN A 16 -3.74 -10.15 -4.31
N TYR A 17 -2.75 -9.68 -5.05
CA TYR A 17 -2.99 -8.94 -6.28
C TYR A 17 -2.08 -9.43 -7.41
N LYS A 18 -2.50 -9.18 -8.64
CA LYS A 18 -1.72 -9.59 -9.81
C LYS A 18 -1.60 -8.45 -10.81
N LYS A 19 -0.37 -8.00 -11.05
CA LYS A 19 -0.11 -6.93 -11.98
C LYS A 19 -0.76 -7.20 -13.33
N GLN A 20 -0.78 -6.19 -14.20
CA GLN A 20 -1.37 -6.33 -15.52
C GLN A 20 -0.42 -5.80 -16.60
N GLU A 21 -0.32 -4.48 -16.69
CA GLU A 21 0.55 -3.86 -17.68
C GLU A 21 1.91 -3.53 -17.07
N ASN A 22 2.39 -4.39 -16.18
CA ASN A 22 3.68 -4.19 -15.53
C ASN A 22 3.72 -2.83 -14.84
N SER A 23 2.56 -2.32 -14.46
CA SER A 23 2.47 -1.03 -13.78
C SER A 23 2.02 -1.20 -12.35
N GLU A 24 1.28 -2.28 -12.08
CA GLU A 24 0.79 -2.55 -10.74
C GLU A 24 1.76 -3.44 -9.97
N LEU A 25 1.37 -3.81 -8.75
CA LEU A 25 2.21 -4.67 -7.91
C LEU A 25 1.47 -5.93 -7.49
N SER A 26 2.14 -7.06 -7.57
CA SER A 26 1.54 -8.34 -7.19
C SER A 26 1.60 -8.55 -5.69
N LEU A 27 1.04 -7.60 -4.94
CA LEU A 27 1.03 -7.68 -3.48
C LEU A 27 0.48 -9.03 -3.01
N GLN A 28 0.62 -9.30 -1.72
CA GLN A 28 0.14 -10.55 -1.15
C GLN A 28 -0.49 -10.32 0.22
N ALA A 29 -1.52 -11.10 0.54
CA ALA A 29 -2.20 -10.98 1.82
C ALA A 29 -1.22 -11.02 2.98
N GLY A 30 -1.19 -9.95 3.77
CA GLY A 30 -0.29 -9.88 4.90
C GLY A 30 0.89 -8.97 4.65
N GLU A 31 1.16 -8.69 3.38
CA GLU A 31 2.27 -7.82 3.01
C GLU A 31 1.97 -6.36 3.38
N VAL A 32 3.03 -5.58 3.57
CA VAL A 32 2.88 -4.18 3.92
C VAL A 32 3.37 -3.26 2.80
N VAL A 33 2.76 -2.09 2.68
CA VAL A 33 3.15 -1.13 1.65
C VAL A 33 3.03 0.30 2.16
N ASP A 34 3.56 1.23 1.40
CA ASP A 34 3.52 2.65 1.77
C ASP A 34 2.70 3.45 0.77
N VAL A 35 1.52 3.90 1.20
CA VAL A 35 0.63 4.68 0.34
C VAL A 35 1.24 6.04 0.02
N ILE A 36 1.78 6.18 -1.18
CA ILE A 36 2.39 7.43 -1.61
C ILE A 36 1.33 8.47 -1.96
N GLU A 37 0.60 8.22 -3.04
CA GLU A 37 -0.45 9.13 -3.49
C GLU A 37 -1.81 8.44 -3.49
N LYS A 38 -2.85 9.18 -3.14
CA LYS A 38 -4.20 8.64 -3.12
C LYS A 38 -5.08 9.31 -4.16
N ASN A 39 -5.57 8.52 -5.11
CA ASN A 39 -6.43 9.05 -6.18
C ASN A 39 -7.87 9.19 -5.69
N GLU A 40 -8.72 9.76 -6.54
CA GLU A 40 -10.12 9.95 -6.20
C GLU A 40 -10.97 8.79 -6.72
N SER A 41 -10.50 8.14 -7.78
CA SER A 41 -11.20 7.02 -8.38
C SER A 41 -11.31 5.86 -7.40
N GLY A 42 -10.32 5.75 -6.52
CA GLY A 42 -10.32 4.67 -5.54
C GLY A 42 -9.00 3.91 -5.51
N TRP A 43 -8.22 4.04 -6.58
CA TRP A 43 -6.94 3.37 -6.68
C TRP A 43 -5.82 4.25 -6.14
N TRP A 44 -5.06 3.72 -5.20
CA TRP A 44 -3.95 4.45 -4.59
C TRP A 44 -2.61 3.93 -5.11
N PHE A 45 -1.57 4.74 -4.97
CA PHE A 45 -0.23 4.35 -5.40
C PHE A 45 0.66 4.03 -4.21
N VAL A 46 0.80 2.74 -3.93
CA VAL A 46 1.63 2.28 -2.83
C VAL A 46 3.02 1.88 -3.29
N SER A 47 3.99 1.98 -2.40
CA SER A 47 5.38 1.63 -2.73
C SER A 47 5.90 0.53 -1.81
N THR A 48 6.59 -0.44 -2.38
CA THR A 48 7.14 -1.54 -1.61
C THR A 48 8.65 -1.67 -1.82
N SER A 49 9.30 -2.48 -0.99
CA SER A 49 10.74 -2.69 -1.09
C SER A 49 11.13 -3.14 -2.49
N GLU A 50 10.19 -3.79 -3.18
CA GLU A 50 10.43 -4.29 -4.53
C GLU A 50 10.25 -3.17 -5.55
N GLU A 51 9.01 -2.73 -5.72
CA GLU A 51 8.70 -1.67 -6.68
C GLU A 51 7.44 -0.90 -6.26
N GLN A 52 7.03 0.04 -7.09
CA GLN A 52 5.84 0.85 -6.81
C GLN A 52 4.78 0.65 -7.88
N GLY A 53 3.54 0.42 -7.46
CA GLY A 53 2.46 0.22 -8.41
C GLY A 53 1.15 0.83 -7.93
N TRP A 54 0.16 0.84 -8.79
CA TRP A 54 -1.15 1.40 -8.46
C TRP A 54 -2.15 0.29 -8.12
N VAL A 55 -2.52 0.20 -6.85
CA VAL A 55 -3.47 -0.82 -6.41
C VAL A 55 -4.74 -0.18 -5.85
N PRO A 56 -5.84 -0.95 -5.89
CA PRO A 56 -7.14 -0.48 -5.39
C PRO A 56 -7.15 -0.33 -3.87
N ALA A 57 -7.66 0.80 -3.39
CA ALA A 57 -7.75 1.06 -1.96
C ALA A 57 -8.42 -0.09 -1.22
N THR A 58 -9.37 -0.74 -1.90
CA THR A 58 -10.10 -1.86 -1.31
C THR A 58 -9.14 -2.94 -0.84
N TYR A 59 -7.96 -3.00 -1.46
CA TYR A 59 -6.95 -4.00 -1.10
C TYR A 59 -5.94 -3.42 -0.12
N LEU A 60 -6.38 -2.42 0.65
CA LEU A 60 -5.51 -1.78 1.62
C LEU A 60 -6.26 -1.46 2.90
N GLU A 61 -5.64 -1.74 4.04
CA GLU A 61 -6.27 -1.49 5.33
C GLU A 61 -5.35 -0.65 6.22
N ALA A 62 -5.95 0.23 7.01
CA ALA A 62 -5.19 1.11 7.90
C ALA A 62 -4.83 0.38 9.19
N GLN A 63 -3.59 -0.11 9.26
CA GLN A 63 -3.11 -0.83 10.43
C GLN A 63 -3.35 -0.02 11.70
N ASN A 64 -4.10 -0.59 12.64
CA ASN A 64 -4.40 0.09 13.90
C ASN A 64 -4.36 -0.89 15.07
N SER A 65 -4.52 -0.37 16.27
CA SER A 65 -4.50 -1.20 17.48
C SER A 65 -5.92 -1.55 17.92
N GLY A 66 -6.41 -2.69 17.46
CA GLY A 66 -7.75 -3.13 17.82
C GLY A 66 -8.41 -3.95 16.73
N PRO A 67 -7.89 -5.17 16.52
CA PRO A 67 -8.42 -6.08 15.49
C PRO A 67 -9.79 -6.62 15.86
N SER A 68 -10.74 -6.51 14.93
CA SER A 68 -12.10 -6.99 15.16
C SER A 68 -12.93 -6.88 13.88
N SER A 69 -13.61 -7.96 13.54
CA SER A 69 -14.44 -8.00 12.34
C SER A 69 -15.93 -8.04 12.71
N GLY A 70 -16.55 -6.88 12.80
CA GLY A 70 -17.95 -6.80 13.14
C GLY A 70 -18.85 -6.77 11.91
N GLY A 1 20.44 20.19 0.94
CA GLY A 1 20.19 20.51 2.34
C GLY A 1 19.87 19.28 3.16
N SER A 2 18.59 18.91 3.20
CA SER A 2 18.16 17.74 3.97
C SER A 2 16.87 17.16 3.38
N SER A 3 16.93 15.90 2.99
CA SER A 3 15.77 15.22 2.42
C SER A 3 15.20 14.20 3.39
N GLY A 4 13.89 14.29 3.66
CA GLY A 4 13.25 13.37 4.57
C GLY A 4 11.99 13.95 5.20
N SER A 5 11.76 13.63 6.46
CA SER A 5 10.58 14.12 7.17
C SER A 5 9.31 13.79 6.40
N SER A 6 9.35 12.68 5.64
CA SER A 6 8.21 12.25 4.86
C SER A 6 7.40 11.20 5.59
N GLY A 7 6.54 11.65 6.50
CA GLY A 7 5.71 10.73 7.27
C GLY A 7 4.51 10.23 6.48
N LEU A 8 4.58 8.99 6.02
CA LEU A 8 3.49 8.39 5.26
C LEU A 8 2.74 7.37 6.09
N GLU A 9 1.52 7.05 5.67
CA GLU A 9 0.70 6.07 6.37
C GLU A 9 0.85 4.68 5.76
N GLN A 10 1.53 3.80 6.49
CA GLN A 10 1.75 2.44 6.02
C GLN A 10 0.47 1.62 6.09
N TYR A 11 0.11 0.97 4.99
CA TYR A 11 -1.09 0.16 4.93
C TYR A 11 -0.75 -1.32 4.74
N VAL A 12 -1.60 -2.18 5.27
CA VAL A 12 -1.39 -3.62 5.16
C VAL A 12 -2.34 -4.25 4.14
N VAL A 13 -1.80 -5.11 3.29
CA VAL A 13 -2.61 -5.78 2.27
C VAL A 13 -3.61 -6.74 2.91
N VAL A 14 -4.74 -6.92 2.23
CA VAL A 14 -5.78 -7.82 2.72
C VAL A 14 -6.01 -8.98 1.77
N SER A 15 -5.91 -8.69 0.47
CA SER A 15 -6.11 -9.71 -0.56
C SER A 15 -4.90 -9.79 -1.50
N ASN A 16 -4.78 -10.90 -2.20
CA ASN A 16 -3.68 -11.10 -3.14
C ASN A 16 -3.99 -10.49 -4.50
N TYR A 17 -3.27 -9.43 -4.84
CA TYR A 17 -3.47 -8.75 -6.11
C TYR A 17 -2.67 -9.41 -7.22
N LYS A 18 -3.20 -9.36 -8.45
CA LYS A 18 -2.53 -9.97 -9.60
C LYS A 18 -2.42 -8.96 -10.74
N LYS A 19 -1.19 -8.64 -11.11
CA LYS A 19 -0.95 -7.69 -12.20
C LYS A 19 -1.50 -8.22 -13.51
N GLN A 20 -1.91 -7.30 -14.38
CA GLN A 20 -2.47 -7.67 -15.68
C GLN A 20 -1.68 -7.02 -16.81
N GLU A 21 -0.41 -7.38 -16.93
CA GLU A 21 0.46 -6.84 -17.97
C GLU A 21 0.43 -5.30 -17.95
N ASN A 22 0.31 -4.75 -16.75
CA ASN A 22 0.27 -3.30 -16.58
C ASN A 22 1.16 -2.86 -15.42
N SER A 23 1.19 -1.55 -15.18
CA SER A 23 2.00 -1.00 -14.10
C SER A 23 1.39 -1.31 -12.74
N GLU A 24 1.58 -2.54 -12.28
CA GLU A 24 1.04 -2.96 -10.98
C GLU A 24 2.13 -3.61 -10.12
N LEU A 25 1.79 -3.90 -8.88
CA LEU A 25 2.73 -4.51 -7.95
C LEU A 25 2.30 -5.93 -7.59
N SER A 26 1.00 -6.21 -7.75
CA SER A 26 0.47 -7.53 -7.44
C SER A 26 0.88 -7.98 -6.05
N LEU A 27 0.83 -7.06 -5.10
CA LEU A 27 1.20 -7.35 -3.71
C LEU A 27 0.47 -8.59 -3.20
N GLN A 28 0.89 -9.09 -2.06
CA GLN A 28 0.27 -10.28 -1.46
C GLN A 28 -0.40 -9.93 -0.15
N ALA A 29 -1.29 -10.81 0.31
CA ALA A 29 -2.00 -10.59 1.56
C ALA A 29 -1.05 -10.63 2.75
N GLY A 30 -1.24 -9.69 3.67
CA GLY A 30 -0.38 -9.62 4.85
C GLY A 30 0.81 -8.71 4.64
N GLU A 31 1.14 -8.44 3.38
CA GLU A 31 2.28 -7.58 3.06
C GLU A 31 2.02 -6.15 3.52
N VAL A 32 3.10 -5.40 3.73
CA VAL A 32 2.99 -4.01 4.17
C VAL A 32 3.45 -3.06 3.07
N VAL A 33 2.80 -1.90 2.99
CA VAL A 33 3.14 -0.90 1.99
C VAL A 33 3.08 0.50 2.58
N ASP A 34 3.38 1.49 1.75
CA ASP A 34 3.37 2.89 2.19
C ASP A 34 2.57 3.75 1.22
N VAL A 35 1.35 4.13 1.64
CA VAL A 35 0.48 4.95 0.81
C VAL A 35 1.07 6.34 0.61
N ILE A 36 1.47 6.64 -0.63
CA ILE A 36 2.05 7.93 -0.95
C ILE A 36 0.98 8.91 -1.42
N GLU A 37 0.40 8.63 -2.58
CA GLU A 37 -0.64 9.49 -3.14
C GLU A 37 -1.96 8.74 -3.24
N LYS A 38 -3.05 9.50 -3.31
CA LYS A 38 -4.39 8.91 -3.41
C LYS A 38 -5.16 9.51 -4.57
N ASN A 39 -5.64 8.66 -5.47
CA ASN A 39 -6.40 9.10 -6.63
C ASN A 39 -7.90 9.06 -6.35
N GLU A 40 -8.63 10.03 -6.89
CA GLU A 40 -10.07 10.10 -6.70
C GLU A 40 -10.76 8.90 -7.34
N SER A 41 -10.21 8.41 -8.44
CA SER A 41 -10.77 7.28 -9.15
C SER A 41 -10.88 6.07 -8.24
N GLY A 42 -9.96 5.97 -7.28
CA GLY A 42 -9.96 4.85 -6.35
C GLY A 42 -8.61 4.18 -6.24
N TRP A 43 -7.79 4.34 -7.28
CA TRP A 43 -6.45 3.74 -7.29
C TRP A 43 -5.50 4.52 -6.39
N TRP A 44 -4.82 3.80 -5.50
CA TRP A 44 -3.88 4.42 -4.58
C TRP A 44 -2.44 4.10 -4.97
N PHE A 45 -1.53 5.04 -4.72
CA PHE A 45 -0.13 4.85 -5.05
C PHE A 45 0.68 4.52 -3.80
N VAL A 46 0.91 3.23 -3.57
CA VAL A 46 1.66 2.78 -2.41
C VAL A 46 3.14 2.60 -2.76
N SER A 47 3.94 2.29 -1.75
CA SER A 47 5.38 2.10 -1.95
C SER A 47 5.92 1.05 -0.98
N THR A 48 6.73 0.13 -1.51
CA THR A 48 7.31 -0.93 -0.69
C THR A 48 8.81 -1.02 -0.91
N SER A 49 9.51 -1.64 0.03
CA SER A 49 10.96 -1.79 -0.05
C SER A 49 11.35 -2.49 -1.35
N GLU A 50 10.44 -3.28 -1.89
CA GLU A 50 10.70 -4.00 -3.13
C GLU A 50 10.46 -3.10 -4.33
N GLU A 51 9.22 -2.64 -4.50
CA GLU A 51 8.87 -1.77 -5.62
C GLU A 51 7.67 -0.90 -5.27
N GLN A 52 7.27 -0.05 -6.22
CA GLN A 52 6.13 0.84 -6.01
C GLN A 52 5.23 0.86 -7.24
N GLY A 53 3.93 0.82 -7.01
CA GLY A 53 2.97 0.84 -8.11
C GLY A 53 1.62 1.40 -7.70
N TRP A 54 0.67 1.35 -8.61
CA TRP A 54 -0.68 1.87 -8.35
C TRP A 54 -1.66 0.72 -8.15
N VAL A 55 -2.07 0.50 -6.90
CA VAL A 55 -3.02 -0.56 -6.59
C VAL A 55 -4.29 0.01 -5.96
N PRO A 56 -5.39 -0.75 -6.08
CA PRO A 56 -6.69 -0.34 -5.54
C PRO A 56 -6.71 -0.36 -4.01
N ALA A 57 -7.35 0.63 -3.42
CA ALA A 57 -7.45 0.73 -1.97
C ALA A 57 -8.14 -0.50 -1.38
N THR A 58 -8.96 -1.16 -2.20
CA THR A 58 -9.68 -2.36 -1.76
C THR A 58 -8.72 -3.41 -1.25
N TYR A 59 -7.47 -3.36 -1.72
CA TYR A 59 -6.46 -4.32 -1.30
C TYR A 59 -5.52 -3.71 -0.27
N LEU A 60 -6.03 -2.72 0.46
CA LEU A 60 -5.23 -2.05 1.49
C LEU A 60 -6.07 -1.75 2.73
N GLU A 61 -5.44 -1.81 3.90
CA GLU A 61 -6.14 -1.55 5.15
C GLU A 61 -5.20 -0.91 6.17
N ALA A 62 -5.75 -0.02 7.00
CA ALA A 62 -4.96 0.65 8.02
C ALA A 62 -4.23 -0.35 8.90
N GLN A 63 -2.91 -0.38 8.79
CA GLN A 63 -2.09 -1.29 9.58
C GLN A 63 -2.42 -1.16 11.06
N ASN A 64 -3.10 -2.18 11.60
CA ASN A 64 -3.46 -2.18 13.01
C ASN A 64 -2.66 -3.22 13.78
N SER A 65 -2.80 -3.21 15.11
CA SER A 65 -2.10 -4.15 15.96
C SER A 65 -3.07 -5.10 16.65
N GLY A 66 -2.84 -6.39 16.49
CA GLY A 66 -3.70 -7.39 17.10
C GLY A 66 -3.29 -8.81 16.76
N PRO A 67 -2.18 -9.26 17.37
CA PRO A 67 -1.66 -10.60 17.14
C PRO A 67 -2.54 -11.69 17.76
N SER A 68 -2.08 -12.92 17.72
CA SER A 68 -2.83 -14.05 18.26
C SER A 68 -2.48 -14.27 19.73
N SER A 69 -2.85 -13.32 20.57
CA SER A 69 -2.57 -13.41 22.00
C SER A 69 -3.79 -13.92 22.75
N GLY A 70 -3.59 -14.98 23.54
CA GLY A 70 -4.69 -15.55 24.31
C GLY A 70 -4.21 -16.51 25.37
N GLY A 1 2.27 25.50 -3.51
CA GLY A 1 2.07 24.21 -2.88
C GLY A 1 3.38 23.54 -2.51
N SER A 2 3.83 23.79 -1.29
CA SER A 2 5.08 23.21 -0.81
C SER A 2 4.84 21.82 -0.19
N SER A 3 5.92 21.12 0.13
CA SER A 3 5.83 19.79 0.71
C SER A 3 6.49 19.75 2.08
N GLY A 4 5.78 19.20 3.06
CA GLY A 4 6.31 19.12 4.41
C GLY A 4 7.05 17.82 4.66
N SER A 5 7.11 17.41 5.93
CA SER A 5 7.80 16.19 6.29
C SER A 5 7.26 14.99 5.51
N SER A 6 8.09 13.98 5.32
CA SER A 6 7.70 12.79 4.58
C SER A 6 6.93 11.83 5.48
N GLY A 7 5.73 12.23 5.90
CA GLY A 7 4.92 11.39 6.76
C GLY A 7 3.91 10.58 5.98
N LEU A 8 4.38 9.52 5.32
CA LEU A 8 3.51 8.66 4.54
C LEU A 8 2.79 7.65 5.43
N GLU A 9 1.67 7.13 4.94
CA GLU A 9 0.89 6.16 5.69
C GLU A 9 1.15 4.74 5.19
N GLN A 10 1.46 3.84 6.13
CA GLN A 10 1.75 2.45 5.79
C GLN A 10 0.48 1.60 5.92
N TYR A 11 -0.01 1.09 4.80
CA TYR A 11 -1.21 0.26 4.79
C TYR A 11 -0.84 -1.21 4.63
N VAL A 12 -1.72 -2.07 5.13
CA VAL A 12 -1.49 -3.52 5.05
C VAL A 12 -2.47 -4.17 4.07
N VAL A 13 -1.92 -5.02 3.20
CA VAL A 13 -2.73 -5.71 2.20
C VAL A 13 -3.74 -6.64 2.87
N VAL A 14 -4.90 -6.81 2.23
CA VAL A 14 -5.94 -7.68 2.77
C VAL A 14 -6.11 -8.92 1.90
N SER A 15 -5.74 -8.81 0.62
CA SER A 15 -5.86 -9.92 -0.30
C SER A 15 -4.79 -9.84 -1.39
N ASN A 16 -4.47 -10.98 -1.98
CA ASN A 16 -3.45 -11.05 -3.03
C ASN A 16 -3.90 -10.25 -4.25
N TYR A 17 -2.93 -9.85 -5.08
CA TYR A 17 -3.21 -9.09 -6.28
C TYR A 17 -2.32 -9.52 -7.43
N LYS A 18 -2.73 -9.21 -8.65
CA LYS A 18 -1.97 -9.56 -9.85
C LYS A 18 -1.61 -8.31 -10.65
N LYS A 19 -0.32 -8.09 -10.84
CA LYS A 19 0.15 -6.93 -11.60
C LYS A 19 -0.46 -6.91 -12.99
N GLN A 20 -0.29 -5.79 -13.69
CA GLN A 20 -0.83 -5.65 -15.04
C GLN A 20 -0.15 -4.49 -15.77
N GLU A 21 0.17 -4.72 -17.04
CA GLU A 21 0.83 -3.69 -17.85
C GLU A 21 2.11 -3.22 -17.20
N ASN A 22 2.72 -4.09 -16.38
CA ASN A 22 3.95 -3.77 -15.70
C ASN A 22 3.81 -2.50 -14.87
N SER A 23 2.59 -2.25 -14.39
CA SER A 23 2.30 -1.08 -13.59
C SER A 23 1.81 -1.47 -12.20
N GLU A 24 0.78 -2.32 -12.16
CA GLU A 24 0.22 -2.78 -10.90
C GLU A 24 1.22 -3.64 -10.14
N LEU A 25 0.95 -3.86 -8.86
CA LEU A 25 1.83 -4.68 -8.02
C LEU A 25 1.10 -5.91 -7.51
N SER A 26 1.76 -7.06 -7.58
CA SER A 26 1.17 -8.31 -7.12
C SER A 26 1.39 -8.50 -5.62
N LEU A 27 0.90 -7.54 -4.84
CA LEU A 27 1.03 -7.59 -3.39
C LEU A 27 0.50 -8.92 -2.84
N GLN A 28 0.72 -9.15 -1.55
CA GLN A 28 0.26 -10.37 -0.90
C GLN A 28 -0.43 -10.06 0.42
N ALA A 29 -1.40 -10.90 0.78
CA ALA A 29 -2.14 -10.71 2.02
C ALA A 29 -1.20 -10.66 3.21
N GLY A 30 -1.24 -9.55 3.95
CA GLY A 30 -0.40 -9.41 5.12
C GLY A 30 0.81 -8.52 4.84
N GLU A 31 1.14 -8.35 3.56
CA GLU A 31 2.28 -7.53 3.18
C GLU A 31 2.02 -6.06 3.48
N VAL A 32 3.08 -5.33 3.82
CA VAL A 32 2.96 -3.91 4.14
C VAL A 32 3.47 -3.06 2.99
N VAL A 33 2.82 -1.90 2.79
CA VAL A 33 3.21 -0.98 1.73
C VAL A 33 3.04 0.46 2.17
N ASP A 34 3.70 1.37 1.47
CA ASP A 34 3.63 2.80 1.79
C ASP A 34 2.74 3.52 0.78
N VAL A 35 1.60 4.02 1.25
CA VAL A 35 0.67 4.74 0.39
C VAL A 35 1.22 6.11 -0.01
N ILE A 36 1.77 6.18 -1.21
CA ILE A 36 2.34 7.43 -1.71
C ILE A 36 1.24 8.44 -2.05
N GLU A 37 0.48 8.15 -3.09
CA GLU A 37 -0.60 9.02 -3.52
C GLU A 37 -1.95 8.30 -3.47
N LYS A 38 -3.02 9.04 -3.19
CA LYS A 38 -4.35 8.48 -3.12
C LYS A 38 -5.27 9.11 -4.15
N ASN A 39 -5.60 8.36 -5.19
CA ASN A 39 -6.48 8.85 -6.25
C ASN A 39 -7.93 8.86 -5.79
N GLU A 40 -8.70 9.82 -6.30
CA GLU A 40 -10.10 9.94 -5.95
C GLU A 40 -10.92 8.79 -6.50
N SER A 41 -10.46 8.23 -7.62
CA SER A 41 -11.14 7.11 -8.25
C SER A 41 -11.23 5.92 -7.31
N GLY A 42 -10.22 5.77 -6.46
CA GLY A 42 -10.19 4.67 -5.51
C GLY A 42 -8.89 3.91 -5.54
N TRP A 43 -8.14 4.05 -6.62
CA TRP A 43 -6.86 3.38 -6.77
C TRP A 43 -5.72 4.22 -6.22
N TRP A 44 -5.05 3.70 -5.21
CA TRP A 44 -3.93 4.41 -4.58
C TRP A 44 -2.60 3.86 -5.07
N PHE A 45 -1.56 4.69 -5.01
CA PHE A 45 -0.23 4.29 -5.45
C PHE A 45 0.65 3.96 -4.24
N VAL A 46 0.90 2.67 -4.03
CA VAL A 46 1.73 2.22 -2.92
C VAL A 46 3.11 1.81 -3.40
N SER A 47 4.10 1.91 -2.53
CA SER A 47 5.47 1.55 -2.87
C SER A 47 6.01 0.50 -1.89
N THR A 48 6.69 -0.51 -2.45
CA THR A 48 7.26 -1.58 -1.64
C THR A 48 8.76 -1.71 -1.87
N SER A 49 9.43 -2.46 -1.01
CA SER A 49 10.86 -2.66 -1.13
C SER A 49 11.23 -3.21 -2.50
N GLU A 50 10.28 -3.90 -3.13
CA GLU A 50 10.50 -4.46 -4.46
C GLU A 50 10.31 -3.41 -5.55
N GLU A 51 9.07 -2.96 -5.71
CA GLU A 51 8.75 -1.95 -6.72
C GLU A 51 7.52 -1.14 -6.31
N GLN A 52 7.09 -0.25 -7.19
CA GLN A 52 5.92 0.58 -6.92
C GLN A 52 4.86 0.40 -8.00
N GLY A 53 3.61 0.26 -7.57
CA GLY A 53 2.52 0.08 -8.52
C GLY A 53 1.21 0.65 -8.00
N TRP A 54 0.24 0.81 -8.90
CA TRP A 54 -1.07 1.34 -8.52
C TRP A 54 -2.05 0.21 -8.21
N VAL A 55 -2.59 0.23 -7.00
CA VAL A 55 -3.55 -0.79 -6.58
C VAL A 55 -4.80 -0.15 -6.00
N PRO A 56 -5.92 -0.90 -6.04
CA PRO A 56 -7.20 -0.43 -5.52
C PRO A 56 -7.21 -0.33 -4.00
N ALA A 57 -7.69 0.80 -3.48
CA ALA A 57 -7.75 1.03 -2.04
C ALA A 57 -8.44 -0.14 -1.34
N THR A 58 -9.37 -0.77 -2.05
CA THR A 58 -10.12 -1.89 -1.48
C THR A 58 -9.18 -2.99 -0.99
N TYR A 59 -7.99 -3.05 -1.58
CA TYR A 59 -7.00 -4.04 -1.19
C TYR A 59 -5.99 -3.46 -0.21
N LEU A 60 -6.43 -2.51 0.60
CA LEU A 60 -5.57 -1.87 1.59
C LEU A 60 -6.34 -1.58 2.88
N GLU A 61 -5.69 -1.82 4.01
CA GLU A 61 -6.31 -1.59 5.31
C GLU A 61 -5.43 -0.70 6.18
N ALA A 62 -6.06 0.05 7.08
CA ALA A 62 -5.33 0.94 7.98
C ALA A 62 -4.71 0.17 9.13
N GLN A 63 -3.40 -0.07 9.05
CA GLN A 63 -2.69 -0.79 10.10
C GLN A 63 -2.97 -0.19 11.47
N ASN A 64 -3.56 -0.99 12.35
CA ASN A 64 -3.88 -0.53 13.70
C ASN A 64 -4.45 -1.66 14.54
N SER A 65 -4.04 -1.71 15.81
CA SER A 65 -4.51 -2.75 16.72
C SER A 65 -6.04 -2.74 16.82
N GLY A 66 -6.58 -3.67 17.59
CA GLY A 66 -8.02 -3.76 17.75
C GLY A 66 -8.49 -5.17 18.06
N PRO A 67 -8.27 -5.61 19.30
CA PRO A 67 -8.65 -6.96 19.75
C PRO A 67 -10.17 -7.11 19.85
N SER A 68 -10.82 -7.34 18.72
CA SER A 68 -12.27 -7.50 18.69
C SER A 68 -12.64 -8.95 18.36
N SER A 69 -11.77 -9.63 17.63
CA SER A 69 -12.01 -11.02 17.25
C SER A 69 -13.26 -11.14 16.38
N GLY A 70 -13.51 -10.10 15.58
CA GLY A 70 -14.67 -10.10 14.71
C GLY A 70 -15.75 -9.15 15.18
N GLY A 1 12.69 13.64 -3.76
CA GLY A 1 14.00 13.88 -3.21
C GLY A 1 14.25 13.09 -1.93
N SER A 2 14.29 13.78 -0.81
CA SER A 2 14.53 13.14 0.48
C SER A 2 13.47 12.08 0.76
N SER A 3 13.92 10.87 1.11
CA SER A 3 13.02 9.77 1.40
C SER A 3 12.32 9.98 2.74
N GLY A 4 13.11 10.30 3.76
CA GLY A 4 12.56 10.52 5.09
C GLY A 4 11.93 11.89 5.24
N SER A 5 11.75 12.33 6.47
CA SER A 5 11.13 13.62 6.75
C SER A 5 9.73 13.69 6.16
N SER A 6 9.02 12.57 6.20
CA SER A 6 7.67 12.50 5.67
C SER A 6 6.73 11.81 6.65
N GLY A 7 5.46 11.73 6.29
CA GLY A 7 4.48 11.08 7.14
C GLY A 7 3.44 10.30 6.36
N LEU A 8 3.86 9.22 5.73
CA LEU A 8 2.96 8.39 4.94
C LEU A 8 2.26 7.36 5.82
N GLU A 9 1.05 6.96 5.41
CA GLU A 9 0.28 5.98 6.17
C GLU A 9 0.56 4.57 5.66
N GLN A 10 0.98 3.70 6.57
CA GLN A 10 1.29 2.31 6.21
C GLN A 10 0.03 1.46 6.22
N TYR A 11 -0.26 0.84 5.08
CA TYR A 11 -1.44 -0.01 4.95
C TYR A 11 -1.05 -1.47 4.77
N VAL A 12 -1.93 -2.37 5.17
CA VAL A 12 -1.67 -3.81 5.05
C VAL A 12 -2.56 -4.42 3.97
N VAL A 13 -1.97 -5.30 3.17
CA VAL A 13 -2.69 -5.97 2.10
C VAL A 13 -3.70 -6.98 2.65
N VAL A 14 -4.79 -7.18 1.93
CA VAL A 14 -5.82 -8.11 2.34
C VAL A 14 -5.93 -9.29 1.37
N SER A 15 -5.51 -9.06 0.13
CA SER A 15 -5.56 -10.10 -0.89
C SER A 15 -4.40 -9.95 -1.87
N ASN A 16 -4.04 -11.05 -2.53
CA ASN A 16 -2.95 -11.04 -3.49
C ASN A 16 -3.34 -10.25 -4.75
N TYR A 17 -2.34 -9.88 -5.54
CA TYR A 17 -2.57 -9.10 -6.75
C TYR A 17 -1.68 -9.60 -7.88
N LYS A 18 -2.16 -9.48 -9.12
CA LYS A 18 -1.41 -9.91 -10.29
C LYS A 18 -1.12 -8.73 -11.21
N LYS A 19 0.17 -8.42 -11.38
CA LYS A 19 0.58 -7.32 -12.23
C LYS A 19 0.99 -7.83 -13.61
N GLN A 20 0.01 -8.35 -14.36
CA GLN A 20 0.28 -8.87 -15.69
C GLN A 20 -0.50 -8.07 -16.74
N GLU A 21 -1.61 -7.48 -16.32
CA GLU A 21 -2.45 -6.69 -17.22
C GLU A 21 -1.84 -5.31 -17.45
N ASN A 22 -1.71 -4.55 -16.37
CA ASN A 22 -1.14 -3.21 -16.45
C ASN A 22 -0.14 -2.98 -15.33
N SER A 23 0.46 -1.79 -15.31
CA SER A 23 1.45 -1.44 -14.30
C SER A 23 0.88 -1.62 -12.90
N GLU A 24 1.24 -2.73 -12.26
CA GLU A 24 0.76 -3.02 -10.91
C GLU A 24 1.85 -3.67 -10.07
N LEU A 25 1.54 -3.97 -8.82
CA LEU A 25 2.49 -4.60 -7.91
C LEU A 25 1.90 -5.85 -7.29
N SER A 26 2.51 -7.00 -7.57
CA SER A 26 2.05 -8.27 -7.03
C SER A 26 2.29 -8.34 -5.52
N LEU A 27 1.33 -7.82 -4.76
CA LEU A 27 1.44 -7.83 -3.30
C LEU A 27 1.03 -9.18 -2.74
N GLN A 28 1.03 -9.28 -1.40
CA GLN A 28 0.65 -10.53 -0.74
C GLN A 28 -0.16 -10.25 0.51
N ALA A 29 -1.19 -11.05 0.74
CA ALA A 29 -2.05 -10.90 1.89
C ALA A 29 -1.24 -10.83 3.18
N GLY A 30 -1.25 -9.68 3.82
CA GLY A 30 -0.50 -9.51 5.06
C GLY A 30 0.68 -8.58 4.91
N GLU A 31 1.10 -8.38 3.67
CA GLU A 31 2.25 -7.50 3.38
C GLU A 31 1.91 -6.05 3.72
N VAL A 32 2.94 -5.24 3.92
CA VAL A 32 2.77 -3.84 4.26
C VAL A 32 3.30 -2.94 3.15
N VAL A 33 2.69 -1.77 3.00
CA VAL A 33 3.11 -0.81 1.98
C VAL A 33 2.96 0.62 2.47
N ASP A 34 3.71 1.54 1.86
CA ASP A 34 3.67 2.94 2.23
C ASP A 34 2.89 3.76 1.20
N VAL A 35 1.73 4.26 1.60
CA VAL A 35 0.90 5.05 0.71
C VAL A 35 1.48 6.45 0.50
N ILE A 36 2.04 6.69 -0.68
CA ILE A 36 2.63 7.98 -1.00
C ILE A 36 1.56 9.00 -1.37
N GLU A 37 0.86 8.75 -2.48
CA GLU A 37 -0.19 9.64 -2.94
C GLU A 37 -1.53 8.91 -2.99
N LYS A 38 -2.61 9.69 -2.98
CA LYS A 38 -3.96 9.13 -3.03
C LYS A 38 -4.79 9.79 -4.12
N ASN A 39 -5.24 9.00 -5.09
CA ASN A 39 -6.04 9.51 -6.19
C ASN A 39 -7.51 9.61 -5.79
N GLU A 40 -8.26 10.45 -6.49
CA GLU A 40 -9.67 10.65 -6.21
C GLU A 40 -10.53 9.76 -7.10
N SER A 41 -9.96 8.66 -7.57
CA SER A 41 -10.67 7.73 -8.44
C SER A 41 -10.82 6.36 -7.78
N GLY A 42 -9.90 6.04 -6.88
CA GLY A 42 -9.95 4.77 -6.18
C GLY A 42 -8.60 4.09 -6.13
N TRP A 43 -7.70 4.48 -7.02
CA TRP A 43 -6.37 3.90 -7.08
C TRP A 43 -5.39 4.69 -6.21
N TRP A 44 -4.69 3.98 -5.33
CA TRP A 44 -3.72 4.61 -4.45
C TRP A 44 -2.29 4.27 -4.86
N PHE A 45 -1.38 5.21 -4.66
CA PHE A 45 0.02 5.00 -5.02
C PHE A 45 0.84 4.63 -3.79
N VAL A 46 1.05 3.32 -3.60
CA VAL A 46 1.82 2.83 -2.46
C VAL A 46 3.24 2.49 -2.88
N SER A 47 4.06 2.13 -1.90
CA SER A 47 5.45 1.77 -2.16
C SER A 47 5.82 0.47 -1.45
N THR A 48 6.58 -0.38 -2.14
CA THR A 48 7.00 -1.66 -1.58
C THR A 48 8.52 -1.80 -1.62
N SER A 49 9.04 -2.77 -0.89
CA SER A 49 10.48 -3.01 -0.83
C SER A 49 11.04 -3.20 -2.24
N GLU A 50 10.20 -3.68 -3.15
CA GLU A 50 10.62 -3.90 -4.52
C GLU A 50 10.51 -2.62 -5.35
N GLU A 51 9.28 -2.21 -5.61
CA GLU A 51 9.02 -1.01 -6.40
C GLU A 51 7.70 -0.36 -5.99
N GLN A 52 7.35 0.74 -6.66
CA GLN A 52 6.12 1.44 -6.37
C GLN A 52 5.13 1.31 -7.53
N GLY A 53 3.85 1.13 -7.20
CA GLY A 53 2.84 0.99 -8.22
C GLY A 53 1.50 1.57 -7.79
N TRP A 54 0.45 1.25 -8.55
CA TRP A 54 -0.88 1.75 -8.24
C TRP A 54 -1.86 0.60 -8.03
N VAL A 55 -2.41 0.52 -6.82
CA VAL A 55 -3.37 -0.53 -6.48
C VAL A 55 -4.64 0.05 -5.88
N PRO A 56 -5.74 -0.71 -5.99
CA PRO A 56 -7.04 -0.29 -5.47
C PRO A 56 -7.08 -0.28 -3.94
N ALA A 57 -7.68 0.77 -3.38
CA ALA A 57 -7.78 0.90 -1.92
C ALA A 57 -8.47 -0.32 -1.31
N THR A 58 -9.28 -1.00 -2.11
CA THR A 58 -9.99 -2.18 -1.65
C THR A 58 -9.03 -3.26 -1.18
N TYR A 59 -7.83 -3.26 -1.75
CA TYR A 59 -6.81 -4.25 -1.39
C TYR A 59 -5.86 -3.68 -0.34
N LEU A 60 -6.35 -2.74 0.45
CA LEU A 60 -5.54 -2.12 1.49
C LEU A 60 -6.37 -1.89 2.75
N GLU A 61 -5.79 -2.24 3.90
CA GLU A 61 -6.47 -2.07 5.19
C GLU A 61 -5.65 -1.19 6.12
N ALA A 62 -6.31 -0.20 6.72
CA ALA A 62 -5.65 0.71 7.64
C ALA A 62 -5.21 -0.01 8.91
N GLN A 63 -3.93 -0.34 8.98
CA GLN A 63 -3.39 -1.04 10.15
C GLN A 63 -3.73 -0.30 11.43
N ASN A 64 -4.39 -1.00 12.35
CA ASN A 64 -4.78 -0.40 13.63
C ASN A 64 -4.12 -1.14 14.79
N SER A 65 -4.29 -2.45 14.82
CA SER A 65 -3.71 -3.27 15.88
C SER A 65 -2.37 -3.85 15.46
N GLY A 66 -1.30 -3.15 15.80
CA GLY A 66 0.04 -3.61 15.45
C GLY A 66 1.11 -3.03 16.35
N PRO A 67 1.17 -3.54 17.60
CA PRO A 67 2.14 -3.08 18.60
C PRO A 67 3.57 -3.52 18.24
N SER A 68 4.48 -2.56 18.22
CA SER A 68 5.88 -2.84 17.90
C SER A 68 6.81 -1.87 18.62
N SER A 69 7.98 -2.36 19.00
CA SER A 69 8.97 -1.54 19.70
C SER A 69 9.35 -0.33 18.85
N GLY A 70 9.57 -0.55 17.56
CA GLY A 70 9.93 0.54 16.67
C GLY A 70 11.19 1.25 17.12
#